data_9KLY
# 
_entry.id   9KLY 
# 
_audit_conform.dict_name       mmcif_pdbx.dic 
_audit_conform.dict_version    5.406 
_audit_conform.dict_location   http://mmcif.pdb.org/dictionaries/ascii/mmcif_pdbx.dic 
# 
loop_
_database_2.database_id 
_database_2.database_code 
_database_2.pdbx_database_accession 
_database_2.pdbx_DOI 
PDB   9KLY         pdb_00009kly 10.2210/pdb9kly/pdb 
WWPDB D_1300053824 ?            ?                   
# 
_pdbx_audit_revision_history.ordinal             1 
_pdbx_audit_revision_history.data_content_type   'Structure model' 
_pdbx_audit_revision_history.major_revision      1 
_pdbx_audit_revision_history.minor_revision      0 
_pdbx_audit_revision_history.revision_date       2025-11-05 
_pdbx_audit_revision_history.part_number         ? 
# 
_pdbx_audit_revision_details.ordinal             1 
_pdbx_audit_revision_details.revision_ordinal    1 
_pdbx_audit_revision_details.data_content_type   'Structure model' 
_pdbx_audit_revision_details.provider            repository 
_pdbx_audit_revision_details.type                'Initial release' 
_pdbx_audit_revision_details.description         ? 
_pdbx_audit_revision_details.details             ? 
# 
_pdbx_database_status.status_code                     REL 
_pdbx_database_status.status_code_sf                  REL 
_pdbx_database_status.status_code_mr                  ? 
_pdbx_database_status.entry_id                        9KLY 
_pdbx_database_status.recvd_initial_deposition_date   2024-11-15 
_pdbx_database_status.SG_entry                        N 
_pdbx_database_status.deposit_site                    PDBJ 
_pdbx_database_status.process_site                    PDBC 
_pdbx_database_status.status_code_cs                  ? 
_pdbx_database_status.status_code_nmr_data            ? 
_pdbx_database_status.methods_development_category    ? 
_pdbx_database_status.pdb_format_compatible           N 
# 
_pdbx_contact_author.id                 3 
_pdbx_contact_author.email              xu_yong@gibh.ac.cn 
_pdbx_contact_author.name_first         Yong 
_pdbx_contact_author.name_last          Xu 
_pdbx_contact_author.name_mi            ? 
_pdbx_contact_author.role               'principal investigator/group leader' 
_pdbx_contact_author.identifier_ORCID   0000-0003-3601-0246 
# 
loop_
_audit_author.name 
_audit_author.pdbx_ordinal 
_audit_author.identifier_ORCID 
'Chen, Z.'  1 ? 
'Zhang, C.' 2 ? 
'Xu, H.'    3 ? 
'Wu, X.'    4 ? 
'Zhang, Y.' 5 ? 
'Xu, Y.'    6 ? 
# 
_citation.abstract                  ? 
_citation.abstract_id_CAS           ? 
_citation.book_id_ISBN              ? 
_citation.book_publisher            ? 
_citation.book_publisher_city       ? 
_citation.book_title                ? 
_citation.coordinate_linkage        ? 
_citation.country                   NE 
_citation.database_id_Medline       ? 
_citation.details                   ? 
_citation.id                        primary 
_citation.journal_abbrev            'Acta Pharm Sin B' 
_citation.journal_id_ASTM           ? 
_citation.journal_id_CSD            ? 
_citation.journal_id_ISSN           2211-3843 
_citation.journal_full              ? 
_citation.journal_issue             ? 
_citation.journal_volume            ? 
_citation.language                  ? 
_citation.page_first                ? 
_citation.page_last                 ? 
_citation.title                     
'Key imidazolyl groups that induce phenylalanine flipping enhance the efficacy of oral BRD9 inhibitors for AML treatment' 
_citation.year                      2025 
_citation.database_id_CSD           ? 
_citation.pdbx_database_id_DOI      10.1016/j.apsb.2025.08.006 
_citation.pdbx_database_id_PubMed   ? 
_citation.pdbx_database_id_patent   ? 
_citation.unpublished_flag          ? 
# 
loop_
_citation_author.citation_id 
_citation_author.name 
_citation_author.ordinal 
_citation_author.identifier_ORCID 
primary 'Chen, Z.'  1  ? 
primary 'Zhang, C.' 2  ? 
primary 'Shen, H.'  3  ? 
primary 'Xu, H.'    4  ? 
primary 'Huang, Y.' 5  ? 
primary 'Dong, R.'  6  ? 
primary 'Tang, X.'  7  ? 
primary 'Chai, S.'  8  ? 
primary 'Li, J.'    9  ? 
primary 'Xu, J.'    10 ? 
primary 'Zhang, X.' 11 ? 
primary 'Zhang, Y.' 12 ? 
primary 'Wu, X.'    13 ? 
primary 'Xu, Y.'    14 ? 
# 
loop_
_entity.id 
_entity.type 
_entity.src_method 
_entity.pdbx_description 
_entity.formula_weight 
_entity.pdbx_number_of_molecules 
_entity.pdbx_ec 
_entity.pdbx_mutation 
_entity.pdbx_fragment 
_entity.details 
1 polymer     man 'Bromodomain-containing protein 9'                                              17433.268 1  ? ? ? 
'BRD9_HUMAN, Q9H8M2, sequence from 111-133 and 240-259 are tags. MKKGHHHHHHENLYFQGGSLKLS(M111-S133) ERLLALKRSMSFMQDMDFSQ(E240-Q259)' 
2 non-polymer syn '1-[1-[2,5-dimethoxy-4-[(1~{S})-1-oxidanylethyl]phenyl]indolizin-3-yl]ethanone' 339.385   1  ? ? ? ? 
3 water       nat water                                                                           18.015    21 ? ? ? ? 
# 
_entity_name_com.entity_id   1 
_entity_name_com.name        'Rhabdomyosarcoma antigen MU-RMS-40.8' 
# 
_entity_poly.entity_id                      1 
_entity_poly.type                           'polypeptide(L)' 
_entity_poly.nstd_linkage                   no 
_entity_poly.nstd_monomer                   no 
_entity_poly.pdbx_seq_one_letter_code       
;MKKGHHHHHHENLYFQGGSLKLSAENESTPIQQLLEHFLRQLQRKDPHGFFAFPVTDAIAPGYSMIIKHPMDFGTMKDKI
VANEYKSVTEFKADFKLMCDNAMTYNRPDTVYYKLAKKILHAGFKMMSKERLLALKRSMSFMQDMDFSQ
;
_entity_poly.pdbx_seq_one_letter_code_can   
;MKKGHHHHHHENLYFQGGSLKLSAENESTPIQQLLEHFLRQLQRKDPHGFFAFPVTDAIAPGYSMIIKHPMDFGTMKDKI
VANEYKSVTEFKADFKLMCDNAMTYNRPDTVYYKLAKKILHAGFKMMSKERLLALKRSMSFMQDMDFSQ
;
_entity_poly.pdbx_strand_id                 A 
_entity_poly.pdbx_target_identifier         ? 
# 
loop_
_pdbx_entity_nonpoly.entity_id 
_pdbx_entity_nonpoly.name 
_pdbx_entity_nonpoly.comp_id 
2 '1-[1-[2,5-dimethoxy-4-[(1~{S})-1-oxidanylethyl]phenyl]indolizin-3-yl]ethanone' A1EHA 
3 water                                                                           HOH   
# 
loop_
_entity_poly_seq.entity_id 
_entity_poly_seq.num 
_entity_poly_seq.mon_id 
_entity_poly_seq.hetero 
1 1   MET n 
1 2   LYS n 
1 3   LYS n 
1 4   GLY n 
1 5   HIS n 
1 6   HIS n 
1 7   HIS n 
1 8   HIS n 
1 9   HIS n 
1 10  HIS n 
1 11  GLU n 
1 12  ASN n 
1 13  LEU n 
1 14  TYR n 
1 15  PHE n 
1 16  GLN n 
1 17  GLY n 
1 18  GLY n 
1 19  SER n 
1 20  LEU n 
1 21  LYS n 
1 22  LEU n 
1 23  SER n 
1 24  ALA n 
1 25  GLU n 
1 26  ASN n 
1 27  GLU n 
1 28  SER n 
1 29  THR n 
1 30  PRO n 
1 31  ILE n 
1 32  GLN n 
1 33  GLN n 
1 34  LEU n 
1 35  LEU n 
1 36  GLU n 
1 37  HIS n 
1 38  PHE n 
1 39  LEU n 
1 40  ARG n 
1 41  GLN n 
1 42  LEU n 
1 43  GLN n 
1 44  ARG n 
1 45  LYS n 
1 46  ASP n 
1 47  PRO n 
1 48  HIS n 
1 49  GLY n 
1 50  PHE n 
1 51  PHE n 
1 52  ALA n 
1 53  PHE n 
1 54  PRO n 
1 55  VAL n 
1 56  THR n 
1 57  ASP n 
1 58  ALA n 
1 59  ILE n 
1 60  ALA n 
1 61  PRO n 
1 62  GLY n 
1 63  TYR n 
1 64  SER n 
1 65  MET n 
1 66  ILE n 
1 67  ILE n 
1 68  LYS n 
1 69  HIS n 
1 70  PRO n 
1 71  MET n 
1 72  ASP n 
1 73  PHE n 
1 74  GLY n 
1 75  THR n 
1 76  MET n 
1 77  LYS n 
1 78  ASP n 
1 79  LYS n 
1 80  ILE n 
1 81  VAL n 
1 82  ALA n 
1 83  ASN n 
1 84  GLU n 
1 85  TYR n 
1 86  LYS n 
1 87  SER n 
1 88  VAL n 
1 89  THR n 
1 90  GLU n 
1 91  PHE n 
1 92  LYS n 
1 93  ALA n 
1 94  ASP n 
1 95  PHE n 
1 96  LYS n 
1 97  LEU n 
1 98  MET n 
1 99  CYS n 
1 100 ASP n 
1 101 ASN n 
1 102 ALA n 
1 103 MET n 
1 104 THR n 
1 105 TYR n 
1 106 ASN n 
1 107 ARG n 
1 108 PRO n 
1 109 ASP n 
1 110 THR n 
1 111 VAL n 
1 112 TYR n 
1 113 TYR n 
1 114 LYS n 
1 115 LEU n 
1 116 ALA n 
1 117 LYS n 
1 118 LYS n 
1 119 ILE n 
1 120 LEU n 
1 121 HIS n 
1 122 ALA n 
1 123 GLY n 
1 124 PHE n 
1 125 LYS n 
1 126 MET n 
1 127 MET n 
1 128 SER n 
1 129 LYS n 
1 130 GLU n 
1 131 ARG n 
1 132 LEU n 
1 133 LEU n 
1 134 ALA n 
1 135 LEU n 
1 136 LYS n 
1 137 ARG n 
1 138 SER n 
1 139 MET n 
1 140 SER n 
1 141 PHE n 
1 142 MET n 
1 143 GLN n 
1 144 ASP n 
1 145 MET n 
1 146 ASP n 
1 147 PHE n 
1 148 SER n 
1 149 GLN n 
# 
_entity_src_gen.entity_id                          1 
_entity_src_gen.pdbx_src_id                        1 
_entity_src_gen.pdbx_alt_source_flag               sample 
_entity_src_gen.pdbx_seq_type                      'Biological sequence' 
_entity_src_gen.pdbx_beg_seq_num                   1 
_entity_src_gen.pdbx_end_seq_num                   149 
_entity_src_gen.gene_src_common_name               human 
_entity_src_gen.gene_src_genus                     ? 
_entity_src_gen.pdbx_gene_src_gene                 'BRD9, UNQ3040/PRO9856' 
_entity_src_gen.gene_src_species                   ? 
_entity_src_gen.gene_src_strain                    ? 
_entity_src_gen.gene_src_tissue                    ? 
_entity_src_gen.gene_src_tissue_fraction           ? 
_entity_src_gen.gene_src_details                   ? 
_entity_src_gen.pdbx_gene_src_fragment             ? 
_entity_src_gen.pdbx_gene_src_scientific_name      'Homo sapiens' 
_entity_src_gen.pdbx_gene_src_ncbi_taxonomy_id     9606 
_entity_src_gen.pdbx_gene_src_variant              ? 
_entity_src_gen.pdbx_gene_src_cell_line            ? 
_entity_src_gen.pdbx_gene_src_atcc                 ? 
_entity_src_gen.pdbx_gene_src_organ                ? 
_entity_src_gen.pdbx_gene_src_organelle            ? 
_entity_src_gen.pdbx_gene_src_cell                 ? 
_entity_src_gen.pdbx_gene_src_cellular_location    ? 
_entity_src_gen.host_org_common_name               ? 
_entity_src_gen.pdbx_host_org_scientific_name      'Escherichia coli' 
_entity_src_gen.pdbx_host_org_ncbi_taxonomy_id     562 
_entity_src_gen.host_org_genus                     ? 
_entity_src_gen.pdbx_host_org_gene                 ? 
_entity_src_gen.pdbx_host_org_organ                ? 
_entity_src_gen.host_org_species                   ? 
_entity_src_gen.pdbx_host_org_tissue               ? 
_entity_src_gen.pdbx_host_org_tissue_fraction      ? 
_entity_src_gen.pdbx_host_org_strain               ? 
_entity_src_gen.pdbx_host_org_variant              ? 
_entity_src_gen.pdbx_host_org_cell_line            ? 
_entity_src_gen.pdbx_host_org_atcc                 ? 
_entity_src_gen.pdbx_host_org_culture_collection   ? 
_entity_src_gen.pdbx_host_org_cell                 ? 
_entity_src_gen.pdbx_host_org_organelle            ? 
_entity_src_gen.pdbx_host_org_cellular_location    ? 
_entity_src_gen.pdbx_host_org_vector_type          ? 
_entity_src_gen.pdbx_host_org_vector               ? 
_entity_src_gen.host_org_details                   ? 
_entity_src_gen.expression_system_id               ? 
_entity_src_gen.plasmid_name                       ? 
_entity_src_gen.plasmid_details                    ? 
_entity_src_gen.pdbx_description                   ? 
# 
loop_
_chem_comp.id 
_chem_comp.type 
_chem_comp.mon_nstd_flag 
_chem_comp.name 
_chem_comp.pdbx_synonyms 
_chem_comp.formula 
_chem_comp.formula_weight 
A1EHA non-polymer         . '1-[1-[2,5-dimethoxy-4-[(1~{S})-1-oxidanylethyl]phenyl]indolizin-3-yl]ethanone' ? 'C20 H21 N O4'   
339.385 
ALA   'L-peptide linking' y ALANINE                                                                         ? 'C3 H7 N O2'     
89.093  
ARG   'L-peptide linking' y ARGININE                                                                        ? 'C6 H15 N4 O2 1' 
175.209 
ASN   'L-peptide linking' y ASPARAGINE                                                                      ? 'C4 H8 N2 O3'    
132.118 
ASP   'L-peptide linking' y 'ASPARTIC ACID'                                                                 ? 'C4 H7 N O4'     
133.103 
CYS   'L-peptide linking' y CYSTEINE                                                                        ? 'C3 H7 N O2 S'   
121.158 
GLN   'L-peptide linking' y GLUTAMINE                                                                       ? 'C5 H10 N2 O3'   
146.144 
GLU   'L-peptide linking' y 'GLUTAMIC ACID'                                                                 ? 'C5 H9 N O4'     
147.129 
GLY   'peptide linking'   y GLYCINE                                                                         ? 'C2 H5 N O2'     
75.067  
HIS   'L-peptide linking' y HISTIDINE                                                                       ? 'C6 H10 N3 O2 1' 
156.162 
HOH   non-polymer         . WATER                                                                           ? 'H2 O'           
18.015  
ILE   'L-peptide linking' y ISOLEUCINE                                                                      ? 'C6 H13 N O2'    
131.173 
LEU   'L-peptide linking' y LEUCINE                                                                         ? 'C6 H13 N O2'    
131.173 
LYS   'L-peptide linking' y LYSINE                                                                          ? 'C6 H15 N2 O2 1' 
147.195 
MET   'L-peptide linking' y METHIONINE                                                                      ? 'C5 H11 N O2 S'  
149.211 
PHE   'L-peptide linking' y PHENYLALANINE                                                                   ? 'C9 H11 N O2'    
165.189 
PRO   'L-peptide linking' y PROLINE                                                                         ? 'C5 H9 N O2'     
115.130 
SER   'L-peptide linking' y SERINE                                                                          ? 'C3 H7 N O3'     
105.093 
THR   'L-peptide linking' y THREONINE                                                                       ? 'C4 H9 N O3'     
119.119 
TYR   'L-peptide linking' y TYROSINE                                                                        ? 'C9 H11 N O3'    
181.189 
VAL   'L-peptide linking' y VALINE                                                                          ? 'C5 H11 N O2'    
117.146 
# 
loop_
_pdbx_poly_seq_scheme.asym_id 
_pdbx_poly_seq_scheme.entity_id 
_pdbx_poly_seq_scheme.seq_id 
_pdbx_poly_seq_scheme.mon_id 
_pdbx_poly_seq_scheme.ndb_seq_num 
_pdbx_poly_seq_scheme.pdb_seq_num 
_pdbx_poly_seq_scheme.auth_seq_num 
_pdbx_poly_seq_scheme.pdb_mon_id 
_pdbx_poly_seq_scheme.auth_mon_id 
_pdbx_poly_seq_scheme.pdb_strand_id 
_pdbx_poly_seq_scheme.pdb_ins_code 
_pdbx_poly_seq_scheme.hetero 
A 1 1   MET 1   111 ?   ?   ?   A . n 
A 1 2   LYS 2   112 ?   ?   ?   A . n 
A 1 3   LYS 3   113 ?   ?   ?   A . n 
A 1 4   GLY 4   114 ?   ?   ?   A . n 
A 1 5   HIS 5   115 ?   ?   ?   A . n 
A 1 6   HIS 6   116 ?   ?   ?   A . n 
A 1 7   HIS 7   117 ?   ?   ?   A . n 
A 1 8   HIS 8   118 ?   ?   ?   A . n 
A 1 9   HIS 9   119 ?   ?   ?   A . n 
A 1 10  HIS 10  120 ?   ?   ?   A . n 
A 1 11  GLU 11  121 ?   ?   ?   A . n 
A 1 12  ASN 12  122 ?   ?   ?   A . n 
A 1 13  LEU 13  123 ?   ?   ?   A . n 
A 1 14  TYR 14  124 ?   ?   ?   A . n 
A 1 15  PHE 15  125 ?   ?   ?   A . n 
A 1 16  GLN 16  126 ?   ?   ?   A . n 
A 1 17  GLY 17  127 ?   ?   ?   A . n 
A 1 18  GLY 18  128 ?   ?   ?   A . n 
A 1 19  SER 19  129 ?   ?   ?   A . n 
A 1 20  LEU 20  130 ?   ?   ?   A . n 
A 1 21  LYS 21  131 ?   ?   ?   A . n 
A 1 22  LEU 22  132 ?   ?   ?   A . n 
A 1 23  SER 23  133 ?   ?   ?   A . n 
A 1 24  ALA 24  134 ?   ?   ?   A . n 
A 1 25  GLU 25  135 ?   ?   ?   A . n 
A 1 26  ASN 26  136 ?   ?   ?   A . n 
A 1 27  GLU 27  137 137 GLU GLU A . n 
A 1 28  SER 28  138 138 SER SER A . n 
A 1 29  THR 29  139 139 THR THR A . n 
A 1 30  PRO 30  140 140 PRO PRO A . n 
A 1 31  ILE 31  141 141 ILE ILE A . n 
A 1 32  GLN 32  142 142 GLN GLN A . n 
A 1 33  GLN 33  143 143 GLN GLN A . n 
A 1 34  LEU 34  144 144 LEU LEU A . n 
A 1 35  LEU 35  145 145 LEU LEU A . n 
A 1 36  GLU 36  146 146 GLU GLU A . n 
A 1 37  HIS 37  147 147 HIS HIS A . n 
A 1 38  PHE 38  148 148 PHE PHE A . n 
A 1 39  LEU 39  149 149 LEU LEU A . n 
A 1 40  ARG 40  150 150 ARG ARG A . n 
A 1 41  GLN 41  151 151 GLN GLN A . n 
A 1 42  LEU 42  152 152 LEU LEU A . n 
A 1 43  GLN 43  153 153 GLN GLN A . n 
A 1 44  ARG 44  154 154 ARG ARG A . n 
A 1 45  LYS 45  155 155 LYS LYS A . n 
A 1 46  ASP 46  156 156 ASP ASP A . n 
A 1 47  PRO 47  157 157 PRO PRO A . n 
A 1 48  HIS 48  158 158 HIS HIS A . n 
A 1 49  GLY 49  159 159 GLY GLY A . n 
A 1 50  PHE 50  160 160 PHE PHE A . n 
A 1 51  PHE 51  161 161 PHE PHE A . n 
A 1 52  ALA 52  162 162 ALA ALA A . n 
A 1 53  PHE 53  163 163 PHE PHE A . n 
A 1 54  PRO 54  164 164 PRO PRO A . n 
A 1 55  VAL 55  165 165 VAL VAL A . n 
A 1 56  THR 56  166 166 THR THR A . n 
A 1 57  ASP 57  167 167 ASP ASP A . n 
A 1 58  ALA 58  168 168 ALA ALA A . n 
A 1 59  ILE 59  169 169 ILE ILE A . n 
A 1 60  ALA 60  170 170 ALA ALA A . n 
A 1 61  PRO 61  171 171 PRO PRO A . n 
A 1 62  GLY 62  172 172 GLY GLY A . n 
A 1 63  TYR 63  173 173 TYR TYR A . n 
A 1 64  SER 64  174 174 SER SER A . n 
A 1 65  MET 65  175 175 MET MET A . n 
A 1 66  ILE 66  176 176 ILE ILE A . n 
A 1 67  ILE 67  177 177 ILE ILE A . n 
A 1 68  LYS 68  178 178 LYS LYS A . n 
A 1 69  HIS 69  179 179 HIS HIS A . n 
A 1 70  PRO 70  180 180 PRO PRO A . n 
A 1 71  MET 71  181 181 MET MET A . n 
A 1 72  ASP 72  182 182 ASP ASP A . n 
A 1 73  PHE 73  183 183 PHE PHE A . n 
A 1 74  GLY 74  184 184 GLY GLY A . n 
A 1 75  THR 75  185 185 THR THR A . n 
A 1 76  MET 76  186 186 MET MET A . n 
A 1 77  LYS 77  187 187 LYS LYS A . n 
A 1 78  ASP 78  188 188 ASP ASP A . n 
A 1 79  LYS 79  189 189 LYS LYS A . n 
A 1 80  ILE 80  190 190 ILE ILE A . n 
A 1 81  VAL 81  191 191 VAL VAL A . n 
A 1 82  ALA 82  192 192 ALA ALA A . n 
A 1 83  ASN 83  193 193 ASN ASN A . n 
A 1 84  GLU 84  194 194 GLU GLU A . n 
A 1 85  TYR 85  195 195 TYR TYR A . n 
A 1 86  LYS 86  196 196 LYS LYS A . n 
A 1 87  SER 87  197 197 SER SER A . n 
A 1 88  VAL 88  198 198 VAL VAL A . n 
A 1 89  THR 89  199 199 THR THR A . n 
A 1 90  GLU 90  200 200 GLU GLU A . n 
A 1 91  PHE 91  201 201 PHE PHE A . n 
A 1 92  LYS 92  202 202 LYS LYS A . n 
A 1 93  ALA 93  203 203 ALA ALA A . n 
A 1 94  ASP 94  204 204 ASP ASP A . n 
A 1 95  PHE 95  205 205 PHE PHE A . n 
A 1 96  LYS 96  206 206 LYS LYS A . n 
A 1 97  LEU 97  207 207 LEU LEU A . n 
A 1 98  MET 98  208 208 MET MET A . n 
A 1 99  CYS 99  209 209 CYS CYS A . n 
A 1 100 ASP 100 210 210 ASP ASP A . n 
A 1 101 ASN 101 211 211 ASN ASN A . n 
A 1 102 ALA 102 212 212 ALA ALA A . n 
A 1 103 MET 103 213 213 MET MET A . n 
A 1 104 THR 104 214 214 THR THR A . n 
A 1 105 TYR 105 215 215 TYR TYR A . n 
A 1 106 ASN 106 216 216 ASN ASN A . n 
A 1 107 ARG 107 217 217 ARG ARG A . n 
A 1 108 PRO 108 218 218 PRO PRO A . n 
A 1 109 ASP 109 219 219 ASP ASP A . n 
A 1 110 THR 110 220 220 THR THR A . n 
A 1 111 VAL 111 221 221 VAL VAL A . n 
A 1 112 TYR 112 222 222 TYR TYR A . n 
A 1 113 TYR 113 223 223 TYR TYR A . n 
A 1 114 LYS 114 224 224 LYS LYS A . n 
A 1 115 LEU 115 225 225 LEU LEU A . n 
A 1 116 ALA 116 226 226 ALA ALA A . n 
A 1 117 LYS 117 227 227 LYS LYS A . n 
A 1 118 LYS 118 228 228 LYS LYS A . n 
A 1 119 ILE 119 229 229 ILE ILE A . n 
A 1 120 LEU 120 230 230 LEU LEU A . n 
A 1 121 HIS 121 231 231 HIS HIS A . n 
A 1 122 ALA 122 232 232 ALA ALA A . n 
A 1 123 GLY 123 233 233 GLY GLY A . n 
A 1 124 PHE 124 234 234 PHE PHE A . n 
A 1 125 LYS 125 235 235 LYS LYS A . n 
A 1 126 MET 126 236 236 MET MET A . n 
A 1 127 MET 127 237 237 MET MET A . n 
A 1 128 SER 128 238 238 SER SER A . n 
A 1 129 LYS 129 239 239 LYS LYS A . n 
A 1 130 GLU 130 240 240 GLU GLU A . n 
A 1 131 ARG 131 241 241 ARG ARG A . n 
A 1 132 LEU 132 242 242 LEU LEU A . n 
A 1 133 LEU 133 243 243 LEU LEU A . n 
A 1 134 ALA 134 244 244 ALA ALA A . n 
A 1 135 LEU 135 245 245 LEU LEU A . n 
A 1 136 LYS 136 246 246 LYS LYS A . n 
A 1 137 ARG 137 247 247 ARG ARG A . n 
A 1 138 SER 138 248 248 SER SER A . n 
A 1 139 MET 139 249 249 MET MET A . n 
A 1 140 SER 140 250 250 SER SER A . n 
A 1 141 PHE 141 251 ?   ?   ?   A . n 
A 1 142 MET 142 252 ?   ?   ?   A . n 
A 1 143 GLN 143 253 ?   ?   ?   A . n 
A 1 144 ASP 144 254 ?   ?   ?   A . n 
A 1 145 MET 145 255 ?   ?   ?   A . n 
A 1 146 ASP 146 256 ?   ?   ?   A . n 
A 1 147 PHE 147 257 ?   ?   ?   A . n 
A 1 148 SER 148 258 ?   ?   ?   A . n 
A 1 149 GLN 149 259 ?   ?   ?   A . n 
# 
_pdbx_entity_instance_feature.ordinal        1 
_pdbx_entity_instance_feature.comp_id        A1EHA 
_pdbx_entity_instance_feature.asym_id        ? 
_pdbx_entity_instance_feature.seq_num        ? 
_pdbx_entity_instance_feature.auth_comp_id   A1EHA 
_pdbx_entity_instance_feature.auth_asym_id   ? 
_pdbx_entity_instance_feature.auth_seq_num   ? 
_pdbx_entity_instance_feature.feature_type   'SUBJECT OF INVESTIGATION' 
_pdbx_entity_instance_feature.details        ? 
# 
loop_
_pdbx_nonpoly_scheme.asym_id 
_pdbx_nonpoly_scheme.entity_id 
_pdbx_nonpoly_scheme.mon_id 
_pdbx_nonpoly_scheme.ndb_seq_num 
_pdbx_nonpoly_scheme.pdb_seq_num 
_pdbx_nonpoly_scheme.auth_seq_num 
_pdbx_nonpoly_scheme.pdb_mon_id 
_pdbx_nonpoly_scheme.auth_mon_id 
_pdbx_nonpoly_scheme.pdb_strand_id 
_pdbx_nonpoly_scheme.pdb_ins_code 
B 2 A1EHA 1  301 301 A1EHA DRG A . 
C 3 HOH   1  401 7   HOH   HOH A . 
C 3 HOH   2  402 9   HOH   HOH A . 
C 3 HOH   3  403 3   HOH   HOH A . 
C 3 HOH   4  404 11  HOH   HOH A . 
C 3 HOH   5  405 15  HOH   HOH A . 
C 3 HOH   6  406 17  HOH   HOH A . 
C 3 HOH   7  407 8   HOH   HOH A . 
C 3 HOH   8  408 20  HOH   HOH A . 
C 3 HOH   9  409 1   HOH   HOH A . 
C 3 HOH   10 410 10  HOH   HOH A . 
C 3 HOH   11 411 5   HOH   HOH A . 
C 3 HOH   12 412 4   HOH   HOH A . 
C 3 HOH   13 413 12  HOH   HOH A . 
C 3 HOH   14 414 21  HOH   HOH A . 
C 3 HOH   15 415 19  HOH   HOH A . 
C 3 HOH   16 416 2   HOH   HOH A . 
C 3 HOH   17 417 18  HOH   HOH A . 
C 3 HOH   18 418 16  HOH   HOH A . 
C 3 HOH   19 419 14  HOH   HOH A . 
C 3 HOH   20 420 6   HOH   HOH A . 
C 3 HOH   21 421 13  HOH   HOH A . 
# 
loop_
_software.citation_id 
_software.classification 
_software.compiler_name 
_software.compiler_version 
_software.contact_author 
_software.contact_author_email 
_software.date 
_software.description 
_software.dependencies 
_software.hardware 
_software.language 
_software.location 
_software.mods 
_software.name 
_software.os 
_software.os_version 
_software.type 
_software.version 
_software.pdbx_ordinal 
? refinement       ? ? ? ? ? ? ? ? ? ? ? REFMAC  ? ? ? 5.8.0189 1 
? 'data scaling'   ? ? ? ? ? ? ? ? ? ? ? Aimless ? ? ? .        2 
? 'data reduction' ? ? ? ? ? ? ? ? ? ? ? XDS     ? ? ? .        3 
? phasing          ? ? ? ? ? ? ? ? ? ? ? MOLREP  ? ? ? .        4 
# 
_cell.angle_alpha                  90.00 
_cell.angle_alpha_esd              ? 
_cell.angle_beta                   90.00 
_cell.angle_beta_esd               ? 
_cell.angle_gamma                  90.00 
_cell.angle_gamma_esd              ? 
_cell.entry_id                     9KLY 
_cell.details                      ? 
_cell.formula_units_Z              ? 
_cell.length_a                     43.959 
_cell.length_a_esd                 ? 
_cell.length_b                     51.056 
_cell.length_b_esd                 ? 
_cell.length_c                     64.369 
_cell.length_c_esd                 ? 
_cell.volume                       ? 
_cell.volume_esd                   ? 
_cell.Z_PDB                        4 
_cell.reciprocal_angle_alpha       ? 
_cell.reciprocal_angle_beta        ? 
_cell.reciprocal_angle_gamma       ? 
_cell.reciprocal_angle_alpha_esd   ? 
_cell.reciprocal_angle_beta_esd    ? 
_cell.reciprocal_angle_gamma_esd   ? 
_cell.reciprocal_length_a          ? 
_cell.reciprocal_length_b          ? 
_cell.reciprocal_length_c          ? 
_cell.reciprocal_length_a_esd      ? 
_cell.reciprocal_length_b_esd      ? 
_cell.reciprocal_length_c_esd      ? 
_cell.pdbx_unique_axis             ? 
_cell.pdbx_esd_method              ? 
# 
_symmetry.entry_id                         9KLY 
_symmetry.cell_setting                     ? 
_symmetry.Int_Tables_number                19 
_symmetry.space_group_name_Hall            ? 
_symmetry.space_group_name_H-M             'P 21 21 21' 
_symmetry.pdbx_full_space_group_name_H-M   ? 
# 
_exptl.absorpt_coefficient_mu     ? 
_exptl.absorpt_correction_T_max   ? 
_exptl.absorpt_correction_T_min   ? 
_exptl.absorpt_correction_type    ? 
_exptl.absorpt_process_details    ? 
_exptl.entry_id                   9KLY 
_exptl.crystals_number            1 
_exptl.details                    ? 
_exptl.method                     'X-RAY DIFFRACTION' 
_exptl.method_details             ? 
# 
_exptl_crystal.colour                       ? 
_exptl_crystal.density_diffrn               ? 
_exptl_crystal.density_Matthews             2.07 
_exptl_crystal.density_method               ? 
_exptl_crystal.density_percent_sol          40.63 
_exptl_crystal.description                  ? 
_exptl_crystal.F_000                        ? 
_exptl_crystal.id                           1 
_exptl_crystal.preparation                  ? 
_exptl_crystal.size_max                     ? 
_exptl_crystal.size_mid                     ? 
_exptl_crystal.size_min                     ? 
_exptl_crystal.size_rad                     ? 
_exptl_crystal.colour_lustre                ? 
_exptl_crystal.colour_modifier              ? 
_exptl_crystal.colour_primary               ? 
_exptl_crystal.density_meas                 ? 
_exptl_crystal.density_meas_esd             ? 
_exptl_crystal.density_meas_gt              ? 
_exptl_crystal.density_meas_lt              ? 
_exptl_crystal.density_meas_temp            ? 
_exptl_crystal.density_meas_temp_esd        ? 
_exptl_crystal.density_meas_temp_gt         ? 
_exptl_crystal.density_meas_temp_lt         ? 
_exptl_crystal.pdbx_crystal_image_url       ? 
_exptl_crystal.pdbx_crystal_image_format    ? 
_exptl_crystal.pdbx_mosaicity               ? 
_exptl_crystal.pdbx_mosaicity_esd           ? 
_exptl_crystal.pdbx_mosaic_method           ? 
_exptl_crystal.pdbx_mosaic_block_size       ? 
_exptl_crystal.pdbx_mosaic_block_size_esd   ? 
# 
_exptl_crystal_grow.apparatus       ? 
_exptl_crystal_grow.atmosphere      ? 
_exptl_crystal_grow.crystal_id      1 
_exptl_crystal_grow.details         ? 
_exptl_crystal_grow.method          'VAPOR DIFFUSION, SITTING DROP' 
_exptl_crystal_grow.method_ref      ? 
_exptl_crystal_grow.pH              ? 
_exptl_crystal_grow.pressure        ? 
_exptl_crystal_grow.pressure_esd    ? 
_exptl_crystal_grow.seeding         ? 
_exptl_crystal_grow.seeding_ref     ? 
_exptl_crystal_grow.temp_details    ? 
_exptl_crystal_grow.temp_esd        ? 
_exptl_crystal_grow.time            ? 
_exptl_crystal_grow.pdbx_details    '0.2 M Sodium malonate pH 7.0, 20% w/v Polyethylene glycol 3,350' 
_exptl_crystal_grow.pdbx_pH_range   ? 
_exptl_crystal_grow.temp            277 
# 
_diffrn.ambient_environment              ? 
_diffrn.ambient_temp                     80 
_diffrn.ambient_temp_details             ? 
_diffrn.ambient_temp_esd                 ? 
_diffrn.crystal_id                       1 
_diffrn.crystal_support                  ? 
_diffrn.crystal_treatment                ? 
_diffrn.details                          ? 
_diffrn.id                               1 
_diffrn.ambient_pressure                 ? 
_diffrn.ambient_pressure_esd             ? 
_diffrn.ambient_pressure_gt              ? 
_diffrn.ambient_pressure_lt              ? 
_diffrn.ambient_temp_gt                  ? 
_diffrn.ambient_temp_lt                  ? 
_diffrn.pdbx_serial_crystal_experiment   N 
# 
_diffrn_detector.details                      ? 
_diffrn_detector.detector                     PIXEL 
_diffrn_detector.diffrn_id                    1 
_diffrn_detector.type                         'DECTRIS PILATUS 6M-F' 
_diffrn_detector.area_resol_mean              ? 
_diffrn_detector.dtime                        ? 
_diffrn_detector.pdbx_frames_total            ? 
_diffrn_detector.pdbx_collection_time_total   ? 
_diffrn_detector.pdbx_collection_date         2022-12-26 
_diffrn_detector.pdbx_frequency               ? 
_diffrn_detector.id                           ? 
_diffrn_detector.number_of_axes               ? 
# 
_diffrn_radiation.collimation                      ? 
_diffrn_radiation.diffrn_id                        1 
_diffrn_radiation.filter_edge                      ? 
_diffrn_radiation.inhomogeneity                    ? 
_diffrn_radiation.monochromator                    ? 
_diffrn_radiation.polarisn_norm                    ? 
_diffrn_radiation.polarisn_ratio                   ? 
_diffrn_radiation.probe                            ? 
_diffrn_radiation.type                             ? 
_diffrn_radiation.xray_symbol                      ? 
_diffrn_radiation.wavelength_id                    1 
_diffrn_radiation.pdbx_monochromatic_or_laue_m_l   M 
_diffrn_radiation.pdbx_wavelength_list             ? 
_diffrn_radiation.pdbx_wavelength                  ? 
_diffrn_radiation.pdbx_diffrn_protocol             'SINGLE WAVELENGTH' 
_diffrn_radiation.pdbx_analyzer                    ? 
_diffrn_radiation.pdbx_scattering_type             x-ray 
# 
_diffrn_radiation_wavelength.id           1 
_diffrn_radiation_wavelength.wavelength   0.97918 
_diffrn_radiation_wavelength.wt           1.0 
# 
_diffrn_source.current                     ? 
_diffrn_source.details                     ? 
_diffrn_source.diffrn_id                   1 
_diffrn_source.power                       ? 
_diffrn_source.size                        ? 
_diffrn_source.source                      SYNCHROTRON 
_diffrn_source.target                      ? 
_diffrn_source.type                        'SSRF BEAMLINE BL02U1' 
_diffrn_source.voltage                     ? 
_diffrn_source.take-off_angle              ? 
_diffrn_source.pdbx_wavelength_list        0.97918 
_diffrn_source.pdbx_wavelength             ? 
_diffrn_source.pdbx_synchrotron_beamline   BL02U1 
_diffrn_source.pdbx_synchrotron_site       SSRF 
# 
_reflns.B_iso_Wilson_estimate                          ? 
_reflns.entry_id                                       9KLY 
_reflns.data_reduction_details                         ? 
_reflns.data_reduction_method                          ? 
_reflns.d_resolution_high                              2.15 
_reflns.d_resolution_low                               51.06 
_reflns.details                                        ? 
_reflns.limit_h_max                                    ? 
_reflns.limit_h_min                                    ? 
_reflns.limit_k_max                                    ? 
_reflns.limit_k_min                                    ? 
_reflns.limit_l_max                                    ? 
_reflns.limit_l_min                                    ? 
_reflns.number_all                                     ? 
_reflns.number_obs                                     7195 
_reflns.observed_criterion                             ? 
_reflns.observed_criterion_F_max                       ? 
_reflns.observed_criterion_F_min                       ? 
_reflns.observed_criterion_I_max                       ? 
_reflns.observed_criterion_I_min                       ? 
_reflns.observed_criterion_sigma_F                     ? 
_reflns.observed_criterion_sigma_I                     ? 
_reflns.percent_possible_obs                           88.3 
_reflns.R_free_details                                 ? 
_reflns.Rmerge_F_all                                   ? 
_reflns.Rmerge_F_obs                                   ? 
_reflns.Friedel_coverage                               ? 
_reflns.number_gt                                      ? 
_reflns.threshold_expression                           ? 
_reflns.pdbx_redundancy                                3.8 
_reflns.pdbx_netI_over_av_sigmaI                       ? 
_reflns.pdbx_netI_over_sigmaI                          19.8 
_reflns.pdbx_res_netI_over_av_sigmaI_2                 ? 
_reflns.pdbx_res_netI_over_sigmaI_2                    ? 
_reflns.pdbx_chi_squared                               ? 
_reflns.pdbx_scaling_rejects                           ? 
_reflns.pdbx_d_res_high_opt                            ? 
_reflns.pdbx_d_res_low_opt                             ? 
_reflns.pdbx_d_res_opt_method                          ? 
_reflns.phase_calculation_details                      ? 
_reflns.pdbx_Rrim_I_all                                0.049 
_reflns.pdbx_Rpim_I_all                                0.024 
_reflns.pdbx_d_opt                                     ? 
_reflns.pdbx_number_measured_all                       27123 
_reflns.pdbx_diffrn_id                                 1 
_reflns.pdbx_ordinal                                   1 
_reflns.pdbx_CC_half                                   0.998 
_reflns.pdbx_CC_star                                   ? 
_reflns.pdbx_R_split                                   ? 
_reflns.pdbx_Rmerge_I_obs                              0.043 
_reflns.pdbx_Rmerge_I_all                              ? 
_reflns.pdbx_Rsym_value                                ? 
_reflns.pdbx_CC_split_method                           ? 
_reflns.pdbx_aniso_diffraction_limit_axis_1_ortho[1]   ? 
_reflns.pdbx_aniso_diffraction_limit_axis_1_ortho[2]   ? 
_reflns.pdbx_aniso_diffraction_limit_axis_1_ortho[3]   ? 
_reflns.pdbx_aniso_diffraction_limit_axis_2_ortho[1]   ? 
_reflns.pdbx_aniso_diffraction_limit_axis_2_ortho[2]   ? 
_reflns.pdbx_aniso_diffraction_limit_axis_2_ortho[3]   ? 
_reflns.pdbx_aniso_diffraction_limit_axis_3_ortho[1]   ? 
_reflns.pdbx_aniso_diffraction_limit_axis_3_ortho[2]   ? 
_reflns.pdbx_aniso_diffraction_limit_axis_3_ortho[3]   ? 
_reflns.pdbx_aniso_diffraction_limit_1                 ? 
_reflns.pdbx_aniso_diffraction_limit_2                 ? 
_reflns.pdbx_aniso_diffraction_limit_3                 ? 
_reflns.pdbx_aniso_B_tensor_eigenvector_1_ortho[1]     ? 
_reflns.pdbx_aniso_B_tensor_eigenvector_1_ortho[2]     ? 
_reflns.pdbx_aniso_B_tensor_eigenvector_1_ortho[3]     ? 
_reflns.pdbx_aniso_B_tensor_eigenvector_2_ortho[1]     ? 
_reflns.pdbx_aniso_B_tensor_eigenvector_2_ortho[2]     ? 
_reflns.pdbx_aniso_B_tensor_eigenvector_2_ortho[3]     ? 
_reflns.pdbx_aniso_B_tensor_eigenvector_3_ortho[1]     ? 
_reflns.pdbx_aniso_B_tensor_eigenvector_3_ortho[2]     ? 
_reflns.pdbx_aniso_B_tensor_eigenvector_3_ortho[3]     ? 
_reflns.pdbx_aniso_B_tensor_eigenvalue_1               ? 
_reflns.pdbx_aniso_B_tensor_eigenvalue_2               ? 
_reflns.pdbx_aniso_B_tensor_eigenvalue_3               ? 
_reflns.pdbx_orthogonalization_convention              ? 
_reflns.pdbx_percent_possible_ellipsoidal              ? 
_reflns.pdbx_percent_possible_spherical                ? 
_reflns.pdbx_percent_possible_ellipsoidal_anomalous    ? 
_reflns.pdbx_percent_possible_spherical_anomalous      ? 
_reflns.pdbx_redundancy_anomalous                      ? 
_reflns.pdbx_CC_half_anomalous                         ? 
_reflns.pdbx_absDiff_over_sigma_anomalous              ? 
_reflns.pdbx_percent_possible_anomalous                ? 
_reflns.pdbx_observed_signal_threshold                 ? 
_reflns.pdbx_signal_type                               ? 
_reflns.pdbx_signal_details                            ? 
_reflns.pdbx_signal_software_id                        ? 
# 
_reflns_shell.d_res_high                                    2.15 
_reflns_shell.d_res_low                                     2.22 
_reflns_shell.meanI_over_sigI_all                           ? 
_reflns_shell.meanI_over_sigI_obs                           ? 
_reflns_shell.number_measured_all                           2214 
_reflns_shell.number_measured_obs                           ? 
_reflns_shell.number_possible                               ? 
_reflns_shell.number_unique_all                             ? 
_reflns_shell.number_unique_obs                             647 
_reflns_shell.percent_possible_obs                          91.8 
_reflns_shell.Rmerge_F_all                                  ? 
_reflns_shell.Rmerge_F_obs                                  ? 
_reflns_shell.meanI_over_sigI_gt                            ? 
_reflns_shell.meanI_over_uI_all                             ? 
_reflns_shell.meanI_over_uI_gt                              ? 
_reflns_shell.number_measured_gt                            ? 
_reflns_shell.number_unique_gt                              ? 
_reflns_shell.percent_possible_gt                           ? 
_reflns_shell.Rmerge_F_gt                                   ? 
_reflns_shell.Rmerge_I_gt                                   ? 
_reflns_shell.pdbx_redundancy                               3.4 
_reflns_shell.pdbx_chi_squared                              ? 
_reflns_shell.pdbx_netI_over_sigmaI_all                     ? 
_reflns_shell.pdbx_netI_over_sigmaI_obs                     10.3 
_reflns_shell.pdbx_Rrim_I_all                               0.111 
_reflns_shell.pdbx_Rpim_I_all                               0.055 
_reflns_shell.pdbx_rejects                                  ? 
_reflns_shell.pdbx_ordinal                                  1 
_reflns_shell.pdbx_diffrn_id                                1 
_reflns_shell.pdbx_CC_half                                  0.990 
_reflns_shell.pdbx_CC_star                                  ? 
_reflns_shell.pdbx_R_split                                  ? 
_reflns_shell.percent_possible_all                          ? 
_reflns_shell.Rmerge_I_all                                  ? 
_reflns_shell.Rmerge_I_obs                                  0.095 
_reflns_shell.pdbx_Rsym_value                               ? 
_reflns_shell.pdbx_percent_possible_ellipsoidal             ? 
_reflns_shell.pdbx_percent_possible_spherical               ? 
_reflns_shell.pdbx_percent_possible_ellipsoidal_anomalous   ? 
_reflns_shell.pdbx_percent_possible_spherical_anomalous     ? 
_reflns_shell.pdbx_redundancy_anomalous                     ? 
_reflns_shell.pdbx_CC_half_anomalous                        ? 
_reflns_shell.pdbx_absDiff_over_sigma_anomalous             ? 
_reflns_shell.pdbx_percent_possible_anomalous               ? 
# 
_refine.aniso_B[1][1]                            -1.54 
_refine.aniso_B[1][2]                            -0.00 
_refine.aniso_B[1][3]                            0.00 
_refine.aniso_B[2][2]                            3.15 
_refine.aniso_B[2][3]                            -0.00 
_refine.aniso_B[3][3]                            -1.61 
_refine.B_iso_max                                ? 
_refine.B_iso_mean                               35.246 
_refine.B_iso_min                                ? 
_refine.correlation_coeff_Fo_to_Fc               0.953 
_refine.correlation_coeff_Fo_to_Fc_free          0.921 
_refine.details                                  'HYDROGENS HAVE BEEN ADDED IN THE RIDING POSITIONS' 
_refine.diff_density_max                         ? 
_refine.diff_density_max_esd                     ? 
_refine.diff_density_min                         ? 
_refine.diff_density_min_esd                     ? 
_refine.diff_density_rms                         ? 
_refine.diff_density_rms_esd                     ? 
_refine.entry_id                                 9KLY 
_refine.pdbx_refine_id                           'X-RAY DIFFRACTION' 
_refine.ls_abs_structure_details                 ? 
_refine.ls_abs_structure_Flack                   ? 
_refine.ls_abs_structure_Flack_esd               ? 
_refine.ls_abs_structure_Rogers                  ? 
_refine.ls_abs_structure_Rogers_esd              ? 
_refine.ls_d_res_high                            2.15 
_refine.ls_d_res_low                             40.00 
_refine.ls_extinction_coef                       ? 
_refine.ls_extinction_coef_esd                   ? 
_refine.ls_extinction_expression                 ? 
_refine.ls_extinction_method                     ? 
_refine.ls_goodness_of_fit_all                   ? 
_refine.ls_goodness_of_fit_all_esd               ? 
_refine.ls_goodness_of_fit_obs                   ? 
_refine.ls_goodness_of_fit_obs_esd               ? 
_refine.ls_hydrogen_treatment                    ? 
_refine.ls_matrix_type                           ? 
_refine.ls_number_constraints                    ? 
_refine.ls_number_parameters                     ? 
_refine.ls_number_reflns_all                     ? 
_refine.ls_number_reflns_obs                     6816 
_refine.ls_number_reflns_R_free                  364 
_refine.ls_number_reflns_R_work                  ? 
_refine.ls_number_restraints                     ? 
_refine.ls_percent_reflns_obs                    86.41 
_refine.ls_percent_reflns_R_free                 5.1 
_refine.ls_R_factor_all                          ? 
_refine.ls_R_factor_obs                          0.19187 
_refine.ls_R_factor_R_free                       0.22743 
_refine.ls_R_factor_R_free_error                 ? 
_refine.ls_R_factor_R_free_error_details         ? 
_refine.ls_R_factor_R_work                       0.19006 
_refine.ls_R_Fsqd_factor_obs                     ? 
_refine.ls_R_I_factor_obs                        ? 
_refine.ls_redundancy_reflns_all                 ? 
_refine.ls_redundancy_reflns_obs                 ? 
_refine.ls_restrained_S_all                      ? 
_refine.ls_restrained_S_obs                      ? 
_refine.ls_shift_over_esd_max                    ? 
_refine.ls_shift_over_esd_mean                   ? 
_refine.ls_structure_factor_coef                 ? 
_refine.ls_weighting_details                     ? 
_refine.ls_weighting_scheme                      ? 
_refine.ls_wR_factor_all                         ? 
_refine.ls_wR_factor_obs                         ? 
_refine.ls_wR_factor_R_free                      ? 
_refine.ls_wR_factor_R_work                      ? 
_refine.occupancy_max                            ? 
_refine.occupancy_min                            ? 
_refine.solvent_model_details                    MASK 
_refine.solvent_model_param_bsol                 ? 
_refine.solvent_model_param_ksol                 ? 
_refine.pdbx_R_complete                          ? 
_refine.ls_R_factor_gt                           ? 
_refine.ls_goodness_of_fit_gt                    ? 
_refine.ls_goodness_of_fit_ref                   ? 
_refine.ls_shift_over_su_max                     ? 
_refine.ls_shift_over_su_max_lt                  ? 
_refine.ls_shift_over_su_mean                    ? 
_refine.ls_shift_over_su_mean_lt                 ? 
_refine.pdbx_ls_sigma_I                          ? 
_refine.pdbx_ls_sigma_F                          ? 
_refine.pdbx_ls_sigma_Fsqd                       ? 
_refine.pdbx_data_cutoff_high_absF               ? 
_refine.pdbx_data_cutoff_high_rms_absF           ? 
_refine.pdbx_data_cutoff_low_absF                ? 
_refine.pdbx_isotropic_thermal_model             ? 
_refine.pdbx_ls_cross_valid_method               THROUGHOUT 
_refine.pdbx_method_to_determine_struct          'MOLECULAR REPLACEMENT' 
_refine.pdbx_starting_model                      ? 
_refine.pdbx_stereochemistry_target_values       'MAXIMUM LIKELIHOOD' 
_refine.pdbx_R_Free_selection_details            RANDOM 
_refine.pdbx_stereochem_target_val_spec_case     ? 
_refine.pdbx_overall_ESU_R                       0.252 
_refine.pdbx_overall_ESU_R_Free                  0.197 
_refine.pdbx_solvent_vdw_probe_radii             1.20 
_refine.pdbx_solvent_ion_probe_radii             0.80 
_refine.pdbx_solvent_shrinkage_radii             0.80 
_refine.pdbx_real_space_R                        ? 
_refine.pdbx_density_correlation                 ? 
_refine.pdbx_pd_number_of_powder_patterns        ? 
_refine.pdbx_pd_number_of_points                 ? 
_refine.pdbx_pd_meas_number_of_points            ? 
_refine.pdbx_pd_proc_ls_prof_R_factor            ? 
_refine.pdbx_pd_proc_ls_prof_wR_factor           ? 
_refine.pdbx_pd_Marquardt_correlation_coeff      ? 
_refine.pdbx_pd_Fsqrd_R_factor                   ? 
_refine.pdbx_pd_ls_matrix_band_width             ? 
_refine.pdbx_overall_phase_error                 ? 
_refine.pdbx_overall_SU_R_free_Cruickshank_DPI   ? 
_refine.pdbx_overall_SU_R_free_Blow_DPI          ? 
_refine.pdbx_overall_SU_R_Blow_DPI               ? 
_refine.pdbx_TLS_residual_ADP_flag               ? 
_refine.pdbx_diffrn_id                           1 
_refine.overall_SU_B                             4.568 
_refine.overall_SU_ML                            0.120 
_refine.overall_SU_R_Cruickshank_DPI             ? 
_refine.overall_SU_R_free                        ? 
_refine.overall_FOM_free_R_set                   ? 
_refine.overall_FOM_work_R_set                   ? 
_refine.pdbx_average_fsc_overall                 ? 
_refine.pdbx_average_fsc_work                    ? 
_refine.pdbx_average_fsc_free                    ? 
# 
_refine_hist.pdbx_refine_id                   'X-RAY DIFFRACTION' 
_refine_hist.cycle_id                         1 
_refine_hist.details                          ? 
_refine_hist.d_res_high                       2.15 
_refine_hist.d_res_low                        40.00 
_refine_hist.number_atoms_solvent             21 
_refine_hist.number_atoms_total               974 
_refine_hist.number_reflns_all                ? 
_refine_hist.number_reflns_obs                ? 
_refine_hist.number_reflns_R_free             ? 
_refine_hist.number_reflns_R_work             ? 
_refine_hist.R_factor_all                     ? 
_refine_hist.R_factor_obs                     ? 
_refine_hist.R_factor_R_free                  ? 
_refine_hist.R_factor_R_work                  ? 
_refine_hist.pdbx_number_residues_total       ? 
_refine_hist.pdbx_B_iso_mean_ligand           ? 
_refine_hist.pdbx_B_iso_mean_solvent          ? 
_refine_hist.pdbx_number_atoms_protein        928 
_refine_hist.pdbx_number_atoms_nucleic_acid   0 
_refine_hist.pdbx_number_atoms_ligand         25 
_refine_hist.pdbx_number_atoms_lipid          ? 
_refine_hist.pdbx_number_atoms_carb           ? 
_refine_hist.pdbx_pseudo_atom_details         ? 
# 
loop_
_refine_ls_restr.pdbx_refine_id 
_refine_ls_restr.criterion 
_refine_ls_restr.dev_ideal 
_refine_ls_restr.dev_ideal_target 
_refine_ls_restr.number 
_refine_ls_restr.rejects 
_refine_ls_restr.type 
_refine_ls_restr.weight 
_refine_ls_restr.pdbx_restraint_function 
'X-RAY DIFFRACTION' ? 0.011  0.019  977  ? r_bond_refined_d             ? ? 
'X-RAY DIFFRACTION' ? 0.002  0.020  933  ? r_bond_other_d               ? ? 
'X-RAY DIFFRACTION' ? 1.474  2.003  1312 ? r_angle_refined_deg          ? ? 
'X-RAY DIFFRACTION' ? 0.920  3.006  2166 ? r_angle_other_deg            ? ? 
'X-RAY DIFFRACTION' ? 5.239  5.000  113  ? r_dihedral_angle_1_deg       ? ? 
'X-RAY DIFFRACTION' ? 36.459 23.415 41   ? r_dihedral_angle_2_deg       ? ? 
'X-RAY DIFFRACTION' ? 17.199 15.000 185  ? r_dihedral_angle_3_deg       ? ? 
'X-RAY DIFFRACTION' ? 18.948 15.000 5    ? r_dihedral_angle_4_deg       ? ? 
'X-RAY DIFFRACTION' ? 0.076  0.200  137  ? r_chiral_restr               ? ? 
'X-RAY DIFFRACTION' ? 0.006  0.021  1043 ? r_gen_planes_refined         ? ? 
'X-RAY DIFFRACTION' ? 0.001  0.020  202  ? r_gen_planes_other           ? ? 
'X-RAY DIFFRACTION' ? ?      ?      ?    ? r_nbd_refined                ? ? 
'X-RAY DIFFRACTION' ? ?      ?      ?    ? r_nbd_other                  ? ? 
'X-RAY DIFFRACTION' ? ?      ?      ?    ? r_nbtor_refined              ? ? 
'X-RAY DIFFRACTION' ? ?      ?      ?    ? r_nbtor_other                ? ? 
'X-RAY DIFFRACTION' ? ?      ?      ?    ? r_xyhbond_nbd_refined        ? ? 
'X-RAY DIFFRACTION' ? ?      ?      ?    ? r_xyhbond_nbd_other          ? ? 
'X-RAY DIFFRACTION' ? ?      ?      ?    ? r_metal_ion_refined          ? ? 
'X-RAY DIFFRACTION' ? ?      ?      ?    ? r_metal_ion_other            ? ? 
'X-RAY DIFFRACTION' ? ?      ?      ?    ? r_symmetry_vdw_refined       ? ? 
'X-RAY DIFFRACTION' ? ?      ?      ?    ? r_symmetry_vdw_other         ? ? 
'X-RAY DIFFRACTION' ? ?      ?      ?    ? r_symmetry_hbond_refined     ? ? 
'X-RAY DIFFRACTION' ? ?      ?      ?    ? r_symmetry_hbond_other       ? ? 
'X-RAY DIFFRACTION' ? ?      ?      ?    ? r_symmetry_metal_ion_refined ? ? 
'X-RAY DIFFRACTION' ? ?      ?      ?    ? r_symmetry_metal_ion_other   ? ? 
'X-RAY DIFFRACTION' ? 2.075  3.262  455  ? r_mcbond_it                  ? ? 
'X-RAY DIFFRACTION' ? 2.069  3.252  454  ? r_mcbond_other               ? ? 
'X-RAY DIFFRACTION' ? 3.237  4.863  567  ? r_mcangle_it                 ? ? 
'X-RAY DIFFRACTION' ? 3.235  4.876  568  ? r_mcangle_other              ? ? 
'X-RAY DIFFRACTION' ? 2.799  3.670  522  ? r_scbond_it                  ? ? 
'X-RAY DIFFRACTION' ? 2.796  3.668  523  ? r_scbond_other               ? ? 
'X-RAY DIFFRACTION' ? ?      ?      ?    ? r_scangle_it                 ? ? 
'X-RAY DIFFRACTION' ? 4.623  5.306  746  ? r_scangle_other              ? ? 
'X-RAY DIFFRACTION' ? 5.988  36.396 1101 ? r_long_range_B_refined       ? ? 
'X-RAY DIFFRACTION' ? 5.996  36.349 1097 ? r_long_range_B_other         ? ? 
'X-RAY DIFFRACTION' ? ?      ?      ?    ? r_rigid_bond_restr           ? ? 
'X-RAY DIFFRACTION' ? ?      ?      ?    ? r_sphericity_free            ? ? 
'X-RAY DIFFRACTION' ? ?      ?      ?    ? r_sphericity_bonded          ? ? 
# 
_refine_ls_shell.pdbx_refine_id                   'X-RAY DIFFRACTION' 
_refine_ls_shell.d_res_high                       2.150 
_refine_ls_shell.d_res_low                        2.206 
_refine_ls_shell.number_reflns_all                ? 
_refine_ls_shell.number_reflns_obs                ? 
_refine_ls_shell.number_reflns_R_free             34 
_refine_ls_shell.number_reflns_R_work             509 
_refine_ls_shell.percent_reflns_obs               89.75 
_refine_ls_shell.percent_reflns_R_free            ? 
_refine_ls_shell.R_factor_all                     ? 
_refine_ls_shell.R_factor_obs                     ? 
_refine_ls_shell.R_factor_R_free_error            ? 
_refine_ls_shell.R_factor_R_work                  0.212 
_refine_ls_shell.redundancy_reflns_all            ? 
_refine_ls_shell.redundancy_reflns_obs            ? 
_refine_ls_shell.wR_factor_all                    ? 
_refine_ls_shell.wR_factor_obs                    ? 
_refine_ls_shell.wR_factor_R_free                 ? 
_refine_ls_shell.wR_factor_R_work                 ? 
_refine_ls_shell.pdbx_R_complete                  ? 
_refine_ls_shell.pdbx_total_number_of_bins_used   20 
_refine_ls_shell.pdbx_phase_error                 ? 
_refine_ls_shell.pdbx_fsc_work                    ? 
_refine_ls_shell.pdbx_fsc_free                    ? 
_refine_ls_shell.R_factor_R_free                  0.224 
# 
_struct.entry_id                     9KLY 
_struct.title                        'Crystal Structure of the bromodomain of human BRD9 in complex with the inhibitor Y22032' 
_struct.pdbx_model_details           ? 
_struct.pdbx_formula_weight          ? 
_struct.pdbx_formula_weight_method   ? 
_struct.pdbx_model_type_details      ? 
_struct.pdbx_CASP_flag               N 
# 
_struct_keywords.entry_id        9KLY 
_struct_keywords.text            'BRD9, bromodomain, inhibitor, PROTEIN BINDING' 
_struct_keywords.pdbx_keywords   'PROTEIN BINDING' 
# 
loop_
_struct_asym.id 
_struct_asym.pdbx_blank_PDB_chainid_flag 
_struct_asym.pdbx_modified 
_struct_asym.entity_id 
_struct_asym.details 
A N N 1 ? 
B N N 2 ? 
C N N 3 ? 
# 
_struct_ref.id                         1 
_struct_ref.db_name                    UNP 
_struct_ref.db_code                    BRD9_HUMAN 
_struct_ref.pdbx_db_accession          Q9H8M2 
_struct_ref.pdbx_db_isoform            ? 
_struct_ref.entity_id                  1 
_struct_ref.pdbx_seq_one_letter_code   
;AENESTPIQQLLEHFLRQLQRKDPHGFFAFPVTDAIAPGYSMIIKHPMDFGTMKDKIVANEYKSVTEFKADFKLMCDNAM
TYNRPDTVYYKLAKKILHAGFKMMSK
;
_struct_ref.pdbx_align_begin           134 
# 
_struct_ref_seq.align_id                      1 
_struct_ref_seq.ref_id                        1 
_struct_ref_seq.pdbx_PDB_id_code              9KLY 
_struct_ref_seq.pdbx_strand_id                A 
_struct_ref_seq.seq_align_beg                 24 
_struct_ref_seq.pdbx_seq_align_beg_ins_code   ? 
_struct_ref_seq.seq_align_end                 129 
_struct_ref_seq.pdbx_seq_align_end_ins_code   ? 
_struct_ref_seq.pdbx_db_accession             Q9H8M2 
_struct_ref_seq.db_align_beg                  134 
_struct_ref_seq.pdbx_db_align_beg_ins_code    ? 
_struct_ref_seq.db_align_end                  239 
_struct_ref_seq.pdbx_db_align_end_ins_code    ? 
_struct_ref_seq.pdbx_auth_seq_align_beg       134 
_struct_ref_seq.pdbx_auth_seq_align_end       239 
# 
loop_
_struct_ref_seq_dif.align_id 
_struct_ref_seq_dif.pdbx_pdb_id_code 
_struct_ref_seq_dif.mon_id 
_struct_ref_seq_dif.pdbx_pdb_strand_id 
_struct_ref_seq_dif.seq_num 
_struct_ref_seq_dif.pdbx_pdb_ins_code 
_struct_ref_seq_dif.pdbx_seq_db_name 
_struct_ref_seq_dif.pdbx_seq_db_accession_code 
_struct_ref_seq_dif.db_mon_id 
_struct_ref_seq_dif.pdbx_seq_db_seq_num 
_struct_ref_seq_dif.details 
_struct_ref_seq_dif.pdbx_auth_seq_num 
_struct_ref_seq_dif.pdbx_ordinal 
1 9KLY MET A 1   ? UNP Q9H8M2 ? ? 'initiating methionine' 111 1  
1 9KLY LYS A 2   ? UNP Q9H8M2 ? ? 'expression tag'        112 2  
1 9KLY LYS A 3   ? UNP Q9H8M2 ? ? 'expression tag'        113 3  
1 9KLY GLY A 4   ? UNP Q9H8M2 ? ? 'expression tag'        114 4  
1 9KLY HIS A 5   ? UNP Q9H8M2 ? ? 'expression tag'        115 5  
1 9KLY HIS A 6   ? UNP Q9H8M2 ? ? 'expression tag'        116 6  
1 9KLY HIS A 7   ? UNP Q9H8M2 ? ? 'expression tag'        117 7  
1 9KLY HIS A 8   ? UNP Q9H8M2 ? ? 'expression tag'        118 8  
1 9KLY HIS A 9   ? UNP Q9H8M2 ? ? 'expression tag'        119 9  
1 9KLY HIS A 10  ? UNP Q9H8M2 ? ? 'expression tag'        120 10 
1 9KLY GLU A 11  ? UNP Q9H8M2 ? ? 'expression tag'        121 11 
1 9KLY ASN A 12  ? UNP Q9H8M2 ? ? 'expression tag'        122 12 
1 9KLY LEU A 13  ? UNP Q9H8M2 ? ? 'expression tag'        123 13 
1 9KLY TYR A 14  ? UNP Q9H8M2 ? ? 'expression tag'        124 14 
1 9KLY PHE A 15  ? UNP Q9H8M2 ? ? 'expression tag'        125 15 
1 9KLY GLN A 16  ? UNP Q9H8M2 ? ? 'expression tag'        126 16 
1 9KLY GLY A 17  ? UNP Q9H8M2 ? ? 'expression tag'        127 17 
1 9KLY GLY A 18  ? UNP Q9H8M2 ? ? 'expression tag'        128 18 
1 9KLY SER A 19  ? UNP Q9H8M2 ? ? 'expression tag'        129 19 
1 9KLY LEU A 20  ? UNP Q9H8M2 ? ? 'expression tag'        130 20 
1 9KLY LYS A 21  ? UNP Q9H8M2 ? ? 'expression tag'        131 21 
1 9KLY LEU A 22  ? UNP Q9H8M2 ? ? 'expression tag'        132 22 
1 9KLY SER A 23  ? UNP Q9H8M2 ? ? 'expression tag'        133 23 
1 9KLY GLU A 130 ? UNP Q9H8M2 ? ? 'expression tag'        240 24 
1 9KLY ARG A 131 ? UNP Q9H8M2 ? ? 'expression tag'        241 25 
1 9KLY LEU A 132 ? UNP Q9H8M2 ? ? 'expression tag'        242 26 
1 9KLY LEU A 133 ? UNP Q9H8M2 ? ? 'expression tag'        243 27 
1 9KLY ALA A 134 ? UNP Q9H8M2 ? ? 'expression tag'        244 28 
1 9KLY LEU A 135 ? UNP Q9H8M2 ? ? 'expression tag'        245 29 
1 9KLY LYS A 136 ? UNP Q9H8M2 ? ? 'expression tag'        246 30 
1 9KLY ARG A 137 ? UNP Q9H8M2 ? ? 'expression tag'        247 31 
1 9KLY SER A 138 ? UNP Q9H8M2 ? ? 'expression tag'        248 32 
1 9KLY MET A 139 ? UNP Q9H8M2 ? ? 'expression tag'        249 33 
1 9KLY SER A 140 ? UNP Q9H8M2 ? ? 'expression tag'        250 34 
1 9KLY PHE A 141 ? UNP Q9H8M2 ? ? 'expression tag'        251 35 
1 9KLY MET A 142 ? UNP Q9H8M2 ? ? 'expression tag'        252 36 
1 9KLY GLN A 143 ? UNP Q9H8M2 ? ? 'expression tag'        253 37 
1 9KLY ASP A 144 ? UNP Q9H8M2 ? ? 'expression tag'        254 38 
1 9KLY MET A 145 ? UNP Q9H8M2 ? ? 'expression tag'        255 39 
1 9KLY ASP A 146 ? UNP Q9H8M2 ? ? 'expression tag'        256 40 
1 9KLY PHE A 147 ? UNP Q9H8M2 ? ? 'expression tag'        257 41 
1 9KLY SER A 148 ? UNP Q9H8M2 ? ? 'expression tag'        258 42 
1 9KLY GLN A 149 ? UNP Q9H8M2 ? ? 'expression tag'        259 43 
# 
_pdbx_struct_assembly.id                   1 
_pdbx_struct_assembly.details              author_defined_assembly 
_pdbx_struct_assembly.method_details       ? 
_pdbx_struct_assembly.oligomeric_details   monomeric 
_pdbx_struct_assembly.oligomeric_count     1 
# 
_pdbx_struct_assembly_gen.assembly_id       1 
_pdbx_struct_assembly_gen.oper_expression   1 
_pdbx_struct_assembly_gen.asym_id_list      A,B,C 
# 
_pdbx_struct_assembly_auth_evidence.id                     1 
_pdbx_struct_assembly_auth_evidence.assembly_id            1 
_pdbx_struct_assembly_auth_evidence.experimental_support   none 
_pdbx_struct_assembly_auth_evidence.details                ? 
# 
_pdbx_struct_oper_list.id                   1 
_pdbx_struct_oper_list.type                 'identity operation' 
_pdbx_struct_oper_list.name                 1_555 
_pdbx_struct_oper_list.symmetry_operation   x,y,z 
_pdbx_struct_oper_list.matrix[1][1]         1.0000000000 
_pdbx_struct_oper_list.matrix[1][2]         0.0000000000 
_pdbx_struct_oper_list.matrix[1][3]         0.0000000000 
_pdbx_struct_oper_list.vector[1]            0.0000000000 
_pdbx_struct_oper_list.matrix[2][1]         0.0000000000 
_pdbx_struct_oper_list.matrix[2][2]         1.0000000000 
_pdbx_struct_oper_list.matrix[2][3]         0.0000000000 
_pdbx_struct_oper_list.vector[2]            0.0000000000 
_pdbx_struct_oper_list.matrix[3][1]         0.0000000000 
_pdbx_struct_oper_list.matrix[3][2]         0.0000000000 
_pdbx_struct_oper_list.matrix[3][3]         1.0000000000 
_pdbx_struct_oper_list.vector[3]            0.0000000000 
# 
loop_
_struct_conf.conf_type_id 
_struct_conf.id 
_struct_conf.pdbx_PDB_helix_id 
_struct_conf.beg_label_comp_id 
_struct_conf.beg_label_asym_id 
_struct_conf.beg_label_seq_id 
_struct_conf.pdbx_beg_PDB_ins_code 
_struct_conf.end_label_comp_id 
_struct_conf.end_label_asym_id 
_struct_conf.end_label_seq_id 
_struct_conf.pdbx_end_PDB_ins_code 
_struct_conf.beg_auth_comp_id 
_struct_conf.beg_auth_asym_id 
_struct_conf.beg_auth_seq_id 
_struct_conf.end_auth_comp_id 
_struct_conf.end_auth_asym_id 
_struct_conf.end_auth_seq_id 
_struct_conf.pdbx_PDB_helix_class 
_struct_conf.details 
_struct_conf.pdbx_PDB_helix_length 
HELX_P HELX_P1 AA1 THR A 29  ? ARG A 44  ? THR A 139 ARG A 154 1 ? 16 
HELX_P HELX_P2 AA2 GLY A 62  ? ILE A 67  ? GLY A 172 ILE A 177 1 ? 6  
HELX_P HELX_P3 AA3 ASP A 72  ? ALA A 82  ? ASP A 182 ALA A 192 1 ? 11 
HELX_P HELX_P4 AA4 SER A 87  ? ASN A 106 ? SER A 197 ASN A 216 1 ? 20 
HELX_P HELX_P5 AA5 THR A 110 ? MET A 127 ? THR A 220 MET A 237 1 ? 18 
HELX_P HELX_P6 AA6 SER A 128 ? SER A 140 ? SER A 238 SER A 250 1 ? 13 
# 
_struct_conf_type.id          HELX_P 
_struct_conf_type.criteria    ? 
_struct_conf_type.reference   ? 
# 
_pdbx_entry_details.entry_id                   9KLY 
_pdbx_entry_details.nonpolymer_details         ? 
_pdbx_entry_details.sequence_details           ? 
_pdbx_entry_details.compound_details           ? 
_pdbx_entry_details.source_details             ? 
_pdbx_entry_details.has_ligand_of_interest     Y 
_pdbx_entry_details.has_protein_modification   N 
# 
_pdbx_validate_torsion.id              1 
_pdbx_validate_torsion.PDB_model_num   1 
_pdbx_validate_torsion.auth_comp_id    MET 
_pdbx_validate_torsion.auth_asym_id    A 
_pdbx_validate_torsion.auth_seq_id     249 
_pdbx_validate_torsion.PDB_ins_code    ? 
_pdbx_validate_torsion.label_alt_id    ? 
_pdbx_validate_torsion.phi             -64.05 
_pdbx_validate_torsion.psi             -72.63 
# 
loop_
_pdbx_unobs_or_zero_occ_residues.id 
_pdbx_unobs_or_zero_occ_residues.PDB_model_num 
_pdbx_unobs_or_zero_occ_residues.polymer_flag 
_pdbx_unobs_or_zero_occ_residues.occupancy_flag 
_pdbx_unobs_or_zero_occ_residues.auth_asym_id 
_pdbx_unobs_or_zero_occ_residues.auth_comp_id 
_pdbx_unobs_or_zero_occ_residues.auth_seq_id 
_pdbx_unobs_or_zero_occ_residues.PDB_ins_code 
_pdbx_unobs_or_zero_occ_residues.label_asym_id 
_pdbx_unobs_or_zero_occ_residues.label_comp_id 
_pdbx_unobs_or_zero_occ_residues.label_seq_id 
1  1 Y 1 A MET 111 ? A MET 1   
2  1 Y 1 A LYS 112 ? A LYS 2   
3  1 Y 1 A LYS 113 ? A LYS 3   
4  1 Y 1 A GLY 114 ? A GLY 4   
5  1 Y 1 A HIS 115 ? A HIS 5   
6  1 Y 1 A HIS 116 ? A HIS 6   
7  1 Y 1 A HIS 117 ? A HIS 7   
8  1 Y 1 A HIS 118 ? A HIS 8   
9  1 Y 1 A HIS 119 ? A HIS 9   
10 1 Y 1 A HIS 120 ? A HIS 10  
11 1 Y 1 A GLU 121 ? A GLU 11  
12 1 Y 1 A ASN 122 ? A ASN 12  
13 1 Y 1 A LEU 123 ? A LEU 13  
14 1 Y 1 A TYR 124 ? A TYR 14  
15 1 Y 1 A PHE 125 ? A PHE 15  
16 1 Y 1 A GLN 126 ? A GLN 16  
17 1 Y 1 A GLY 127 ? A GLY 17  
18 1 Y 1 A GLY 128 ? A GLY 18  
19 1 Y 1 A SER 129 ? A SER 19  
20 1 Y 1 A LEU 130 ? A LEU 20  
21 1 Y 1 A LYS 131 ? A LYS 21  
22 1 Y 1 A LEU 132 ? A LEU 22  
23 1 Y 1 A SER 133 ? A SER 23  
24 1 Y 1 A ALA 134 ? A ALA 24  
25 1 Y 1 A GLU 135 ? A GLU 25  
26 1 Y 1 A ASN 136 ? A ASN 26  
27 1 Y 1 A PHE 251 ? A PHE 141 
28 1 Y 1 A MET 252 ? A MET 142 
29 1 Y 1 A GLN 253 ? A GLN 143 
30 1 Y 1 A ASP 254 ? A ASP 144 
31 1 Y 1 A MET 255 ? A MET 145 
32 1 Y 1 A ASP 256 ? A ASP 146 
33 1 Y 1 A PHE 257 ? A PHE 147 
34 1 Y 1 A SER 258 ? A SER 148 
35 1 Y 1 A GLN 259 ? A GLN 149 
# 
loop_
_chem_comp_atom.comp_id 
_chem_comp_atom.atom_id 
_chem_comp_atom.type_symbol 
_chem_comp_atom.pdbx_aromatic_flag 
_chem_comp_atom.pdbx_stereo_config 
_chem_comp_atom.pdbx_ordinal 
A1EHA CAL  C N N 1   
A1EHA CAJ  C N N 2   
A1EHA OAK  O N N 3   
A1EHA CAG  C Y N 4   
A1EHA CAH  C Y N 5   
A1EHA NAE  N Y N 6   
A1EHA CAD  C Y N 7   
A1EHA CAC  C Y N 8   
A1EHA CAB  C Y N 9   
A1EHA CAA  C Y N 10  
A1EHA CAF  C Y N 11  
A1EHA CAI  C Y N 12  
A1EHA CAM  C Y N 13  
A1EHA CAR  C Y N 14  
A1EHA CAQ  C Y N 15  
A1EHA OAV  O N N 16  
A1EHA CAW  C N N 17  
A1EHA CAP  C Y N 18  
A1EHA CAS  C N S 19  
A1EHA CAT  C N N 20  
A1EHA OAU  O N N 21  
A1EHA CAO  C Y N 22  
A1EHA CAN  C Y N 23  
A1EHA OAX  O N N 24  
A1EHA CAY  C N N 25  
A1EHA H1   H N N 26  
A1EHA H2   H N N 27  
A1EHA H3   H N N 28  
A1EHA H4   H N N 29  
A1EHA H5   H N N 30  
A1EHA H6   H N N 31  
A1EHA H7   H N N 32  
A1EHA H8   H N N 33  
A1EHA H9   H N N 34  
A1EHA H10  H N N 35  
A1EHA H11  H N N 36  
A1EHA H12  H N N 37  
A1EHA H13  H N N 38  
A1EHA H14  H N N 39  
A1EHA H15  H N N 40  
A1EHA H16  H N N 41  
A1EHA H17  H N N 42  
A1EHA H18  H N N 43  
A1EHA H19  H N N 44  
A1EHA H20  H N N 45  
A1EHA H21  H N N 46  
ALA   N    N N N 47  
ALA   CA   C N S 48  
ALA   C    C N N 49  
ALA   O    O N N 50  
ALA   CB   C N N 51  
ALA   OXT  O N N 52  
ALA   H    H N N 53  
ALA   H2   H N N 54  
ALA   HA   H N N 55  
ALA   HB1  H N N 56  
ALA   HB2  H N N 57  
ALA   HB3  H N N 58  
ALA   HXT  H N N 59  
ARG   N    N N N 60  
ARG   CA   C N S 61  
ARG   C    C N N 62  
ARG   O    O N N 63  
ARG   CB   C N N 64  
ARG   CG   C N N 65  
ARG   CD   C N N 66  
ARG   NE   N N N 67  
ARG   CZ   C N N 68  
ARG   NH1  N N N 69  
ARG   NH2  N N N 70  
ARG   OXT  O N N 71  
ARG   H    H N N 72  
ARG   H2   H N N 73  
ARG   HA   H N N 74  
ARG   HB2  H N N 75  
ARG   HB3  H N N 76  
ARG   HG2  H N N 77  
ARG   HG3  H N N 78  
ARG   HD2  H N N 79  
ARG   HD3  H N N 80  
ARG   HE   H N N 81  
ARG   HH11 H N N 82  
ARG   HH12 H N N 83  
ARG   HH21 H N N 84  
ARG   HH22 H N N 85  
ARG   HXT  H N N 86  
ASN   N    N N N 87  
ASN   CA   C N S 88  
ASN   C    C N N 89  
ASN   O    O N N 90  
ASN   CB   C N N 91  
ASN   CG   C N N 92  
ASN   OD1  O N N 93  
ASN   ND2  N N N 94  
ASN   OXT  O N N 95  
ASN   H    H N N 96  
ASN   H2   H N N 97  
ASN   HA   H N N 98  
ASN   HB2  H N N 99  
ASN   HB3  H N N 100 
ASN   HD21 H N N 101 
ASN   HD22 H N N 102 
ASN   HXT  H N N 103 
ASP   N    N N N 104 
ASP   CA   C N S 105 
ASP   C    C N N 106 
ASP   O    O N N 107 
ASP   CB   C N N 108 
ASP   CG   C N N 109 
ASP   OD1  O N N 110 
ASP   OD2  O N N 111 
ASP   OXT  O N N 112 
ASP   H    H N N 113 
ASP   H2   H N N 114 
ASP   HA   H N N 115 
ASP   HB2  H N N 116 
ASP   HB3  H N N 117 
ASP   HD2  H N N 118 
ASP   HXT  H N N 119 
CYS   N    N N N 120 
CYS   CA   C N R 121 
CYS   C    C N N 122 
CYS   O    O N N 123 
CYS   CB   C N N 124 
CYS   SG   S N N 125 
CYS   OXT  O N N 126 
CYS   H    H N N 127 
CYS   H2   H N N 128 
CYS   HA   H N N 129 
CYS   HB2  H N N 130 
CYS   HB3  H N N 131 
CYS   HG   H N N 132 
CYS   HXT  H N N 133 
GLN   N    N N N 134 
GLN   CA   C N S 135 
GLN   C    C N N 136 
GLN   O    O N N 137 
GLN   CB   C N N 138 
GLN   CG   C N N 139 
GLN   CD   C N N 140 
GLN   OE1  O N N 141 
GLN   NE2  N N N 142 
GLN   OXT  O N N 143 
GLN   H    H N N 144 
GLN   H2   H N N 145 
GLN   HA   H N N 146 
GLN   HB2  H N N 147 
GLN   HB3  H N N 148 
GLN   HG2  H N N 149 
GLN   HG3  H N N 150 
GLN   HE21 H N N 151 
GLN   HE22 H N N 152 
GLN   HXT  H N N 153 
GLU   N    N N N 154 
GLU   CA   C N S 155 
GLU   C    C N N 156 
GLU   O    O N N 157 
GLU   CB   C N N 158 
GLU   CG   C N N 159 
GLU   CD   C N N 160 
GLU   OE1  O N N 161 
GLU   OE2  O N N 162 
GLU   OXT  O N N 163 
GLU   H    H N N 164 
GLU   H2   H N N 165 
GLU   HA   H N N 166 
GLU   HB2  H N N 167 
GLU   HB3  H N N 168 
GLU   HG2  H N N 169 
GLU   HG3  H N N 170 
GLU   HE2  H N N 171 
GLU   HXT  H N N 172 
GLY   N    N N N 173 
GLY   CA   C N N 174 
GLY   C    C N N 175 
GLY   O    O N N 176 
GLY   OXT  O N N 177 
GLY   H    H N N 178 
GLY   H2   H N N 179 
GLY   HA2  H N N 180 
GLY   HA3  H N N 181 
GLY   HXT  H N N 182 
HIS   N    N N N 183 
HIS   CA   C N S 184 
HIS   C    C N N 185 
HIS   O    O N N 186 
HIS   CB   C N N 187 
HIS   CG   C Y N 188 
HIS   ND1  N Y N 189 
HIS   CD2  C Y N 190 
HIS   CE1  C Y N 191 
HIS   NE2  N Y N 192 
HIS   OXT  O N N 193 
HIS   H    H N N 194 
HIS   H2   H N N 195 
HIS   HA   H N N 196 
HIS   HB2  H N N 197 
HIS   HB3  H N N 198 
HIS   HD1  H N N 199 
HIS   HD2  H N N 200 
HIS   HE1  H N N 201 
HIS   HE2  H N N 202 
HIS   HXT  H N N 203 
HOH   O    O N N 204 
HOH   H1   H N N 205 
HOH   H2   H N N 206 
ILE   N    N N N 207 
ILE   CA   C N S 208 
ILE   C    C N N 209 
ILE   O    O N N 210 
ILE   CB   C N S 211 
ILE   CG1  C N N 212 
ILE   CG2  C N N 213 
ILE   CD1  C N N 214 
ILE   OXT  O N N 215 
ILE   H    H N N 216 
ILE   H2   H N N 217 
ILE   HA   H N N 218 
ILE   HB   H N N 219 
ILE   HG12 H N N 220 
ILE   HG13 H N N 221 
ILE   HG21 H N N 222 
ILE   HG22 H N N 223 
ILE   HG23 H N N 224 
ILE   HD11 H N N 225 
ILE   HD12 H N N 226 
ILE   HD13 H N N 227 
ILE   HXT  H N N 228 
LEU   N    N N N 229 
LEU   CA   C N S 230 
LEU   C    C N N 231 
LEU   O    O N N 232 
LEU   CB   C N N 233 
LEU   CG   C N N 234 
LEU   CD1  C N N 235 
LEU   CD2  C N N 236 
LEU   OXT  O N N 237 
LEU   H    H N N 238 
LEU   H2   H N N 239 
LEU   HA   H N N 240 
LEU   HB2  H N N 241 
LEU   HB3  H N N 242 
LEU   HG   H N N 243 
LEU   HD11 H N N 244 
LEU   HD12 H N N 245 
LEU   HD13 H N N 246 
LEU   HD21 H N N 247 
LEU   HD22 H N N 248 
LEU   HD23 H N N 249 
LEU   HXT  H N N 250 
LYS   N    N N N 251 
LYS   CA   C N S 252 
LYS   C    C N N 253 
LYS   O    O N N 254 
LYS   CB   C N N 255 
LYS   CG   C N N 256 
LYS   CD   C N N 257 
LYS   CE   C N N 258 
LYS   NZ   N N N 259 
LYS   OXT  O N N 260 
LYS   H    H N N 261 
LYS   H2   H N N 262 
LYS   HA   H N N 263 
LYS   HB2  H N N 264 
LYS   HB3  H N N 265 
LYS   HG2  H N N 266 
LYS   HG3  H N N 267 
LYS   HD2  H N N 268 
LYS   HD3  H N N 269 
LYS   HE2  H N N 270 
LYS   HE3  H N N 271 
LYS   HZ1  H N N 272 
LYS   HZ2  H N N 273 
LYS   HZ3  H N N 274 
LYS   HXT  H N N 275 
MET   N    N N N 276 
MET   CA   C N S 277 
MET   C    C N N 278 
MET   O    O N N 279 
MET   CB   C N N 280 
MET   CG   C N N 281 
MET   SD   S N N 282 
MET   CE   C N N 283 
MET   OXT  O N N 284 
MET   H    H N N 285 
MET   H2   H N N 286 
MET   HA   H N N 287 
MET   HB2  H N N 288 
MET   HB3  H N N 289 
MET   HG2  H N N 290 
MET   HG3  H N N 291 
MET   HE1  H N N 292 
MET   HE2  H N N 293 
MET   HE3  H N N 294 
MET   HXT  H N N 295 
PHE   N    N N N 296 
PHE   CA   C N S 297 
PHE   C    C N N 298 
PHE   O    O N N 299 
PHE   CB   C N N 300 
PHE   CG   C Y N 301 
PHE   CD1  C Y N 302 
PHE   CD2  C Y N 303 
PHE   CE1  C Y N 304 
PHE   CE2  C Y N 305 
PHE   CZ   C Y N 306 
PHE   OXT  O N N 307 
PHE   H    H N N 308 
PHE   H2   H N N 309 
PHE   HA   H N N 310 
PHE   HB2  H N N 311 
PHE   HB3  H N N 312 
PHE   HD1  H N N 313 
PHE   HD2  H N N 314 
PHE   HE1  H N N 315 
PHE   HE2  H N N 316 
PHE   HZ   H N N 317 
PHE   HXT  H N N 318 
PRO   N    N N N 319 
PRO   CA   C N S 320 
PRO   C    C N N 321 
PRO   O    O N N 322 
PRO   CB   C N N 323 
PRO   CG   C N N 324 
PRO   CD   C N N 325 
PRO   OXT  O N N 326 
PRO   H    H N N 327 
PRO   HA   H N N 328 
PRO   HB2  H N N 329 
PRO   HB3  H N N 330 
PRO   HG2  H N N 331 
PRO   HG3  H N N 332 
PRO   HD2  H N N 333 
PRO   HD3  H N N 334 
PRO   HXT  H N N 335 
SER   N    N N N 336 
SER   CA   C N S 337 
SER   C    C N N 338 
SER   O    O N N 339 
SER   CB   C N N 340 
SER   OG   O N N 341 
SER   OXT  O N N 342 
SER   H    H N N 343 
SER   H2   H N N 344 
SER   HA   H N N 345 
SER   HB2  H N N 346 
SER   HB3  H N N 347 
SER   HG   H N N 348 
SER   HXT  H N N 349 
THR   N    N N N 350 
THR   CA   C N S 351 
THR   C    C N N 352 
THR   O    O N N 353 
THR   CB   C N R 354 
THR   OG1  O N N 355 
THR   CG2  C N N 356 
THR   OXT  O N N 357 
THR   H    H N N 358 
THR   H2   H N N 359 
THR   HA   H N N 360 
THR   HB   H N N 361 
THR   HG1  H N N 362 
THR   HG21 H N N 363 
THR   HG22 H N N 364 
THR   HG23 H N N 365 
THR   HXT  H N N 366 
TYR   N    N N N 367 
TYR   CA   C N S 368 
TYR   C    C N N 369 
TYR   O    O N N 370 
TYR   CB   C N N 371 
TYR   CG   C Y N 372 
TYR   CD1  C Y N 373 
TYR   CD2  C Y N 374 
TYR   CE1  C Y N 375 
TYR   CE2  C Y N 376 
TYR   CZ   C Y N 377 
TYR   OH   O N N 378 
TYR   OXT  O N N 379 
TYR   H    H N N 380 
TYR   H2   H N N 381 
TYR   HA   H N N 382 
TYR   HB2  H N N 383 
TYR   HB3  H N N 384 
TYR   HD1  H N N 385 
TYR   HD2  H N N 386 
TYR   HE1  H N N 387 
TYR   HE2  H N N 388 
TYR   HH   H N N 389 
TYR   HXT  H N N 390 
VAL   N    N N N 391 
VAL   CA   C N S 392 
VAL   C    C N N 393 
VAL   O    O N N 394 
VAL   CB   C N N 395 
VAL   CG1  C N N 396 
VAL   CG2  C N N 397 
VAL   OXT  O N N 398 
VAL   H    H N N 399 
VAL   H2   H N N 400 
VAL   HA   H N N 401 
VAL   HB   H N N 402 
VAL   HG11 H N N 403 
VAL   HG12 H N N 404 
VAL   HG13 H N N 405 
VAL   HG21 H N N 406 
VAL   HG22 H N N 407 
VAL   HG23 H N N 408 
VAL   HXT  H N N 409 
# 
loop_
_chem_comp_bond.comp_id 
_chem_comp_bond.atom_id_1 
_chem_comp_bond.atom_id_2 
_chem_comp_bond.value_order 
_chem_comp_bond.pdbx_aromatic_flag 
_chem_comp_bond.pdbx_stereo_config 
_chem_comp_bond.pdbx_ordinal 
A1EHA CAC CAB  sing Y N 1   
A1EHA CAC CAD  doub Y N 2   
A1EHA CAB CAA  doub Y N 3   
A1EHA CAD NAE  sing Y N 4   
A1EHA CAA CAF  sing Y N 5   
A1EHA NAE CAF  sing Y N 6   
A1EHA NAE CAG  sing Y N 7   
A1EHA CAW OAV  sing N N 8   
A1EHA CAF CAI  doub Y N 9   
A1EHA OAK CAJ  doub N N 10  
A1EHA CAG CAJ  sing N N 11  
A1EHA CAG CAH  doub Y N 12  
A1EHA CAJ CAL  sing N N 13  
A1EHA OAV CAQ  sing N N 14  
A1EHA CAR CAQ  doub Y N 15  
A1EHA CAR CAM  sing Y N 16  
A1EHA CAI CAH  sing Y N 17  
A1EHA CAI CAM  sing N N 18  
A1EHA CAQ CAP  sing Y N 19  
A1EHA CAM CAN  doub Y N 20  
A1EHA CAP CAS  sing N N 21  
A1EHA CAP CAO  doub Y N 22  
A1EHA CAN CAO  sing Y N 23  
A1EHA CAN OAX  sing N N 24  
A1EHA CAS CAT  sing N N 25  
A1EHA CAS OAU  sing N N 26  
A1EHA CAY OAX  sing N N 27  
A1EHA CAL H1   sing N N 28  
A1EHA CAL H2   sing N N 29  
A1EHA CAL H3   sing N N 30  
A1EHA CAH H4   sing N N 31  
A1EHA CAD H5   sing N N 32  
A1EHA CAC H6   sing N N 33  
A1EHA CAB H7   sing N N 34  
A1EHA CAA H8   sing N N 35  
A1EHA CAR H9   sing N N 36  
A1EHA CAW H10  sing N N 37  
A1EHA CAW H11  sing N N 38  
A1EHA CAW H12  sing N N 39  
A1EHA CAS H13  sing N N 40  
A1EHA CAT H14  sing N N 41  
A1EHA CAT H15  sing N N 42  
A1EHA CAT H16  sing N N 43  
A1EHA OAU H17  sing N N 44  
A1EHA CAO H18  sing N N 45  
A1EHA CAY H19  sing N N 46  
A1EHA CAY H20  sing N N 47  
A1EHA CAY H21  sing N N 48  
ALA   N   CA   sing N N 49  
ALA   N   H    sing N N 50  
ALA   N   H2   sing N N 51  
ALA   CA  C    sing N N 52  
ALA   CA  CB   sing N N 53  
ALA   CA  HA   sing N N 54  
ALA   C   O    doub N N 55  
ALA   C   OXT  sing N N 56  
ALA   CB  HB1  sing N N 57  
ALA   CB  HB2  sing N N 58  
ALA   CB  HB3  sing N N 59  
ALA   OXT HXT  sing N N 60  
ARG   N   CA   sing N N 61  
ARG   N   H    sing N N 62  
ARG   N   H2   sing N N 63  
ARG   CA  C    sing N N 64  
ARG   CA  CB   sing N N 65  
ARG   CA  HA   sing N N 66  
ARG   C   O    doub N N 67  
ARG   C   OXT  sing N N 68  
ARG   CB  CG   sing N N 69  
ARG   CB  HB2  sing N N 70  
ARG   CB  HB3  sing N N 71  
ARG   CG  CD   sing N N 72  
ARG   CG  HG2  sing N N 73  
ARG   CG  HG3  sing N N 74  
ARG   CD  NE   sing N N 75  
ARG   CD  HD2  sing N N 76  
ARG   CD  HD3  sing N N 77  
ARG   NE  CZ   sing N N 78  
ARG   NE  HE   sing N N 79  
ARG   CZ  NH1  sing N N 80  
ARG   CZ  NH2  doub N N 81  
ARG   NH1 HH11 sing N N 82  
ARG   NH1 HH12 sing N N 83  
ARG   NH2 HH21 sing N N 84  
ARG   NH2 HH22 sing N N 85  
ARG   OXT HXT  sing N N 86  
ASN   N   CA   sing N N 87  
ASN   N   H    sing N N 88  
ASN   N   H2   sing N N 89  
ASN   CA  C    sing N N 90  
ASN   CA  CB   sing N N 91  
ASN   CA  HA   sing N N 92  
ASN   C   O    doub N N 93  
ASN   C   OXT  sing N N 94  
ASN   CB  CG   sing N N 95  
ASN   CB  HB2  sing N N 96  
ASN   CB  HB3  sing N N 97  
ASN   CG  OD1  doub N N 98  
ASN   CG  ND2  sing N N 99  
ASN   ND2 HD21 sing N N 100 
ASN   ND2 HD22 sing N N 101 
ASN   OXT HXT  sing N N 102 
ASP   N   CA   sing N N 103 
ASP   N   H    sing N N 104 
ASP   N   H2   sing N N 105 
ASP   CA  C    sing N N 106 
ASP   CA  CB   sing N N 107 
ASP   CA  HA   sing N N 108 
ASP   C   O    doub N N 109 
ASP   C   OXT  sing N N 110 
ASP   CB  CG   sing N N 111 
ASP   CB  HB2  sing N N 112 
ASP   CB  HB3  sing N N 113 
ASP   CG  OD1  doub N N 114 
ASP   CG  OD2  sing N N 115 
ASP   OD2 HD2  sing N N 116 
ASP   OXT HXT  sing N N 117 
CYS   N   CA   sing N N 118 
CYS   N   H    sing N N 119 
CYS   N   H2   sing N N 120 
CYS   CA  C    sing N N 121 
CYS   CA  CB   sing N N 122 
CYS   CA  HA   sing N N 123 
CYS   C   O    doub N N 124 
CYS   C   OXT  sing N N 125 
CYS   CB  SG   sing N N 126 
CYS   CB  HB2  sing N N 127 
CYS   CB  HB3  sing N N 128 
CYS   SG  HG   sing N N 129 
CYS   OXT HXT  sing N N 130 
GLN   N   CA   sing N N 131 
GLN   N   H    sing N N 132 
GLN   N   H2   sing N N 133 
GLN   CA  C    sing N N 134 
GLN   CA  CB   sing N N 135 
GLN   CA  HA   sing N N 136 
GLN   C   O    doub N N 137 
GLN   C   OXT  sing N N 138 
GLN   CB  CG   sing N N 139 
GLN   CB  HB2  sing N N 140 
GLN   CB  HB3  sing N N 141 
GLN   CG  CD   sing N N 142 
GLN   CG  HG2  sing N N 143 
GLN   CG  HG3  sing N N 144 
GLN   CD  OE1  doub N N 145 
GLN   CD  NE2  sing N N 146 
GLN   NE2 HE21 sing N N 147 
GLN   NE2 HE22 sing N N 148 
GLN   OXT HXT  sing N N 149 
GLU   N   CA   sing N N 150 
GLU   N   H    sing N N 151 
GLU   N   H2   sing N N 152 
GLU   CA  C    sing N N 153 
GLU   CA  CB   sing N N 154 
GLU   CA  HA   sing N N 155 
GLU   C   O    doub N N 156 
GLU   C   OXT  sing N N 157 
GLU   CB  CG   sing N N 158 
GLU   CB  HB2  sing N N 159 
GLU   CB  HB3  sing N N 160 
GLU   CG  CD   sing N N 161 
GLU   CG  HG2  sing N N 162 
GLU   CG  HG3  sing N N 163 
GLU   CD  OE1  doub N N 164 
GLU   CD  OE2  sing N N 165 
GLU   OE2 HE2  sing N N 166 
GLU   OXT HXT  sing N N 167 
GLY   N   CA   sing N N 168 
GLY   N   H    sing N N 169 
GLY   N   H2   sing N N 170 
GLY   CA  C    sing N N 171 
GLY   CA  HA2  sing N N 172 
GLY   CA  HA3  sing N N 173 
GLY   C   O    doub N N 174 
GLY   C   OXT  sing N N 175 
GLY   OXT HXT  sing N N 176 
HIS   N   CA   sing N N 177 
HIS   N   H    sing N N 178 
HIS   N   H2   sing N N 179 
HIS   CA  C    sing N N 180 
HIS   CA  CB   sing N N 181 
HIS   CA  HA   sing N N 182 
HIS   C   O    doub N N 183 
HIS   C   OXT  sing N N 184 
HIS   CB  CG   sing N N 185 
HIS   CB  HB2  sing N N 186 
HIS   CB  HB3  sing N N 187 
HIS   CG  ND1  sing Y N 188 
HIS   CG  CD2  doub Y N 189 
HIS   ND1 CE1  doub Y N 190 
HIS   ND1 HD1  sing N N 191 
HIS   CD2 NE2  sing Y N 192 
HIS   CD2 HD2  sing N N 193 
HIS   CE1 NE2  sing Y N 194 
HIS   CE1 HE1  sing N N 195 
HIS   NE2 HE2  sing N N 196 
HIS   OXT HXT  sing N N 197 
HOH   O   H1   sing N N 198 
HOH   O   H2   sing N N 199 
ILE   N   CA   sing N N 200 
ILE   N   H    sing N N 201 
ILE   N   H2   sing N N 202 
ILE   CA  C    sing N N 203 
ILE   CA  CB   sing N N 204 
ILE   CA  HA   sing N N 205 
ILE   C   O    doub N N 206 
ILE   C   OXT  sing N N 207 
ILE   CB  CG1  sing N N 208 
ILE   CB  CG2  sing N N 209 
ILE   CB  HB   sing N N 210 
ILE   CG1 CD1  sing N N 211 
ILE   CG1 HG12 sing N N 212 
ILE   CG1 HG13 sing N N 213 
ILE   CG2 HG21 sing N N 214 
ILE   CG2 HG22 sing N N 215 
ILE   CG2 HG23 sing N N 216 
ILE   CD1 HD11 sing N N 217 
ILE   CD1 HD12 sing N N 218 
ILE   CD1 HD13 sing N N 219 
ILE   OXT HXT  sing N N 220 
LEU   N   CA   sing N N 221 
LEU   N   H    sing N N 222 
LEU   N   H2   sing N N 223 
LEU   CA  C    sing N N 224 
LEU   CA  CB   sing N N 225 
LEU   CA  HA   sing N N 226 
LEU   C   O    doub N N 227 
LEU   C   OXT  sing N N 228 
LEU   CB  CG   sing N N 229 
LEU   CB  HB2  sing N N 230 
LEU   CB  HB3  sing N N 231 
LEU   CG  CD1  sing N N 232 
LEU   CG  CD2  sing N N 233 
LEU   CG  HG   sing N N 234 
LEU   CD1 HD11 sing N N 235 
LEU   CD1 HD12 sing N N 236 
LEU   CD1 HD13 sing N N 237 
LEU   CD2 HD21 sing N N 238 
LEU   CD2 HD22 sing N N 239 
LEU   CD2 HD23 sing N N 240 
LEU   OXT HXT  sing N N 241 
LYS   N   CA   sing N N 242 
LYS   N   H    sing N N 243 
LYS   N   H2   sing N N 244 
LYS   CA  C    sing N N 245 
LYS   CA  CB   sing N N 246 
LYS   CA  HA   sing N N 247 
LYS   C   O    doub N N 248 
LYS   C   OXT  sing N N 249 
LYS   CB  CG   sing N N 250 
LYS   CB  HB2  sing N N 251 
LYS   CB  HB3  sing N N 252 
LYS   CG  CD   sing N N 253 
LYS   CG  HG2  sing N N 254 
LYS   CG  HG3  sing N N 255 
LYS   CD  CE   sing N N 256 
LYS   CD  HD2  sing N N 257 
LYS   CD  HD3  sing N N 258 
LYS   CE  NZ   sing N N 259 
LYS   CE  HE2  sing N N 260 
LYS   CE  HE3  sing N N 261 
LYS   NZ  HZ1  sing N N 262 
LYS   NZ  HZ2  sing N N 263 
LYS   NZ  HZ3  sing N N 264 
LYS   OXT HXT  sing N N 265 
MET   N   CA   sing N N 266 
MET   N   H    sing N N 267 
MET   N   H2   sing N N 268 
MET   CA  C    sing N N 269 
MET   CA  CB   sing N N 270 
MET   CA  HA   sing N N 271 
MET   C   O    doub N N 272 
MET   C   OXT  sing N N 273 
MET   CB  CG   sing N N 274 
MET   CB  HB2  sing N N 275 
MET   CB  HB3  sing N N 276 
MET   CG  SD   sing N N 277 
MET   CG  HG2  sing N N 278 
MET   CG  HG3  sing N N 279 
MET   SD  CE   sing N N 280 
MET   CE  HE1  sing N N 281 
MET   CE  HE2  sing N N 282 
MET   CE  HE3  sing N N 283 
MET   OXT HXT  sing N N 284 
PHE   N   CA   sing N N 285 
PHE   N   H    sing N N 286 
PHE   N   H2   sing N N 287 
PHE   CA  C    sing N N 288 
PHE   CA  CB   sing N N 289 
PHE   CA  HA   sing N N 290 
PHE   C   O    doub N N 291 
PHE   C   OXT  sing N N 292 
PHE   CB  CG   sing N N 293 
PHE   CB  HB2  sing N N 294 
PHE   CB  HB3  sing N N 295 
PHE   CG  CD1  doub Y N 296 
PHE   CG  CD2  sing Y N 297 
PHE   CD1 CE1  sing Y N 298 
PHE   CD1 HD1  sing N N 299 
PHE   CD2 CE2  doub Y N 300 
PHE   CD2 HD2  sing N N 301 
PHE   CE1 CZ   doub Y N 302 
PHE   CE1 HE1  sing N N 303 
PHE   CE2 CZ   sing Y N 304 
PHE   CE2 HE2  sing N N 305 
PHE   CZ  HZ   sing N N 306 
PHE   OXT HXT  sing N N 307 
PRO   N   CA   sing N N 308 
PRO   N   CD   sing N N 309 
PRO   N   H    sing N N 310 
PRO   CA  C    sing N N 311 
PRO   CA  CB   sing N N 312 
PRO   CA  HA   sing N N 313 
PRO   C   O    doub N N 314 
PRO   C   OXT  sing N N 315 
PRO   CB  CG   sing N N 316 
PRO   CB  HB2  sing N N 317 
PRO   CB  HB3  sing N N 318 
PRO   CG  CD   sing N N 319 
PRO   CG  HG2  sing N N 320 
PRO   CG  HG3  sing N N 321 
PRO   CD  HD2  sing N N 322 
PRO   CD  HD3  sing N N 323 
PRO   OXT HXT  sing N N 324 
SER   N   CA   sing N N 325 
SER   N   H    sing N N 326 
SER   N   H2   sing N N 327 
SER   CA  C    sing N N 328 
SER   CA  CB   sing N N 329 
SER   CA  HA   sing N N 330 
SER   C   O    doub N N 331 
SER   C   OXT  sing N N 332 
SER   CB  OG   sing N N 333 
SER   CB  HB2  sing N N 334 
SER   CB  HB3  sing N N 335 
SER   OG  HG   sing N N 336 
SER   OXT HXT  sing N N 337 
THR   N   CA   sing N N 338 
THR   N   H    sing N N 339 
THR   N   H2   sing N N 340 
THR   CA  C    sing N N 341 
THR   CA  CB   sing N N 342 
THR   CA  HA   sing N N 343 
THR   C   O    doub N N 344 
THR   C   OXT  sing N N 345 
THR   CB  OG1  sing N N 346 
THR   CB  CG2  sing N N 347 
THR   CB  HB   sing N N 348 
THR   OG1 HG1  sing N N 349 
THR   CG2 HG21 sing N N 350 
THR   CG2 HG22 sing N N 351 
THR   CG2 HG23 sing N N 352 
THR   OXT HXT  sing N N 353 
TYR   N   CA   sing N N 354 
TYR   N   H    sing N N 355 
TYR   N   H2   sing N N 356 
TYR   CA  C    sing N N 357 
TYR   CA  CB   sing N N 358 
TYR   CA  HA   sing N N 359 
TYR   C   O    doub N N 360 
TYR   C   OXT  sing N N 361 
TYR   CB  CG   sing N N 362 
TYR   CB  HB2  sing N N 363 
TYR   CB  HB3  sing N N 364 
TYR   CG  CD1  doub Y N 365 
TYR   CG  CD2  sing Y N 366 
TYR   CD1 CE1  sing Y N 367 
TYR   CD1 HD1  sing N N 368 
TYR   CD2 CE2  doub Y N 369 
TYR   CD2 HD2  sing N N 370 
TYR   CE1 CZ   doub Y N 371 
TYR   CE1 HE1  sing N N 372 
TYR   CE2 CZ   sing Y N 373 
TYR   CE2 HE2  sing N N 374 
TYR   CZ  OH   sing N N 375 
TYR   OH  HH   sing N N 376 
TYR   OXT HXT  sing N N 377 
VAL   N   CA   sing N N 378 
VAL   N   H    sing N N 379 
VAL   N   H2   sing N N 380 
VAL   CA  C    sing N N 381 
VAL   CA  CB   sing N N 382 
VAL   CA  HA   sing N N 383 
VAL   C   O    doub N N 384 
VAL   C   OXT  sing N N 385 
VAL   CB  CG1  sing N N 386 
VAL   CB  CG2  sing N N 387 
VAL   CB  HB   sing N N 388 
VAL   CG1 HG11 sing N N 389 
VAL   CG1 HG12 sing N N 390 
VAL   CG1 HG13 sing N N 391 
VAL   CG2 HG21 sing N N 392 
VAL   CG2 HG22 sing N N 393 
VAL   CG2 HG23 sing N N 394 
VAL   OXT HXT  sing N N 395 
# 
_pdbx_audit_support.funding_organization   'Ministry of Science and Technology (MoST, China)' 
_pdbx_audit_support.country                China 
_pdbx_audit_support.grant_number           2022YFE0210600 
_pdbx_audit_support.ordinal                1 
# 
_pdbx_initial_refinement_model.id               1 
_pdbx_initial_refinement_model.entity_id_list   ? 
_pdbx_initial_refinement_model.type             'experimental model' 
_pdbx_initial_refinement_model.source_name      PDB 
_pdbx_initial_refinement_model.accession_code   6v1b 
_pdbx_initial_refinement_model.details          ? 
# 
_atom_sites.entry_id                    9KLY 
_atom_sites.Cartn_transf_matrix[1][1]   ? 
_atom_sites.Cartn_transf_matrix[1][2]   ? 
_atom_sites.Cartn_transf_matrix[1][3]   ? 
_atom_sites.Cartn_transf_matrix[2][1]   ? 
_atom_sites.Cartn_transf_matrix[2][2]   ? 
_atom_sites.Cartn_transf_matrix[2][3]   ? 
_atom_sites.Cartn_transf_matrix[3][1]   ? 
_atom_sites.Cartn_transf_matrix[3][2]   ? 
_atom_sites.Cartn_transf_matrix[3][3]   ? 
_atom_sites.Cartn_transf_vector[1]      ? 
_atom_sites.Cartn_transf_vector[2]      ? 
_atom_sites.Cartn_transf_vector[3]      ? 
_atom_sites.Cartn_transform_axes        ? 
_atom_sites.fract_transf_matrix[1][1]   0.00787151 
_atom_sites.fract_transf_matrix[1][2]   0.01744290 
_atom_sites.fract_transf_matrix[1][3]   0.01229862 
_atom_sites.fract_transf_matrix[2][1]   -0.00470917 
_atom_sites.fract_transf_matrix[2][2]   0.01232889 
_atom_sites.fract_transf_matrix[2][3]   -0.01447182 
_atom_sites.fract_transf_matrix[3][1]   -0.01408857 
_atom_sites.fract_transf_matrix[3][2]   0.00195255 
_atom_sites.fract_transf_matrix[3][3]   0.00624788 
_atom_sites.fract_transf_vector[1]      0.097532 
_atom_sites.fract_transf_vector[2]      -0.123211 
_atom_sites.fract_transf_vector[3]      -0.022785 
_atom_sites.solution_primary            ? 
_atom_sites.solution_secondary          ? 
_atom_sites.solution_hydrogens          ? 
_atom_sites.special_details             ? 
# 
loop_
_atom_type.symbol 
C 
N 
O 
S 
# 
loop_
_atom_site.group_PDB 
_atom_site.id 
_atom_site.type_symbol 
_atom_site.label_atom_id 
_atom_site.label_alt_id 
_atom_site.label_comp_id 
_atom_site.label_asym_id 
_atom_site.label_entity_id 
_atom_site.label_seq_id 
_atom_site.pdbx_PDB_ins_code 
_atom_site.Cartn_x 
_atom_site.Cartn_y 
_atom_site.Cartn_z 
_atom_site.occupancy 
_atom_site.B_iso_or_equiv 
_atom_site.pdbx_formal_charge 
_atom_site.auth_seq_id 
_atom_site.auth_comp_id 
_atom_site.auth_asym_id 
_atom_site.auth_atom_id 
_atom_site.pdbx_PDB_model_num 
ATOM   1   N N   . GLU   A 1 27  ? -18.675 4.524   13.751  1.00 71.54 ? 137 GLU   A N   1 
ATOM   2   C CA  . GLU   A 1 27  ? -19.134 3.515   12.751  1.00 70.15 ? 137 GLU   A CA  1 
ATOM   3   C C   . GLU   A 1 27  ? -18.409 3.637   11.403  1.00 63.94 ? 137 GLU   A C   1 
ATOM   4   O O   . GLU   A 1 27  ? -18.311 4.734   10.839  1.00 66.15 ? 137 GLU   A O   1 
ATOM   5   C CB  . GLU   A 1 27  ? -20.659 3.621   12.533  1.00 74.27 ? 137 GLU   A CB  1 
ATOM   6   C CG  . GLU   A 1 27  ? -21.452 2.457   13.109  1.00 78.39 ? 137 GLU   A CG  1 
ATOM   7   C CD  . GLU   A 1 27  ? -20.933 1.110   12.634  1.00 81.63 ? 137 GLU   A CD  1 
ATOM   8   O OE1 . GLU   A 1 27  ? -20.876 0.887   11.403  1.00 83.69 ? 137 GLU   A OE1 1 
ATOM   9   O OE2 . GLU   A 1 27  ? -20.561 0.284   13.493  1.00 86.67 ? 137 GLU   A OE2 1 
ATOM   10  N N   . SER   A 1 28  ? -17.951 2.500   10.873  1.00 51.44 ? 138 SER   A N   1 
ATOM   11  C CA  . SER   A 1 28  ? -17.218 2.469   9.604   1.00 44.94 ? 138 SER   A CA  1 
ATOM   12  C C   . SER   A 1 28  ? -18.059 2.875   8.390   1.00 38.05 ? 138 SER   A C   1 
ATOM   13  O O   . SER   A 1 28  ? -19.107 2.315   8.147   1.00 35.64 ? 138 SER   A O   1 
ATOM   14  C CB  . SER   A 1 28  ? -16.627 1.075   9.334   1.00 46.12 ? 138 SER   A CB  1 
ATOM   15  O OG  . SER   A 1 28  ? -15.262 1.020   9.690   1.00 50.04 ? 138 SER   A OG  1 
ATOM   16  N N   . THR   A 1 29  ? -17.548 3.812   7.602   1.00 33.99 ? 139 THR   A N   1 
ATOM   17  C CA  . THR   A 1 29  ? -18.183 4.173   6.333   1.00 32.29 ? 139 THR   A CA  1 
ATOM   18  C C   . THR   A 1 29  ? -17.887 3.104   5.265   1.00 31.37 ? 139 THR   A C   1 
ATOM   19  O O   . THR   A 1 29  ? -16.964 2.297   5.439   1.00 28.49 ? 139 THR   A O   1 
ATOM   20  C CB  . THR   A 1 29  ? -17.690 5.543   5.856   1.00 32.12 ? 139 THR   A CB  1 
ATOM   21  O OG1 . THR   A 1 29  ? -16.330 5.447   5.421   1.00 30.43 ? 139 THR   A OG1 1 
ATOM   22  C CG2 . THR   A 1 29  ? -17.808 6.572   7.001   1.00 31.99 ? 139 THR   A CG2 1 
ATOM   23  N N   . PRO   A 1 30  ? -18.657 3.090   4.163   1.00 30.41 ? 140 PRO   A N   1 
ATOM   24  C CA  . PRO   A 1 30  ? -18.393 2.119   3.103   1.00 30.71 ? 140 PRO   A CA  1 
ATOM   25  C C   . PRO   A 1 30  ? -16.967 2.128   2.535   1.00 31.14 ? 140 PRO   A C   1 
ATOM   26  O O   . PRO   A 1 30  ? -16.404 1.066   2.282   1.00 27.19 ? 140 PRO   A O   1 
ATOM   27  C CB  . PRO   A 1 30  ? -19.387 2.525   2.020   1.00 31.39 ? 140 PRO   A CB  1 
ATOM   28  C CG  . PRO   A 1 30  ? -20.564 3.037   2.798   1.00 31.35 ? 140 PRO   A CG  1 
ATOM   29  C CD  . PRO   A 1 30  ? -19.979 3.724   3.997   1.00 31.33 ? 140 PRO   A CD  1 
ATOM   30  N N   . ILE   A 1 31  ? -16.397 3.308   2.304   1.00 30.29 ? 141 ILE   A N   1 
ATOM   31  C CA  . ILE   A 1 31  ? -15.021 3.348   1.811   1.00 30.98 ? 141 ILE   A CA  1 
ATOM   32  C C   . ILE   A 1 31  ? -14.010 2.857   2.870   1.00 27.68 ? 141 ILE   A C   1 
ATOM   33  O O   . ILE   A 1 31  ? -12.992 2.257   2.528   1.00 25.24 ? 141 ILE   A O   1 
ATOM   34  C CB  . ILE   A 1 31  ? -14.631 4.712   1.230   1.00 32.12 ? 141 ILE   A CB  1 
ATOM   35  C CG1 . ILE   A 1 31  ? -13.336 4.555   0.395   1.00 36.81 ? 141 ILE   A CG1 1 
ATOM   36  C CG2 . ILE   A 1 31  ? -14.486 5.751   2.324   1.00 32.35 ? 141 ILE   A CG2 1 
ATOM   37  C CD1 . ILE   A 1 31  ? -13.023 5.716   -0.524  1.00 38.47 ? 141 ILE   A CD1 1 
ATOM   38  N N   . GLN   A 1 32  ? -14.295 3.101   4.149   1.00 27.14 ? 142 GLN   A N   1 
ATOM   39  C CA  . GLN   A 1 32  ? -13.438 2.598   5.213   1.00 27.07 ? 142 GLN   A CA  1 
ATOM   40  C C   . GLN   A 1 32  ? -13.433 1.071   5.253   1.00 27.31 ? 142 GLN   A C   1 
ATOM   41  O O   . GLN   A 1 32  ? -12.385 0.458   5.399   1.00 27.79 ? 142 GLN   A O   1 
ATOM   42  C CB  . GLN   A 1 32  ? -13.837 3.160   6.574   1.00 27.28 ? 142 GLN   A CB  1 
ATOM   43  C CG  . GLN   A 1 32  ? -13.417 4.594   6.786   1.00 27.47 ? 142 GLN   A CG  1 
ATOM   44  C CD  . GLN   A 1 32  ? -13.875 5.124   8.125   1.00 28.59 ? 142 GLN   A CD  1 
ATOM   45  O OE1 . GLN   A 1 32  ? -15.025 4.929   8.529   1.00 30.25 ? 142 GLN   A OE1 1 
ATOM   46  N NE2 . GLN   A 1 32  ? -12.976 5.794   8.822   1.00 25.54 ? 142 GLN   A NE2 1 
ATOM   47  N N   . GLN   A 1 33  ? -14.612 0.473   5.131   1.00 29.28 ? 143 GLN   A N   1 
ATOM   48  C CA  . GLN   A 1 33  ? -14.755 -0.987  5.057   1.00 32.46 ? 143 GLN   A CA  1 
ATOM   49  C C   . GLN   A 1 33  ? -13.984 -1.580  3.876   1.00 32.14 ? 143 GLN   A C   1 
ATOM   50  O O   . GLN   A 1 33  ? -13.240 -2.543  4.022   1.00 33.07 ? 143 GLN   A O   1 
ATOM   51  C CB  . GLN   A 1 33  ? -16.225 -1.369  4.927   1.00 33.47 ? 143 GLN   A CB  1 
ATOM   52  C CG  . GLN   A 1 33  ? -17.060 -1.074  6.147   1.00 38.02 ? 143 GLN   A CG  1 
ATOM   53  C CD  . GLN   A 1 33  ? -18.466 -1.618  5.984   1.00 42.36 ? 143 GLN   A CD  1 
ATOM   54  O OE1 . GLN   A 1 33  ? -19.391 -0.890  5.656   1.00 47.25 ? 143 GLN   A OE1 1 
ATOM   55  N NE2 . GLN   A 1 33  ? -18.616 -2.919  6.174   1.00 45.50 ? 143 GLN   A NE2 1 
ATOM   56  N N   . LEU   A 1 34  ? -14.175 -0.980  2.710   1.00 29.25 ? 144 LEU   A N   1 
ATOM   57  C CA  . LEU   A 1 34  ? -13.540 -1.452  1.487   1.00 30.36 ? 144 LEU   A CA  1 
ATOM   58  C C   . LEU   A 1 34  ? -12.008 -1.382  1.551   1.00 28.09 ? 144 LEU   A C   1 
ATOM   59  O O   . LEU   A 1 34  ? -11.302 -2.346  1.207   1.00 24.68 ? 144 LEU   A O   1 
ATOM   60  C CB  . LEU   A 1 34  ? -14.052 -0.613  0.311   1.00 32.83 ? 144 LEU   A CB  1 
ATOM   61  C CG  . LEU   A 1 34  ? -14.099 -1.184  -1.095  1.00 37.14 ? 144 LEU   A CG  1 
ATOM   62  C CD1 . LEU   A 1 34  ? -15.036 -2.385  -1.167  1.00 35.98 ? 144 LEU   A CD1 1 
ATOM   63  C CD2 . LEU   A 1 34  ? -14.571 -0.081  -2.048  1.00 38.57 ? 144 LEU   A CD2 1 
ATOM   64  N N   . LEU   A 1 35  ? -11.489 -0.241  1.981   1.00 26.29 ? 145 LEU   A N   1 
ATOM   65  C CA  . LEU   A 1 35  ? -10.047 -0.042  1.954   1.00 26.75 ? 145 LEU   A CA  1 
ATOM   66  C C   . LEU   A 1 35  ? -9.359  -0.767  3.102   1.00 27.38 ? 145 LEU   A C   1 
ATOM   67  O O   . LEU   A 1 35  ? -8.254  -1.293  2.933   1.00 24.52 ? 145 LEU   A O   1 
ATOM   68  C CB  . LEU   A 1 35  ? -9.710  1.435   1.960   1.00 27.33 ? 145 LEU   A CB  1 
ATOM   69  C CG  . LEU   A 1 35  ? -10.250 2.184   0.739   1.00 28.39 ? 145 LEU   A CG  1 
ATOM   70  C CD1 . LEU   A 1 35  ? -9.876  3.659   0.858   1.00 29.28 ? 145 LEU   A CD1 1 
ATOM   71  C CD2 . LEU   A 1 35  ? -9.732  1.584   -0.565  1.00 28.64 ? 145 LEU   A CD2 1 
ATOM   72  N N   . GLU   A 1 36  ? -10.011 -0.826  4.258   1.00 26.41 ? 146 GLU   A N   1 
ATOM   73  C CA  . GLU   A 1 36  ? -9.504  -1.659  5.346   1.00 30.04 ? 146 GLU   A CA  1 
ATOM   74  C C   . GLU   A 1 36  ? -9.388  -3.114  4.896   1.00 27.00 ? 146 GLU   A C   1 
ATOM   75  O O   . GLU   A 1 36  ? -8.413  -3.785  5.195   1.00 26.08 ? 146 GLU   A O   1 
ATOM   76  C CB  . GLU   A 1 36  ? -10.412 -1.547  6.552   1.00 34.59 ? 146 GLU   A CB  1 
ATOM   77  C CG  . GLU   A 1 36  ? -9.916  -2.282  7.763   1.00 42.97 ? 146 GLU   A CG  1 
ATOM   78  C CD  . GLU   A 1 36  ? -10.318 -1.569  9.032   1.00 51.14 ? 146 GLU   A CD  1 
ATOM   79  O OE1 . GLU   A 1 36  ? -11.304 -2.015  9.667   1.00 53.78 ? 146 GLU   A OE1 1 
ATOM   80  O OE2 . GLU   A 1 36  ? -9.665  -0.541  9.354   1.00 56.85 ? 146 GLU   A OE2 1 
ATOM   81  N N   . HIS   A 1 37  ? -10.391 -3.583  4.161   1.00 25.97 ? 147 HIS   A N   1 
ATOM   82  C CA  . HIS   A 1 37  ? -10.385 -4.926  3.575   1.00 24.78 ? 147 HIS   A CA  1 
ATOM   83  C C   . HIS   A 1 37  ? -9.126  -5.139  2.693   1.00 24.68 ? 147 HIS   A C   1 
ATOM   84  O O   . HIS   A 1 37  ? -8.267  -6.006  2.978   1.00 21.80 ? 147 HIS   A O   1 
ATOM   85  C CB  . HIS   A 1 37  ? -11.684 -5.121  2.775   1.00 24.77 ? 147 HIS   A CB  1 
ATOM   86  C CG  . HIS   A 1 37  ? -11.714 -6.388  2.007   1.00 24.12 ? 147 HIS   A CG  1 
ATOM   87  N ND1 . HIS   A 1 37  ? -11.562 -7.617  2.610   1.00 24.16 ? 147 HIS   A ND1 1 
ATOM   88  C CD2 . HIS   A 1 37  ? -11.787 -6.620  0.681   1.00 23.90 ? 147 HIS   A CD2 1 
ATOM   89  C CE1 . HIS   A 1 37  ? -11.562 -8.556  1.687   1.00 23.15 ? 147 HIS   A CE1 1 
ATOM   90  N NE2 . HIS   A 1 37  ? -11.707 -7.980  0.509   1.00 24.33 ? 147 HIS   A NE2 1 
ATOM   91  N N   . PHE   A 1 38  ? -8.973  -4.295  1.673   1.00 23.32 ? 148 PHE   A N   1 
ATOM   92  C CA  . PHE   A 1 38  ? -7.786  -4.370  0.834   1.00 24.57 ? 148 PHE   A CA  1 
ATOM   93  C C   . PHE   A 1 38  ? -6.505  -4.223  1.609   1.00 24.75 ? 148 PHE   A C   1 
ATOM   94  O O   . PHE   A 1 38  ? -5.540  -4.939  1.337   1.00 23.81 ? 148 PHE   A O   1 
ATOM   95  C CB  . PHE   A 1 38  ? -7.789  -3.330  -0.286  1.00 26.52 ? 148 PHE   A CB  1 
ATOM   96  C CG  . PHE   A 1 38  ? -8.889  -3.500  -1.269  1.00 27.80 ? 148 PHE   A CG  1 
ATOM   97  C CD1 . PHE   A 1 38  ? -9.349  -4.773  -1.646  1.00 28.13 ? 148 PHE   A CD1 1 
ATOM   98  C CD2 . PHE   A 1 38  ? -9.452  -2.392  -1.849  1.00 27.89 ? 148 PHE   A CD2 1 
ATOM   99  C CE1 . PHE   A 1 38  ? -10.359 -4.913  -2.569  1.00 29.55 ? 148 PHE   A CE1 1 
ATOM   100 C CE2 . PHE   A 1 38  ? -10.455 -2.533  -2.778  1.00 28.84 ? 148 PHE   A CE2 1 
ATOM   101 C CZ  . PHE   A 1 38  ? -10.918 -3.788  -3.135  1.00 29.19 ? 148 PHE   A CZ  1 
ATOM   102 N N   . LEU   A 1 39  ? -6.482  -3.292  2.558   1.00 24.60 ? 149 LEU   A N   1 
ATOM   103 C CA  . LEU   A 1 39  ? -5.273  -3.054  3.318   1.00 25.69 ? 149 LEU   A CA  1 
ATOM   104 C C   . LEU   A 1 39  ? -4.816  -4.290  4.072   1.00 25.15 ? 149 LEU   A C   1 
ATOM   105 O O   . LEU   A 1 39  ? -3.636  -4.625  4.049   1.00 23.88 ? 149 LEU   A O   1 
ATOM   106 C CB  . LEU   A 1 39  ? -5.442  -1.891  4.297   1.00 27.42 ? 149 LEU   A CB  1 
ATOM   107 C CG  . LEU   A 1 39  ? -4.170  -1.591  5.121   1.00 28.31 ? 149 LEU   A CG  1 
ATOM   108 C CD1 . LEU   A 1 39  ? -2.985  -1.262  4.214   1.00 28.27 ? 149 LEU   A CD1 1 
ATOM   109 C CD2 . LEU   A 1 39  ? -4.406  -0.457  6.093   1.00 29.37 ? 149 LEU   A CD2 1 
ATOM   110 N N   . ARG   A 1 40  ? -5.750  -4.951  4.744   1.00 26.04 ? 150 ARG   A N   1 
ATOM   111 C CA  . ARG   A 1 40  ? -5.437  -6.184  5.475   1.00 28.65 ? 150 ARG   A CA  1 
ATOM   112 C C   . ARG   A 1 40  ? -5.068  -7.369  4.590   1.00 27.87 ? 150 ARG   A C   1 
ATOM   113 O O   . ARG   A 1 40  ? -4.176  -8.123  4.935   1.00 29.21 ? 150 ARG   A O   1 
ATOM   114 C CB  . ARG   A 1 40  ? -6.563  -6.503  6.446   1.00 33.30 ? 150 ARG   A CB  1 
ATOM   115 C CG  . ARG   A 1 40  ? -6.453  -5.594  7.658   1.00 39.65 ? 150 ARG   A CG  1 
ATOM   116 C CD  . ARG   A 1 40  ? -7.775  -5.187  8.255   1.00 48.19 ? 150 ARG   A CD  1 
ATOM   117 N NE  . ARG   A 1 40  ? -8.443  -6.313  8.893   1.00 54.43 ? 150 ARG   A NE  1 
ATOM   118 C CZ  . ARG   A 1 40  ? -9.205  -6.254  9.989   1.00 60.91 ? 150 ARG   A CZ  1 
ATOM   119 N NH1 . ARG   A 1 40  ? -9.421  -5.107  10.637  1.00 61.33 ? 150 ARG   A NH1 1 
ATOM   120 N NH2 . ARG   A 1 40  ? -9.757  -7.379  10.452  1.00 63.17 ? 150 ARG   A NH2 1 
ATOM   121 N N   . GLN   A 1 41  ? -5.680  -7.491  3.422   1.00 26.35 ? 151 GLN   A N   1 
ATOM   122 C CA  . GLN   A 1 41  ? -5.242  -8.481  2.429   1.00 28.53 ? 151 GLN   A CA  1 
ATOM   123 C C   . GLN   A 1 41  ? -3.801  -8.217  2.007   1.00 27.59 ? 151 GLN   A C   1 
ATOM   124 O O   . GLN   A 1 41  ? -2.991  -9.141  1.951   1.00 26.14 ? 151 GLN   A O   1 
ATOM   125 C CB  . GLN   A 1 41  ? -6.131  -8.453  1.167   1.00 28.62 ? 151 GLN   A CB  1 
ATOM   126 C CG  . GLN   A 1 41  ? -7.574  -8.889  1.365   1.00 28.30 ? 151 GLN   A CG  1 
ATOM   127 C CD  . GLN   A 1 41  ? -8.336  -8.917  0.054   1.00 28.56 ? 151 GLN   A CD  1 
ATOM   128 O OE1 . GLN   A 1 41  ? -8.147  -8.044  -0.804  1.00 25.98 ? 151 GLN   A OE1 1 
ATOM   129 N NE2 . GLN   A 1 41  ? -9.202  -9.928  -0.116  1.00 27.69 ? 151 GLN   A NE2 1 
ATOM   130 N N   . LEU   A 1 42  ? -3.483  -6.949  1.740   1.00 28.25 ? 152 LEU   A N   1 
ATOM   131 C CA  . LEU   A 1 42  ? -2.138  -6.547  1.267   1.00 27.98 ? 152 LEU   A CA  1 
ATOM   132 C C   . LEU   A 1 42  ? -1.100  -6.763  2.336   1.00 29.37 ? 152 LEU   A C   1 
ATOM   133 O O   . LEU   A 1 42  ? 0.034   -7.173  2.047   1.00 26.63 ? 152 LEU   A O   1 
ATOM   134 C CB  . LEU   A 1 42  ? -2.101  -5.066  0.837   1.00 28.33 ? 152 LEU   A CB  1 
ATOM   135 C CG  . LEU   A 1 42  ? -2.869  -4.699  -0.430  1.00 29.44 ? 152 LEU   A CG  1 
ATOM   136 C CD1 . LEU   A 1 42  ? -3.113  -3.189  -0.516  1.00 29.22 ? 152 LEU   A CD1 1 
ATOM   137 C CD2 . LEU   A 1 42  ? -2.129  -5.194  -1.662  1.00 30.40 ? 152 LEU   A CD2 1 
ATOM   138 N N   . GLN   A 1 43  ? -1.485  -6.485  3.581   1.00 32.39 ? 153 GLN   A N   1 
ATOM   139 C CA  . GLN   A 1 43  ? -0.559  -6.642  4.712   1.00 35.35 ? 153 GLN   A CA  1 
ATOM   140 C C   . GLN   A 1 43  ? -0.145  -8.118  4.936   1.00 33.27 ? 153 GLN   A C   1 
ATOM   141 O O   . GLN   A 1 43  ? 0.964   -8.419  5.393   1.00 32.43 ? 153 GLN   A O   1 
ATOM   142 C CB  . GLN   A 1 43  ? -1.161  -5.987  5.968   1.00 37.09 ? 153 GLN   A CB  1 
ATOM   143 C CG  . GLN   A 1 43  ? -0.126  -5.421  6.914   1.00 41.33 ? 153 GLN   A CG  1 
ATOM   144 C CD  . GLN   A 1 43  ? -0.368  -3.975  7.363   1.00 43.59 ? 153 GLN   A CD  1 
ATOM   145 O OE1 . GLN   A 1 43  ? -1.506  -3.484  7.441   1.00 40.99 ? 153 GLN   A OE1 1 
ATOM   146 N NE2 . GLN   A 1 43  ? 0.733   -3.296  7.699   1.00 39.30 ? 153 GLN   A NE2 1 
ATOM   147 N N   . ARG   A 1 44  ? -1.006  -9.045  4.563   1.00 34.21 ? 154 ARG   A N   1 
ATOM   148 C CA  . ARG   A 1 44  ? -0.655  -10.458 4.667   1.00 36.93 ? 154 ARG   A CA  1 
ATOM   149 C C   . ARG   A 1 44  ? 0.345   -10.939 3.621   1.00 35.11 ? 154 ARG   A C   1 
ATOM   150 O O   . ARG   A 1 44  ? 0.970   -11.965 3.815   1.00 37.93 ? 154 ARG   A O   1 
ATOM   151 C CB  . ARG   A 1 44  ? -1.911  -11.312 4.762   1.00 40.68 ? 154 ARG   A CB  1 
ATOM   152 C CG  . ARG   A 1 44  ? -2.551  -11.092 6.140   1.00 46.58 ? 154 ARG   A CG  1 
ATOM   153 C CD  . ARG   A 1 44  ? -3.756  -11.951 6.416   1.00 49.01 ? 154 ARG   A CD  1 
ATOM   154 N NE  . ARG   A 1 44  ? -3.523  -13.355 6.082   1.00 51.50 ? 154 ARG   A NE  1 
ATOM   155 C CZ  . ARG   A 1 44  ? -4.481  -14.279 6.054   1.00 51.82 ? 154 ARG   A CZ  1 
ATOM   156 N NH1 . ARG   A 1 44  ? -4.180  -15.533 5.719   1.00 53.45 ? 154 ARG   A NH1 1 
ATOM   157 N NH2 . ARG   A 1 44  ? -5.741  -13.959 6.362   1.00 54.12 ? 154 ARG   A NH2 1 
ATOM   158 N N   . LYS   A 1 45  ? 0.587   -10.151 2.576   1.00 31.94 ? 155 LYS   A N   1 
ATOM   159 C CA  . LYS   A 1 45  ? 1.683   -10.420 1.650   1.00 30.07 ? 155 LYS   A CA  1 
ATOM   160 C C   . LYS   A 1 45  ? 3.057   -9.964  2.189   1.00 30.13 ? 155 LYS   A C   1 
ATOM   161 O O   . LYS   A 1 45  ? 4.056   -10.119 1.498   1.00 29.54 ? 155 LYS   A O   1 
ATOM   162 C CB  . LYS   A 1 45  ? 1.399   -9.745  0.301   1.00 29.96 ? 155 LYS   A CB  1 
ATOM   163 C CG  . LYS   A 1 45  ? 0.116   -10.188 -0.396  1.00 31.55 ? 155 LYS   A CG  1 
ATOM   164 C CD  . LYS   A 1 45  ? 0.087   -11.690 -0.601  1.00 32.14 ? 155 LYS   A CD  1 
ATOM   165 C CE  . LYS   A 1 45  ? -0.949  -12.131 -1.622  1.00 32.78 ? 155 LYS   A CE  1 
ATOM   166 N NZ  . LYS   A 1 45  ? -1.054  -13.617 -1.619  1.00 32.35 ? 155 LYS   A NZ  1 
ATOM   167 N N   . ASP   A 1 46  ? 3.092   -9.363  3.383   1.00 28.81 ? 156 ASP   A N   1 
ATOM   168 C CA  . ASP   A 1 46  ? 4.304   -8.784  3.975   1.00 31.10 ? 156 ASP   A CA  1 
ATOM   169 C C   . ASP   A 1 46  ? 4.438   -9.256  5.432   1.00 31.56 ? 156 ASP   A C   1 
ATOM   170 O O   . ASP   A 1 46  ? 4.358   -8.443  6.363   1.00 29.24 ? 156 ASP   A O   1 
ATOM   171 C CB  . ASP   A 1 46  ? 4.214   -7.243  3.900   1.00 32.15 ? 156 ASP   A CB  1 
ATOM   172 C CG  . ASP   A 1 46  ? 5.370   -6.526  4.602   1.00 32.15 ? 156 ASP   A CG  1 
ATOM   173 O OD1 . ASP   A 1 46  ? 6.529   -7.029  4.537   1.00 34.93 ? 156 ASP   A OD1 1 
ATOM   174 O OD2 . ASP   A 1 46  ? 5.114   -5.455  5.228   1.00 28.87 ? 156 ASP   A OD2 1 
ATOM   175 N N   . PRO   A 1 47  ? 4.627   -10.575 5.636   1.00 32.85 ? 157 PRO   A N   1 
ATOM   176 C CA  . PRO   A 1 47  ? 4.616   -11.150 6.994   1.00 33.50 ? 157 PRO   A CA  1 
ATOM   177 C C   . PRO   A 1 47  ? 5.732   -10.635 7.934   1.00 33.34 ? 157 PRO   A C   1 
ATOM   178 O O   . PRO   A 1 47  ? 5.556   -10.694 9.146   1.00 37.15 ? 157 PRO   A O   1 
ATOM   179 C CB  . PRO   A 1 47  ? 4.781   -12.662 6.726   1.00 32.53 ? 157 PRO   A CB  1 
ATOM   180 C CG  . PRO   A 1 47  ? 5.489   -12.742 5.424   1.00 31.94 ? 157 PRO   A CG  1 
ATOM   181 C CD  . PRO   A 1 47  ? 4.927   -11.603 4.619   1.00 32.91 ? 157 PRO   A CD  1 
ATOM   182 N N   . HIS   A 1 48  ? 6.853   -10.157 7.388   1.00 34.95 ? 158 HIS   A N   1 
ATOM   183 C CA  . HIS   A 1 48  ? 7.946   -9.556  8.189   1.00 37.41 ? 158 HIS   A CA  1 
ATOM   184 C C   . HIS   A 1 48  ? 7.758   -8.057  8.460   1.00 36.93 ? 158 HIS   A C   1 
ATOM   185 O O   . HIS   A 1 48  ? 8.580   -7.448  9.136   1.00 39.51 ? 158 HIS   A O   1 
ATOM   186 C CB  . HIS   A 1 48  ? 9.311   -9.764  7.508   1.00 43.32 ? 158 HIS   A CB  1 
ATOM   187 C CG  . HIS   A 1 48  ? 9.628   -11.199 7.208   1.00 46.75 ? 158 HIS   A CG  1 
ATOM   188 N ND1 . HIS   A 1 48  ? 9.973   -12.106 8.188   1.00 49.31 ? 158 HIS   A ND1 1 
ATOM   189 C CD2 . HIS   A 1 48  ? 9.640   -11.885 6.040   1.00 49.19 ? 158 HIS   A CD2 1 
ATOM   190 C CE1 . HIS   A 1 48  ? 10.182  -13.288 7.636   1.00 50.55 ? 158 HIS   A CE1 1 
ATOM   191 N NE2 . HIS   A 1 48  ? 9.984   -13.181 6.335   1.00 48.98 ? 158 HIS   A NE2 1 
ATOM   192 N N   . GLY   A 1 49  ? 6.697   -7.457  7.926   1.00 32.80 ? 159 GLY   A N   1 
ATOM   193 C CA  . GLY   A 1 49  ? 6.383   -6.067  8.209   1.00 31.72 ? 159 GLY   A CA  1 
ATOM   194 C C   . GLY   A 1 49  ? 7.395   -5.061  7.686   1.00 28.36 ? 159 GLY   A C   1 
ATOM   195 O O   . GLY   A 1 49  ? 7.600   -4.025  8.308   1.00 29.31 ? 159 GLY   A O   1 
ATOM   196 N N   . PHE   A 1 50  ? 8.036   -5.356  6.564   1.00 27.64 ? 160 PHE   A N   1 
ATOM   197 C CA  . PHE   A 1 50  ? 9.009   -4.425  5.945   1.00 27.47 ? 160 PHE   A CA  1 
ATOM   198 C C   . PHE   A 1 50  ? 8.333   -3.183  5.382   1.00 27.19 ? 160 PHE   A C   1 
ATOM   199 O O   . PHE   A 1 50  ? 8.964   -2.119  5.285   1.00 28.99 ? 160 PHE   A O   1 
ATOM   200 C CB  . PHE   A 1 50  ? 9.816   -5.112  4.823   1.00 29.35 ? 160 PHE   A CB  1 
ATOM   201 C CG  . PHE   A 1 50  ? 10.738  -6.225  5.286   1.00 29.92 ? 160 PHE   A CG  1 
ATOM   202 C CD1 . PHE   A 1 50  ? 11.401  -6.176  6.502   1.00 28.60 ? 160 PHE   A CD1 1 
ATOM   203 C CD2 . PHE   A 1 50  ? 10.986  -7.315  4.445   1.00 32.33 ? 160 PHE   A CD2 1 
ATOM   204 C CE1 . PHE   A 1 50  ? 12.265  -7.208  6.886   1.00 30.02 ? 160 PHE   A CE1 1 
ATOM   205 C CE2 . PHE   A 1 50  ? 11.850  -8.344  4.828   1.00 32.00 ? 160 PHE   A CE2 1 
ATOM   206 C CZ  . PHE   A 1 50  ? 12.491  -8.287  6.049   1.00 30.14 ? 160 PHE   A CZ  1 
ATOM   207 N N   . PHE   A 1 51  ? 7.050   -3.308  5.026   1.00 26.07 ? 161 PHE   A N   1 
ATOM   208 C CA  . PHE   A 1 51  ? 6.218   -2.185  4.615   1.00 26.88 ? 161 PHE   A CA  1 
ATOM   209 C C   . PHE   A 1 51  ? 5.234   -1.657  5.691   1.00 26.76 ? 161 PHE   A C   1 
ATOM   210 O O   . PHE   A 1 51  ? 4.434   -0.771  5.404   1.00 25.91 ? 161 PHE   A O   1 
ATOM   211 C CB  . PHE   A 1 51  ? 5.483   -2.563  3.328   1.00 28.35 ? 161 PHE   A CB  1 
ATOM   212 C CG  . PHE   A 1 51  ? 6.417   -2.822  2.186   1.00 30.80 ? 161 PHE   A CG  1 
ATOM   213 C CD1 . PHE   A 1 51  ? 6.849   -1.779  1.375   1.00 33.08 ? 161 PHE   A CD1 1 
ATOM   214 C CD2 . PHE   A 1 51  ? 6.929   -4.100  1.967   1.00 33.31 ? 161 PHE   A CD2 1 
ATOM   215 C CE1 . PHE   A 1 51  ? 7.757   -2.007  0.343   1.00 34.05 ? 161 PHE   A CE1 1 
ATOM   216 C CE2 . PHE   A 1 51  ? 7.830   -4.346  0.940   1.00 33.41 ? 161 PHE   A CE2 1 
ATOM   217 C CZ  . PHE   A 1 51  ? 8.241   -3.302  0.121   1.00 35.77 ? 161 PHE   A CZ  1 
ATOM   218 N N   . ALA   A 1 52  ? 5.309   -2.163  6.921   1.00 27.04 ? 162 ALA   A N   1 
ATOM   219 C CA  . ALA   A 1 52  ? 4.314   -1.809  7.952   1.00 26.61 ? 162 ALA   A CA  1 
ATOM   220 C C   . ALA   A 1 52  ? 4.424   -0.338  8.403   1.00 26.04 ? 162 ALA   A C   1 
ATOM   221 O O   . ALA   A 1 52  ? 3.411   0.347   8.610   1.00 24.85 ? 162 ALA   A O   1 
ATOM   222 C CB  . ALA   A 1 52  ? 4.436   -2.751  9.131   1.00 27.67 ? 162 ALA   A CB  1 
ATOM   223 N N   . PHE   A 1 53  ? 5.650   0.175   8.463   1.00 24.62 ? 163 PHE   A N   1 
ATOM   224 C CA  . PHE   A 1 53  ? 5.906   1.492   9.020   1.00 25.50 ? 163 PHE   A CA  1 
ATOM   225 C C   . PHE   A 1 53  ? 6.982   2.202   8.182   1.00 25.00 ? 163 PHE   A C   1 
ATOM   226 O O   . PHE   A 1 53  ? 7.621   1.563   7.350   1.00 23.19 ? 163 PHE   A O   1 
ATOM   227 C CB  . PHE   A 1 53  ? 6.320   1.315   10.488  1.00 25.95 ? 163 PHE   A CB  1 
ATOM   228 C CG  . PHE   A 1 53  ? 5.213   0.789   11.345  1.00 28.36 ? 163 PHE   A CG  1 
ATOM   229 C CD1 . PHE   A 1 53  ? 4.125   1.603   11.666  1.00 27.76 ? 163 PHE   A CD1 1 
ATOM   230 C CD2 . PHE   A 1 53  ? 5.225   -0.520  11.818  1.00 28.63 ? 163 PHE   A CD2 1 
ATOM   231 C CE1 . PHE   A 1 53  ? 3.069   1.120   12.443  1.00 30.31 ? 163 PHE   A CE1 1 
ATOM   232 C CE2 . PHE   A 1 53  ? 4.180   -1.004  12.601  1.00 30.14 ? 163 PHE   A CE2 1 
ATOM   233 C CZ  . PHE   A 1 53  ? 3.095   -0.187  12.910  1.00 29.59 ? 163 PHE   A CZ  1 
ATOM   234 N N   . PRO   A 1 54  ? 7.180   3.518   8.390   1.00 25.59 ? 164 PRO   A N   1 
ATOM   235 C CA  . PRO   A 1 54  ? 8.034   4.244   7.427   1.00 26.33 ? 164 PRO   A CA  1 
ATOM   236 C C   . PRO   A 1 54  ? 9.522   3.865   7.431   1.00 26.75 ? 164 PRO   A C   1 
ATOM   237 O O   . PRO   A 1 54  ? 10.096  3.496   8.477   1.00 22.57 ? 164 PRO   A O   1 
ATOM   238 C CB  . PRO   A 1 54  ? 7.866   5.726   7.830   1.00 25.84 ? 164 PRO   A CB  1 
ATOM   239 C CG  . PRO   A 1 54  ? 6.636   5.787   8.677   1.00 26.24 ? 164 PRO   A CG  1 
ATOM   240 C CD  . PRO   A 1 54  ? 6.562   4.439   9.368   1.00 26.55 ? 164 PRO   A CD  1 
ATOM   241 N N   . VAL   A 1 55  ? 10.135  3.995   6.253   1.00 27.65 ? 165 VAL   A N   1 
ATOM   242 C CA  . VAL   A 1 55  ? 11.581  3.898   6.117   1.00 28.06 ? 165 VAL   A CA  1 
ATOM   243 C C   . VAL   A 1 55  ? 12.099  5.270   6.534   1.00 27.74 ? 165 VAL   A C   1 
ATOM   244 O O   . VAL   A 1 55  ? 11.409  6.258   6.356   1.00 28.41 ? 165 VAL   A O   1 
ATOM   245 C CB  . VAL   A 1 55  ? 12.037  3.612   4.664   1.00 29.48 ? 165 VAL   A CB  1 
ATOM   246 C CG1 . VAL   A 1 55  ? 13.529  3.340   4.617   1.00 30.89 ? 165 VAL   A CG1 1 
ATOM   247 C CG2 . VAL   A 1 55  ? 11.262  2.453   4.053   1.00 29.59 ? 165 VAL   A CG2 1 
ATOM   248 N N   . THR   A 1 56  ? 13.295  5.325   7.120   1.00 26.84 ? 166 THR   A N   1 
ATOM   249 C CA  . THR   A 1 56  ? 13.922  6.594   7.478   1.00 27.44 ? 166 THR   A CA  1 
ATOM   250 C C   . THR   A 1 56  ? 15.377  6.593   7.016   1.00 28.45 ? 166 THR   A C   1 
ATOM   251 O O   . THR   A 1 56  ? 15.973  5.529   6.753   1.00 27.19 ? 166 THR   A O   1 
ATOM   252 C CB  . THR   A 1 56  ? 13.866  6.845   9.008   1.00 28.40 ? 166 THR   A CB  1 
ATOM   253 O OG1 . THR   A 1 56  ? 14.721  5.916   9.681   1.00 28.17 ? 166 THR   A OG1 1 
ATOM   254 C CG2 . THR   A 1 56  ? 12.456  6.655   9.542   1.00 29.39 ? 166 THR   A CG2 1 
ATOM   255 N N   . ASP   A 1 57  ? 15.940  7.791   6.929   1.00 30.16 ? 167 ASP   A N   1 
ATOM   256 C CA  . ASP   A 1 57  ? 17.362  7.979   6.634   1.00 33.06 ? 167 ASP   A CA  1 
ATOM   257 C C   . ASP   A 1 57  ? 18.278  7.262   7.626   1.00 32.38 ? 167 ASP   A C   1 
ATOM   258 O O   . ASP   A 1 57  ? 19.331  6.752   7.241   1.00 31.74 ? 167 ASP   A O   1 
ATOM   259 C CB  . ASP   A 1 57  ? 17.730  9.466   6.637   1.00 36.64 ? 167 ASP   A CB  1 
ATOM   260 C CG  . ASP   A 1 57  ? 16.925  10.269  5.633   1.00 41.74 ? 167 ASP   A CG  1 
ATOM   261 O OD1 . ASP   A 1 57  ? 16.429  9.681   4.652   1.00 46.91 ? 167 ASP   A OD1 1 
ATOM   262 O OD2 . ASP   A 1 57  ? 16.762  11.492  5.838   1.00 45.93 ? 167 ASP   A OD2 1 
ATOM   263 N N   . ALA   A 1 58  ? 17.868  7.203   8.890   1.00 31.66 ? 168 ALA   A N   1 
ATOM   264 C CA  . ALA   A 1 58  ? 18.694  6.570   9.936   1.00 32.65 ? 168 ALA   A CA  1 
ATOM   265 C C   . ALA   A 1 58  ? 19.041  5.136   9.584   1.00 32.31 ? 168 ALA   A C   1 
ATOM   266 O O   . ALA   A 1 58  ? 20.132  4.674   9.851   1.00 34.48 ? 168 ALA   A O   1 
ATOM   267 C CB  . ALA   A 1 58  ? 17.988  6.627   11.283  1.00 31.43 ? 168 ALA   A CB  1 
ATOM   268 N N   . ILE   A 1 59  ? 18.101  4.459   8.944   1.00 34.51 ? 169 ILE   A N   1 
ATOM   269 C CA  . ILE   A 1 59  ? 18.209  3.060   8.564   1.00 36.19 ? 169 ILE   A CA  1 
ATOM   270 C C   . ILE   A 1 59  ? 18.531  2.866   7.065   1.00 36.87 ? 169 ILE   A C   1 
ATOM   271 O O   . ILE   A 1 59  ? 19.078  1.840   6.686   1.00 35.53 ? 169 ILE   A O   1 
ATOM   272 C CB  . ILE   A 1 59  ? 16.891  2.355   9.014   1.00 39.25 ? 169 ILE   A CB  1 
ATOM   273 C CG1 . ILE   A 1 59  ? 17.211  1.163   9.869   1.00 41.85 ? 169 ILE   A CG1 1 
ATOM   274 C CG2 . ILE   A 1 59  ? 15.904  2.041   7.880   1.00 39.63 ? 169 ILE   A CG2 1 
ATOM   275 C CD1 . ILE   A 1 59  ? 17.772  1.559   11.217  1.00 44.43 ? 169 ILE   A CD1 1 
ATOM   276 N N   . ALA   A 1 60  ? 18.170  3.837   6.227   1.00 35.73 ? 170 ALA   A N   1 
ATOM   277 C CA  . ALA   A 1 60  ? 18.350  3.763   4.776   1.00 33.42 ? 170 ALA   A CA  1 
ATOM   278 C C   . ALA   A 1 60  ? 18.992  5.071   4.338   1.00 31.38 ? 170 ALA   A C   1 
ATOM   279 O O   . ALA   A 1 60  ? 18.284  6.040   4.079   1.00 30.79 ? 170 ALA   A O   1 
ATOM   280 C CB  . ALA   A 1 60  ? 17.004  3.551   4.095   1.00 33.82 ? 170 ALA   A CB  1 
ATOM   281 N N   . PRO   A 1 61  ? 20.341  5.122   4.310   1.00 30.59 ? 171 PRO   A N   1 
ATOM   282 C CA  . PRO   A 1 61  ? 21.075  6.344   3.966   1.00 31.83 ? 171 PRO   A CA  1 
ATOM   283 C C   . PRO   A 1 61  ? 20.570  6.973   2.680   1.00 29.99 ? 171 PRO   A C   1 
ATOM   284 O O   . PRO   A 1 61  ? 20.360  6.271   1.692   1.00 30.62 ? 171 PRO   A O   1 
ATOM   285 C CB  . PRO   A 1 61  ? 22.511  5.844   3.774   1.00 33.88 ? 171 PRO   A CB  1 
ATOM   286 C CG  . PRO   A 1 61  ? 22.592  4.708   4.740   1.00 33.56 ? 171 PRO   A CG  1 
ATOM   287 C CD  . PRO   A 1 61  ? 21.264  4.013   4.599   1.00 31.66 ? 171 PRO   A CD  1 
ATOM   288 N N   . GLY   A 1 62  ? 20.313  8.264   2.729   1.00 29.44 ? 172 GLY   A N   1 
ATOM   289 C CA  . GLY   A 1 62  ? 19.907  9.014   1.550   1.00 30.53 ? 172 GLY   A CA  1 
ATOM   290 C C   . GLY   A 1 62  ? 18.423  8.965   1.248   1.00 29.68 ? 172 GLY   A C   1 
ATOM   291 O O   . GLY   A 1 62  ? 17.997  9.600   0.289   1.00 27.31 ? 172 GLY   A O   1 
ATOM   292 N N   . TYR   A 1 63  ? 17.631  8.269   2.077   1.00 28.10 ? 173 TYR   A N   1 
ATOM   293 C CA  . TYR   A 1 63  ? 16.247  7.946   1.734   1.00 26.58 ? 173 TYR   A CA  1 
ATOM   294 C C   . TYR   A 1 63  ? 15.385  9.167   1.395   1.00 25.69 ? 173 TYR   A C   1 
ATOM   295 O O   . TYR   A 1 63  ? 14.695  9.165   0.383   1.00 25.22 ? 173 TYR   A O   1 
ATOM   296 C CB  . TYR   A 1 63  ? 15.555  7.143   2.855   1.00 27.88 ? 173 TYR   A CB  1 
ATOM   297 C CG  . TYR   A 1 63  ? 14.288  6.513   2.383   1.00 26.74 ? 173 TYR   A CG  1 
ATOM   298 C CD1 . TYR   A 1 63  ? 14.321  5.327   1.658   1.00 28.70 ? 173 TYR   A CD1 1 
ATOM   299 C CD2 . TYR   A 1 63  ? 13.062  7.119   2.602   1.00 28.32 ? 173 TYR   A CD2 1 
ATOM   300 C CE1 . TYR   A 1 63  ? 13.165  4.744   1.173   1.00 28.70 ? 173 TYR   A CE1 1 
ATOM   301 C CE2 . TYR   A 1 63  ? 11.892  6.544   2.132   1.00 28.74 ? 173 TYR   A CE2 1 
ATOM   302 C CZ  . TYR   A 1 63  ? 11.949  5.357   1.421   1.00 29.02 ? 173 TYR   A CZ  1 
ATOM   303 O OH  . TYR   A 1 63  ? 10.794  4.774   0.954   1.00 30.06 ? 173 TYR   A OH  1 
ATOM   304 N N   . SER   A 1 64  ? 15.429  10.207  2.219   1.00 26.72 ? 174 SER   A N   1 
ATOM   305 C CA  . SER   A 1 64  ? 14.572  11.373  2.006   1.00 30.41 ? 174 SER   A CA  1 
ATOM   306 C C   . SER   A 1 64  ? 15.134  12.316  0.938   1.00 30.89 ? 174 SER   A C   1 
ATOM   307 O O   . SER   A 1 64  ? 14.432  13.223  0.503   1.00 31.89 ? 174 SER   A O   1 
ATOM   308 C CB  . SER   A 1 64  ? 14.353  12.133  3.302   1.00 30.77 ? 174 SER   A CB  1 
ATOM   309 O OG  . SER   A 1 64  ? 15.609  12.530  3.823   1.00 33.96 ? 174 SER   A OG  1 
ATOM   310 N N   . MET   A 1 65  ? 16.378  12.102  0.506   1.00 33.58 ? 175 MET   A N   1 
ATOM   311 C CA  . MET   A 1 65  ? 16.873  12.775  -0.705  1.00 35.46 ? 175 MET   A CA  1 
ATOM   312 C C   . MET   A 1 65  ? 16.420  12.099  -2.011  1.00 31.64 ? 175 MET   A C   1 
ATOM   313 O O   . MET   A 1 65  ? 16.226  12.758  -3.029  1.00 30.67 ? 175 MET   A O   1 
ATOM   314 C CB  . MET   A 1 65  ? 18.381  12.953  -0.640  1.00 38.82 ? 175 MET   A CB  1 
ATOM   315 C CG  . MET   A 1 65  ? 18.787  14.070  0.326   1.00 46.38 ? 175 MET   A CG  1 
ATOM   316 S SD  . MET   A 1 65  ? 20.232  14.977  -0.222  1.00 61.82 ? 175 MET   A SD  1 
ATOM   317 C CE  . MET   A 1 65  ? 21.370  13.603  -0.474  1.00 61.04 ? 175 MET   A CE  1 
ATOM   318 N N   . ILE   A 1 66  ? 16.225  10.790  -1.958  1.00 29.39 ? 176 ILE   A N   1 
ATOM   319 C CA  . ILE   A 1 66  ? 15.864  9.993   -3.129  1.00 29.01 ? 176 ILE   A CA  1 
ATOM   320 C C   . ILE   A 1 66  ? 14.353  9.872   -3.272  1.00 28.61 ? 176 ILE   A C   1 
ATOM   321 O O   . ILE   A 1 66  ? 13.839  9.894   -4.387  1.00 30.00 ? 176 ILE   A O   1 
ATOM   322 C CB  . ILE   A 1 66  ? 16.520  8.587   -3.047  1.00 28.21 ? 176 ILE   A CB  1 
ATOM   323 C CG1 . ILE   A 1 66  ? 18.048  8.718   -3.014  1.00 26.26 ? 176 ILE   A CG1 1 
ATOM   324 C CG2 . ILE   A 1 66  ? 16.069  7.657   -4.182  1.00 27.69 ? 176 ILE   A CG2 1 
ATOM   325 C CD1 . ILE   A 1 66  ? 18.749  7.514   -2.398  1.00 25.86 ? 176 ILE   A CD1 1 
ATOM   326 N N   . ILE   A 1 67  ? 13.649  9.724   -2.154  1.00 29.74 ? 177 ILE   A N   1 
ATOM   327 C CA  . ILE   A 1 67  ? 12.201  9.484   -2.162  1.00 29.41 ? 177 ILE   A CA  1 
ATOM   328 C C   . ILE   A 1 67  ? 11.480  10.734  -1.667  1.00 31.15 ? 177 ILE   A C   1 
ATOM   329 O O   . ILE   A 1 67  ? 11.580  11.099  -0.500  1.00 31.24 ? 177 ILE   A O   1 
ATOM   330 C CB  . ILE   A 1 67  ? 11.835  8.264   -1.284  1.00 28.92 ? 177 ILE   A CB  1 
ATOM   331 C CG1 . ILE   A 1 67  ? 12.535  7.000   -1.808  1.00 27.92 ? 177 ILE   A CG1 1 
ATOM   332 C CG2 . ILE   A 1 67  ? 10.321  8.082   -1.211  1.00 28.22 ? 177 ILE   A CG2 1 
ATOM   333 C CD1 . ILE   A 1 67  ? 12.244  6.681   -3.274  1.00 29.19 ? 177 ILE   A CD1 1 
ATOM   334 N N   . LYS   A 1 68  ? 10.722  11.358  -2.559  1.00 32.60 ? 178 LYS   A N   1 
ATOM   335 C CA  . LYS   A 1 68  ? 10.088  12.640  -2.284  1.00 35.39 ? 178 LYS   A CA  1 
ATOM   336 C C   . LYS   A 1 68  ? 8.829   12.466  -1.428  1.00 34.05 ? 178 LYS   A C   1 
ATOM   337 O O   . LYS   A 1 68  ? 8.609   13.207  -0.465  1.00 31.61 ? 178 LYS   A O   1 
ATOM   338 C CB  . LYS   A 1 68  ? 9.733   13.317  -3.607  1.00 39.76 ? 178 LYS   A CB  1 
ATOM   339 C CG  . LYS   A 1 68  ? 9.792   14.838  -3.589  1.00 45.17 ? 178 LYS   A CG  1 
ATOM   340 C CD  . LYS   A 1 68  ? 8.430   15.489  -3.526  1.00 47.23 ? 178 LYS   A CD  1 
ATOM   341 C CE  . LYS   A 1 68  ? 8.505   16.950  -3.957  1.00 49.88 ? 178 LYS   A CE  1 
ATOM   342 N NZ  . LYS   A 1 68  ? 9.565   17.709  -3.229  1.00 52.36 ? 178 LYS   A NZ  1 
ATOM   343 N N   . HIS   A 1 69  ? 8.002   11.496  -1.811  1.00 32.71 ? 179 HIS   A N   1 
ATOM   344 C CA  . HIS   A 1 69  ? 6.722   11.218  -1.146  1.00 32.33 ? 179 HIS   A CA  1 
ATOM   345 C C   . HIS   A 1 69  ? 6.749   9.811   -0.572  1.00 29.83 ? 179 HIS   A C   1 
ATOM   346 O O   . HIS   A 1 69  ? 6.388   8.860   -1.243  1.00 27.39 ? 179 HIS   A O   1 
ATOM   347 C CB  . HIS   A 1 69  ? 5.588   11.400  -2.141  1.00 33.72 ? 179 HIS   A CB  1 
ATOM   348 C CG  . HIS   A 1 69  ? 5.454   12.806  -2.635  1.00 36.54 ? 179 HIS   A CG  1 
ATOM   349 N ND1 . HIS   A 1 69  ? 5.254   13.875  -1.785  1.00 36.68 ? 179 HIS   A ND1 1 
ATOM   350 C CD2 . HIS   A 1 69  ? 5.494   13.321  -3.889  1.00 37.07 ? 179 HIS   A CD2 1 
ATOM   351 C CE1 . HIS   A 1 69  ? 5.179   14.990  -2.492  1.00 37.48 ? 179 HIS   A CE1 1 
ATOM   352 N NE2 . HIS   A 1 69  ? 5.323   14.683  -3.771  1.00 38.35 ? 179 HIS   A NE2 1 
ATOM   353 N N   . PRO   A 1 70  ? 7.229   9.668   0.671   1.00 31.91 ? 180 PRO   A N   1 
ATOM   354 C CA  . PRO   A 1 70  ? 7.318   8.318   1.228   1.00 33.28 ? 180 PRO   A CA  1 
ATOM   355 C C   . PRO   A 1 70  ? 5.934   7.761   1.600   1.00 32.26 ? 180 PRO   A C   1 
ATOM   356 O O   . PRO   A 1 70  ? 4.982   8.532   1.809   1.00 31.84 ? 180 PRO   A O   1 
ATOM   357 C CB  . PRO   A 1 70  ? 8.240   8.502   2.441   1.00 33.62 ? 180 PRO   A CB  1 
ATOM   358 C CG  . PRO   A 1 70  ? 8.060   9.914   2.847   1.00 34.74 ? 180 PRO   A CG  1 
ATOM   359 C CD  . PRO   A 1 70  ? 7.822   10.678  1.572   1.00 33.18 ? 180 PRO   A CD  1 
ATOM   360 N N   . MET   A 1 71  ? 5.810   6.439   1.655   1.00 30.22 ? 181 MET   A N   1 
ATOM   361 C CA  . MET   A 1 71  ? 4.518   5.813   1.945   1.00 28.90 ? 181 MET   A CA  1 
ATOM   362 C C   . MET   A 1 71  ? 4.716   4.431   2.558   1.00 29.70 ? 181 MET   A C   1 
ATOM   363 O O   . MET   A 1 71  ? 5.717   3.754   2.282   1.00 28.78 ? 181 MET   A O   1 
ATOM   364 C CB  . MET   A 1 71  ? 3.661   5.747   0.658   1.00 30.11 ? 181 MET   A CB  1 
ATOM   365 C CG  . MET   A 1 71  ? 2.215   5.265   0.813   1.00 28.96 ? 181 MET   A CG  1 
ATOM   366 S SD  . MET   A 1 71  ? 1.264   6.108   2.093   1.00 30.49 ? 181 MET   A SD  1 
ATOM   367 C CE  . MET   A 1 71  ? 1.388   7.828   1.568   1.00 33.62 ? 181 MET   A CE  1 
ATOM   368 N N   . ASP   A 1 72  ? 3.764   4.033   3.401   1.00 27.08 ? 182 ASP   A N   1 
ATOM   369 C CA  . ASP   A 1 72  ? 3.835   2.775   4.119   1.00 27.32 ? 182 ASP   A CA  1 
ATOM   370 C C   . ASP   A 1 72  ? 2.415   2.360   4.486   1.00 25.39 ? 182 ASP   A C   1 
ATOM   371 O O   . ASP   A 1 72  ? 1.514   3.179   4.450   1.00 26.76 ? 182 ASP   A O   1 
ATOM   372 C CB  . ASP   A 1 72  ? 4.725   2.887   5.368   1.00 28.54 ? 182 ASP   A CB  1 
ATOM   373 C CG  . ASP   A 1 72  ? 4.231   3.947   6.360   1.00 29.75 ? 182 ASP   A CG  1 
ATOM   374 O OD1 . ASP   A 1 72  ? 4.515   5.149   6.148   1.00 32.03 ? 182 ASP   A OD1 1 
ATOM   375 O OD2 . ASP   A 1 72  ? 3.551   3.586   7.349   1.00 29.11 ? 182 ASP   A OD2 1 
ATOM   376 N N   . PHE   A 1 73  ? 2.218   1.084   4.797   1.00 24.13 ? 183 PHE   A N   1 
ATOM   377 C CA  . PHE   A 1 73  ? 0.904   0.598   5.210   1.00 25.59 ? 183 PHE   A CA  1 
ATOM   378 C C   . PHE   A 1 73  ? 0.322   1.330   6.426   1.00 25.25 ? 183 PHE   A C   1 
ATOM   379 O O   . PHE   A 1 73  ? -0.894  1.534   6.489   1.00 23.09 ? 183 PHE   A O   1 
ATOM   380 C CB  . PHE   A 1 73  ? 0.930   -0.898  5.540   1.00 26.08 ? 183 PHE   A CB  1 
ATOM   381 C CG  . PHE   A 1 73  ? 1.079   -1.821  4.340   1.00 25.54 ? 183 PHE   A CG  1 
ATOM   382 C CD1 . PHE   A 1 73  ? 0.414   -1.592  3.148   1.00 26.64 ? 183 PHE   A CD1 1 
ATOM   383 C CD2 . PHE   A 1 73  ? 1.835   -2.979  4.456   1.00 24.84 ? 183 PHE   A CD2 1 
ATOM   384 C CE1 . PHE   A 1 73  ? 0.544   -2.473  2.078   1.00 27.74 ? 183 PHE   A CE1 1 
ATOM   385 C CE2 . PHE   A 1 73  ? 1.974   -3.860  3.400   1.00 26.34 ? 183 PHE   A CE2 1 
ATOM   386 C CZ  . PHE   A 1 73  ? 1.321   -3.614  2.202   1.00 26.65 ? 183 PHE   A CZ  1 
ATOM   387 N N   . GLY   A 1 74  ? 1.172   1.675   7.396   1.00 24.18 ? 184 GLY   A N   1 
ATOM   388 C CA  . GLY   A 1 74  ? 0.727   2.377   8.602   1.00 24.10 ? 184 GLY   A CA  1 
ATOM   389 C C   . GLY   A 1 74  ? 0.168   3.763   8.303   1.00 24.90 ? 184 GLY   A C   1 
ATOM   390 O O   . GLY   A 1 74  ? -0.843  4.135   8.859   1.00 23.73 ? 184 GLY   A O   1 
ATOM   391 N N   . THR   A 1 75  ? 0.804   4.508   7.394   1.00 25.53 ? 185 THR   A N   1 
ATOM   392 C CA  . THR   A 1 75  ? 0.281   5.800   6.923   1.00 27.30 ? 185 THR   A CA  1 
ATOM   393 C C   . THR   A 1 75  ? -1.055  5.639   6.187   1.00 26.19 ? 185 THR   A C   1 
ATOM   394 O O   . THR   A 1 75  ? -1.983  6.413   6.391   1.00 27.66 ? 185 THR   A O   1 
ATOM   395 C CB  . THR   A 1 75  ? 1.288   6.492   5.963   1.00 29.33 ? 185 THR   A CB  1 
ATOM   396 O OG1 . THR   A 1 75  ? 2.565   6.557   6.598   1.00 31.98 ? 185 THR   A OG1 1 
ATOM   397 C CG2 . THR   A 1 75  ? 0.849   7.891   5.610   1.00 27.42 ? 185 THR   A CG2 1 
ATOM   398 N N   . MET   A 1 76  ? -1.135  4.616   5.344   1.00 27.67 ? 186 MET   A N   1 
ATOM   399 C CA  . MET   A 1 76  ? -2.374  4.261   4.655   1.00 27.78 ? 186 MET   A CA  1 
ATOM   400 C C   . MET   A 1 76  ? -3.475  3.948   5.652   1.00 27.95 ? 186 MET   A C   1 
ATOM   401 O O   . MET   A 1 76  ? -4.575  4.486   5.535   1.00 27.34 ? 186 MET   A O   1 
ATOM   402 C CB  . MET   A 1 76  ? -2.158  3.097   3.685   1.00 27.50 ? 186 MET   A CB  1 
ATOM   403 C CG  . MET   A 1 76  ? -1.263  3.480   2.510   1.00 28.82 ? 186 MET   A CG  1 
ATOM   404 S SD  . MET   A 1 76  ? -0.627  2.098   1.542   1.00 30.91 ? 186 MET   A SD  1 
ATOM   405 C CE  . MET   A 1 76  ? -2.142  1.495   0.826   1.00 32.27 ? 186 MET   A CE  1 
ATOM   406 N N   . LYS   A 1 77  ? -3.163  3.120   6.646   1.00 28.30 ? 187 LYS   A N   1 
ATOM   407 C CA  . LYS   A 1 77  ? -4.092  2.829   7.744   1.00 30.29 ? 187 LYS   A CA  1 
ATOM   408 C C   . LYS   A 1 77  ? -4.591  4.100   8.453   1.00 28.34 ? 187 LYS   A C   1 
ATOM   409 O O   . LYS   A 1 77  ? -5.782  4.248   8.631   1.00 26.74 ? 187 LYS   A O   1 
ATOM   410 C CB  . LYS   A 1 77  ? -3.482  1.806   8.728   1.00 34.57 ? 187 LYS   A CB  1 
ATOM   411 C CG  . LYS   A 1 77  ? -4.344  1.365   9.929   1.00 39.77 ? 187 LYS   A CG  1 
ATOM   412 C CD  . LYS   A 1 77  ? -5.851  1.219   9.692   1.00 46.04 ? 187 LYS   A CD  1 
ATOM   413 C CE  . LYS   A 1 77  ? -6.276  -0.061  8.969   1.00 53.02 ? 187 LYS   A CE  1 
ATOM   414 N NZ  . LYS   A 1 77  ? -7.036  -1.007  9.842   1.00 56.93 ? 187 LYS   A NZ  1 
ATOM   415 N N   . ASP   A 1 78  ? -3.709  5.039   8.797   1.00 29.73 ? 188 ASP   A N   1 
ATOM   416 C CA  . ASP   A 1 78  ? -4.143  6.315   9.422   1.00 29.23 ? 188 ASP   A CA  1 
ATOM   417 C C   . ASP   A 1 78  ? -5.049  7.157   8.527   1.00 28.50 ? 188 ASP   A C   1 
ATOM   418 O O   . ASP   A 1 78  ? -5.981  7.782   8.998   1.00 26.49 ? 188 ASP   A O   1 
ATOM   419 C CB  . ASP   A 1 78  ? -2.945  7.175   9.809   1.00 31.73 ? 188 ASP   A CB  1 
ATOM   420 C CG  . ASP   A 1 78  ? -2.085  6.531   10.881  1.00 34.18 ? 188 ASP   A CG  1 
ATOM   421 O OD1 . ASP   A 1 78  ? -2.600  5.735   11.684  1.00 36.20 ? 188 ASP   A OD1 1 
ATOM   422 O OD2 . ASP   A 1 78  ? -0.885  6.802   10.908  1.00 37.42 ? 188 ASP   A OD2 1 
ATOM   423 N N   . LYS   A 1 79  ? -4.764  7.184   7.232   1.00 28.72 ? 189 LYS   A N   1 
ATOM   424 C CA  . LYS   A 1 79  ? -5.648  7.855   6.293   1.00 28.88 ? 189 LYS   A CA  1 
ATOM   425 C C   . LYS   A 1 79  ? -7.042  7.213   6.260   1.00 29.43 ? 189 LYS   A C   1 
ATOM   426 O O   . LYS   A 1 79  ? -8.044  7.923   6.187   1.00 31.15 ? 189 LYS   A O   1 
ATOM   427 C CB  . LYS   A 1 79  ? -5.014  7.921   4.897   1.00 31.05 ? 189 LYS   A CB  1 
ATOM   428 C CG  . LYS   A 1 79  ? -3.867  8.925   4.859   1.00 34.13 ? 189 LYS   A CG  1 
ATOM   429 C CD  . LYS   A 1 79  ? -3.165  9.017   3.514   1.00 35.92 ? 189 LYS   A CD  1 
ATOM   430 C CE  . LYS   A 1 79  ? -4.015  9.711   2.472   1.00 38.10 ? 189 LYS   A CE  1 
ATOM   431 N NZ  . LYS   A 1 79  ? -3.278  9.831   1.179   1.00 38.42 ? 189 LYS   A NZ  1 
ATOM   432 N N   . ILE   A 1 80  ? -7.121  5.888   6.353   1.00 28.30 ? 190 ILE   A N   1 
ATOM   433 C CA  . ILE   A 1 80  ? -8.411  5.194   6.382   1.00 28.48 ? 190 ILE   A CA  1 
ATOM   434 C C   . ILE   A 1 80  ? -9.173  5.483   7.679   1.00 31.44 ? 190 ILE   A C   1 
ATOM   435 O O   . ILE   A 1 80  ? -10.349 5.867   7.651   1.00 32.56 ? 190 ILE   A O   1 
ATOM   436 C CB  . ILE   A 1 80  ? -8.264  3.667   6.253   1.00 28.01 ? 190 ILE   A CB  1 
ATOM   437 C CG1 . ILE   A 1 80  ? -7.745  3.309   4.865   1.00 26.79 ? 190 ILE   A CG1 1 
ATOM   438 C CG2 . ILE   A 1 80  ? -9.598  2.954   6.551   1.00 28.13 ? 190 ILE   A CG2 1 
ATOM   439 C CD1 . ILE   A 1 80  ? -7.248  1.892   4.741   1.00 26.77 ? 190 ILE   A CD1 1 
ATOM   440 N N   . VAL   A 1 81  ? -8.510  5.264   8.801   1.00 30.26 ? 191 VAL   A N   1 
ATOM   441 C CA  . VAL   A 1 81  ? -9.083  5.530   10.131  1.00 32.08 ? 191 VAL   A CA  1 
ATOM   442 C C   . VAL   A 1 81  ? -9.579  6.982   10.233  1.00 31.76 ? 191 VAL   A C   1 
ATOM   443 O O   . VAL   A 1 81  ? -10.638 7.245   10.799  1.00 32.98 ? 191 VAL   A O   1 
ATOM   444 C CB  . VAL   A 1 81  ? -8.042  5.252   11.234  1.00 32.19 ? 191 VAL   A CB  1 
ATOM   445 C CG1 . VAL   A 1 81  ? -8.496  5.792   12.592  1.00 36.15 ? 191 VAL   A CG1 1 
ATOM   446 C CG2 . VAL   A 1 81  ? -7.729  3.760   11.307  1.00 31.74 ? 191 VAL   A CG2 1 
ATOM   447 N N   . ALA   A 1 82  ? -8.818  7.908   9.669   1.00 30.92 ? 192 ALA   A N   1 
ATOM   448 C CA  . ALA   A 1 82  ? -9.222  9.305   9.610   1.00 33.64 ? 192 ALA   A CA  1 
ATOM   449 C C   . ALA   A 1 82  ? -10.328 9.637   8.571   1.00 34.77 ? 192 ALA   A C   1 
ATOM   450 O O   . ALA   A 1 82  ? -10.795 10.769  8.537   1.00 33.94 ? 192 ALA   A O   1 
ATOM   451 C CB  . ALA   A 1 82  ? -8.004  10.166  9.349   1.00 33.40 ? 192 ALA   A CB  1 
ATOM   452 N N   . ASN   A 1 83  ? -10.729 8.666   7.741   1.00 35.21 ? 193 ASN   A N   1 
ATOM   453 C CA  . ASN   A 1 83  ? -11.694 8.842   6.642   1.00 34.93 ? 193 ASN   A CA  1 
ATOM   454 C C   . ASN   A 1 83  ? -11.252 9.964   5.665   1.00 35.51 ? 193 ASN   A C   1 
ATOM   455 O O   . ASN   A 1 83  ? -12.068 10.818  5.266   1.00 33.65 ? 193 ASN   A O   1 
ATOM   456 C CB  . ASN   A 1 83  ? -13.135 9.041   7.205   1.00 36.29 ? 193 ASN   A CB  1 
ATOM   457 C CG  . ASN   A 1 83  ? -14.251 8.721   6.180   1.00 39.78 ? 193 ASN   A CG  1 
ATOM   458 O OD1 . ASN   A 1 83  ? -14.118 7.859   5.290   1.00 39.41 ? 193 ASN   A OD1 1 
ATOM   459 N ND2 . ASN   A 1 83  ? -15.376 9.414   6.327   1.00 40.67 ? 193 ASN   A ND2 1 
ATOM   460 N N   . GLU   A 1 84  ? -9.970  9.914   5.262   1.00 34.68 ? 194 GLU   A N   1 
ATOM   461 C CA  . GLU   A 1 84  ? -9.334  10.893  4.348   1.00 35.72 ? 194 GLU   A CA  1 
ATOM   462 C C   . GLU   A 1 84  ? -9.226  10.488  2.861   1.00 34.40 ? 194 GLU   A C   1 
ATOM   463 O O   . GLU   A 1 84  ? -8.947  11.328  2.011   1.00 35.71 ? 194 GLU   A O   1 
ATOM   464 C CB  . GLU   A 1 84  ? -7.917  11.208  4.814   1.00 40.16 ? 194 GLU   A CB  1 
ATOM   465 C CG  . GLU   A 1 84  ? -7.807  11.984  6.112   1.00 45.76 ? 194 GLU   A CG  1 
ATOM   466 C CD  . GLU   A 1 84  ? -6.349  12.109  6.561   1.00 51.28 ? 194 GLU   A CD  1 
ATOM   467 O OE1 . GLU   A 1 84  ? -5.444  12.267  5.701   1.00 57.90 ? 194 GLU   A OE1 1 
ATOM   468 O OE2 . GLU   A 1 84  ? -6.100  12.033  7.776   1.00 54.73 ? 194 GLU   A OE2 1 
ATOM   469 N N   . TYR   A 1 85  ? -9.393  9.213   2.546   1.00 30.76 ? 195 TYR   A N   1 
ATOM   470 C CA  . TYR   A 1 85  ? -9.437  8.774   1.154   1.00 29.06 ? 195 TYR   A CA  1 
ATOM   471 C C   . TYR   A 1 85  ? -10.765 9.176   0.485   1.00 29.66 ? 195 TYR   A C   1 
ATOM   472 O O   . TYR   A 1 85  ? -11.840 9.078   1.094   1.00 29.00 ? 195 TYR   A O   1 
ATOM   473 C CB  . TYR   A 1 85  ? -9.210  7.265   1.051   1.00 27.59 ? 195 TYR   A CB  1 
ATOM   474 C CG  . TYR   A 1 85  ? -7.757  6.856   1.196   1.00 27.73 ? 195 TYR   A CG  1 
ATOM   475 C CD1 . TYR   A 1 85  ? -6.820  7.212   0.221   1.00 27.43 ? 195 TYR   A CD1 1 
ATOM   476 C CD2 . TYR   A 1 85  ? -7.318  6.112   2.292   1.00 29.05 ? 195 TYR   A CD2 1 
ATOM   477 C CE1 . TYR   A 1 85  ? -5.490  6.834   0.325   1.00 28.92 ? 195 TYR   A CE1 1 
ATOM   478 C CE2 . TYR   A 1 85  ? -5.980  5.717   2.416   1.00 27.88 ? 195 TYR   A CE2 1 
ATOM   479 C CZ  . TYR   A 1 85  ? -5.069  6.076   1.427   1.00 28.50 ? 195 TYR   A CZ  1 
ATOM   480 O OH  . TYR   A 1 85  ? -3.733  5.713   1.529   1.00 26.32 ? 195 TYR   A OH  1 
ATOM   481 N N   . LYS   A 1 86  ? -10.655 9.658   -0.748  1.00 28.13 ? 196 LYS   A N   1 
ATOM   482 C CA  . LYS   A 1 86  ? -11.789 10.063  -1.568  1.00 29.92 ? 196 LYS   A CA  1 
ATOM   483 C C   . LYS   A 1 86  ? -12.226 8.953   -2.538  1.00 31.42 ? 196 LYS   A C   1 
ATOM   484 O O   . LYS   A 1 86  ? -13.360 8.969   -2.989  1.00 31.90 ? 196 LYS   A O   1 
ATOM   485 C CB  . LYS   A 1 86  ? -11.446 11.331  -2.367  1.00 30.14 ? 196 LYS   A CB  1 
ATOM   486 C CG  . LYS   A 1 86  ? -10.902 12.505  -1.551  1.00 30.45 ? 196 LYS   A CG  1 
ATOM   487 C CD  . LYS   A 1 86  ? -11.782 12.826  -0.347  1.00 31.43 ? 196 LYS   A CD  1 
ATOM   488 C CE  . LYS   A 1 86  ? -11.124 13.819  0.585   1.00 32.82 ? 196 LYS   A CE  1 
ATOM   489 N NZ  . LYS   A 1 86  ? -12.035 14.142  1.718   1.00 32.90 ? 196 LYS   A NZ  1 
ATOM   490 N N   . SER   A 1 87  ? -11.330 8.009   -2.853  1.00 28.81 ? 197 SER   A N   1 
ATOM   491 C CA  . SER   A 1 87  ? -11.623 6.935   -3.800  1.00 28.77 ? 197 SER   A CA  1 
ATOM   492 C C   . SER   A 1 87  ? -10.710 5.720   -3.611  1.00 28.12 ? 197 SER   A C   1 
ATOM   493 O O   . SER   A 1 87  ? -9.645  5.827   -3.009  1.00 26.81 ? 197 SER   A O   1 
ATOM   494 C CB  . SER   A 1 87  ? -11.423 7.464   -5.213  1.00 28.50 ? 197 SER   A CB  1 
ATOM   495 O OG  . SER   A 1 87  ? -10.081 7.864   -5.377  1.00 27.44 ? 197 SER   A OG  1 
ATOM   496 N N   . VAL   A 1 88  ? -11.129 4.587   -4.167  1.00 27.26 ? 198 VAL   A N   1 
ATOM   497 C CA  . VAL   A 1 88  ? -10.286 3.416   -4.277  1.00 29.48 ? 198 VAL   A CA  1 
ATOM   498 C C   . VAL   A 1 88  ? -9.073  3.728   -5.168  1.00 29.91 ? 198 VAL   A C   1 
ATOM   499 O O   . VAL   A 1 88  ? -7.997  3.258   -4.889  1.00 29.54 ? 198 VAL   A O   1 
ATOM   500 C CB  . VAL   A 1 88  ? -11.073 2.184   -4.808  1.00 30.98 ? 198 VAL   A CB  1 
ATOM   501 C CG1 . VAL   A 1 88  ? -10.142 0.976   -4.999  1.00 32.05 ? 198 VAL   A CG1 1 
ATOM   502 C CG2 . VAL   A 1 88  ? -12.198 1.820   -3.845  1.00 31.06 ? 198 VAL   A CG2 1 
ATOM   503 N N   . THR   A 1 89  ? -9.249  4.536   -6.216  1.00 29.36 ? 199 THR   A N   1 
ATOM   504 C CA  . THR   A 1 89  ? -8.125  5.026   -7.064  1.00 30.85 ? 199 THR   A CA  1 
ATOM   505 C C   . THR   A 1 89  ? -6.979  5.685   -6.295  1.00 32.44 ? 199 THR   A C   1 
ATOM   506 O O   . THR   A 1 89  ? -5.805  5.401   -6.572  1.00 33.02 ? 199 THR   A O   1 
ATOM   507 C CB  . THR   A 1 89  ? -8.635  6.062   -8.104  1.00 32.33 ? 199 THR   A CB  1 
ATOM   508 O OG1 . THR   A 1 89  ? -9.667  5.454   -8.880  1.00 33.00 ? 199 THR   A OG1 1 
ATOM   509 C CG2 . THR   A 1 89  ? -7.520  6.544   -9.042  1.00 33.32 ? 199 THR   A CG2 1 
ATOM   510 N N   . GLU   A 1 90  ? -7.322  6.597   -5.378  1.00 31.20 ? 200 GLU   A N   1 
ATOM   511 C CA  . GLU   A 1 90  ? -6.342  7.237   -4.523  1.00 31.62 ? 200 GLU   A CA  1 
ATOM   512 C C   . GLU   A 1 90  ? -5.613  6.223   -3.673  1.00 27.65 ? 200 GLU   A C   1 
ATOM   513 O O   . GLU   A 1 90  ? -4.417  6.316   -3.490  1.00 26.22 ? 200 GLU   A O   1 
ATOM   514 C CB  . GLU   A 1 90  ? -6.998  8.194   -3.544  1.00 36.25 ? 200 GLU   A CB  1 
ATOM   515 C CG  . GLU   A 1 90  ? -7.393  9.525   -4.117  1.00 41.96 ? 200 GLU   A CG  1 
ATOM   516 C CD  . GLU   A 1 90  ? -7.828  10.505  -3.030  1.00 47.56 ? 200 GLU   A CD  1 
ATOM   517 O OE1 . GLU   A 1 90  ? -7.798  10.134  -1.810  1.00 41.26 ? 200 GLU   A OE1 1 
ATOM   518 O OE2 . GLU   A 1 90  ? -8.197  11.646  -3.420  1.00 49.50 ? 200 GLU   A OE2 1 
ATOM   519 N N   . PHE   A 1 91  ? -6.353  5.285   -3.109  1.00 25.64 ? 201 PHE   A N   1 
ATOM   520 C CA  . PHE   A 1 91  ? -5.742  4.262   -2.269  1.00 26.23 ? 201 PHE   A CA  1 
ATOM   521 C C   . PHE   A 1 91  ? -4.788  3.395   -3.089  1.00 26.29 ? 201 PHE   A C   1 
ATOM   522 O O   . PHE   A 1 91  ? -3.654  3.128   -2.657  1.00 25.39 ? 201 PHE   A O   1 
ATOM   523 C CB  . PHE   A 1 91  ? -6.815  3.405   -1.595  1.00 25.91 ? 201 PHE   A CB  1 
ATOM   524 C CG  . PHE   A 1 91  ? -6.274  2.222   -0.840  1.00 26.88 ? 201 PHE   A CG  1 
ATOM   525 C CD1 . PHE   A 1 91  ? -5.942  2.332   0.502   1.00 28.45 ? 201 PHE   A CD1 1 
ATOM   526 C CD2 . PHE   A 1 91  ? -6.170  0.968   -1.452  1.00 26.74 ? 201 PHE   A CD2 1 
ATOM   527 C CE1 . PHE   A 1 91  ? -5.473  1.223   1.215   1.00 28.32 ? 201 PHE   A CE1 1 
ATOM   528 C CE2 . PHE   A 1 91  ? -5.699  -0.125  -0.752  1.00 24.81 ? 201 PHE   A CE2 1 
ATOM   529 C CZ  . PHE   A 1 91  ? -5.354  0.002   0.580   1.00 27.57 ? 201 PHE   A CZ  1 
ATOM   530 N N   . LYS   A 1 92  ? -5.241  2.962   -4.260  1.00 25.84 ? 202 LYS   A N   1 
ATOM   531 C CA  . LYS   A 1 92  ? -4.355  2.267   -5.198  1.00 27.60 ? 202 LYS   A CA  1 
ATOM   532 C C   . LYS   A 1 92  ? -3.100  3.092   -5.600  1.00 28.40 ? 202 LYS   A C   1 
ATOM   533 O O   . LYS   A 1 92  ? -1.996  2.539   -5.723  1.00 25.06 ? 202 LYS   A O   1 
ATOM   534 C CB  . LYS   A 1 92  ? -5.120  1.835   -6.440  1.00 29.62 ? 202 LYS   A CB  1 
ATOM   535 C CG  . LYS   A 1 92  ? -6.130  0.744   -6.174  1.00 32.84 ? 202 LYS   A CG  1 
ATOM   536 C CD  . LYS   A 1 92  ? -6.938  0.392   -7.426  1.00 35.03 ? 202 LYS   A CD  1 
ATOM   537 C CE  . LYS   A 1 92  ? -6.216  -0.593  -8.318  1.00 38.19 ? 202 LYS   A CE  1 
ATOM   538 N NZ  . LYS   A 1 92  ? -7.162  -1.095  -9.355  1.00 42.01 ? 202 LYS   A NZ  1 
ATOM   539 N N   . ALA   A 1 93  ? -3.273  4.404   -5.786  1.00 27.74 ? 203 ALA   A N   1 
ATOM   540 C CA  . ALA   A 1 93  ? -2.142  5.305   -6.065  1.00 28.64 ? 203 ALA   A CA  1 
ATOM   541 C C   . ALA   A 1 93  ? -1.128  5.371   -4.903  1.00 29.34 ? 203 ALA   A C   1 
ATOM   542 O O   . ALA   A 1 93  ? 0.089   5.380   -5.147  1.00 27.95 ? 203 ALA   A O   1 
ATOM   543 C CB  . ALA   A 1 93  ? -2.652  6.700   -6.415  1.00 28.73 ? 203 ALA   A CB  1 
ATOM   544 N N   . ASP   A 1 94  ? -1.604  5.390   -3.649  1.00 27.65 ? 204 ASP   A N   1 
ATOM   545 C CA  . ASP   A 1 94  ? -0.682  5.272   -2.486  1.00 28.41 ? 204 ASP   A CA  1 
ATOM   546 C C   . ASP   A 1 94  ? 0.034   3.924   -2.406  1.00 27.43 ? 204 ASP   A C   1 
ATOM   547 O O   . ASP   A 1 94  ? 1.237   3.874   -2.129  1.00 25.91 ? 204 ASP   A O   1 
ATOM   548 C CB  . ASP   A 1 94  ? -1.396  5.487   -1.144  1.00 30.12 ? 204 ASP   A CB  1 
ATOM   549 C CG  . ASP   A 1 94  ? -1.612  6.950   -0.815  1.00 30.89 ? 204 ASP   A CG  1 
ATOM   550 O OD1 . ASP   A 1 94  ? -1.055  7.811   -1.514  1.00 28.51 ? 204 ASP   A OD1 1 
ATOM   551 O OD2 . ASP   A 1 94  ? -2.327  7.229   0.166   1.00 29.51 ? 204 ASP   A OD2 1 
ATOM   552 N N   . PHE   A 1 95  ? -0.713  2.844   -2.611  1.00 27.33 ? 205 PHE   A N   1 
ATOM   553 C CA  . PHE   A 1 95  ? -0.134  1.496   -2.651  1.00 27.89 ? 205 PHE   A CA  1 
ATOM   554 C C   . PHE   A 1 95  ? 0.969   1.385   -3.721  1.00 28.27 ? 205 PHE   A C   1 
ATOM   555 O O   . PHE   A 1 95  ? 2.067   0.889   -3.448  1.00 26.51 ? 205 PHE   A O   1 
ATOM   556 C CB  . PHE   A 1 95  ? -1.207  0.450   -2.917  1.00 28.77 ? 205 PHE   A CB  1 
ATOM   557 C CG  . PHE   A 1 95  ? -0.640  -0.930  -3.139  1.00 31.26 ? 205 PHE   A CG  1 
ATOM   558 C CD1 . PHE   A 1 95  ? 0.040   -1.579  -2.106  1.00 31.78 ? 205 PHE   A CD1 1 
ATOM   559 C CD2 . PHE   A 1 95  ? -0.737  -1.552  -4.372  1.00 31.35 ? 205 PHE   A CD2 1 
ATOM   560 C CE1 . PHE   A 1 95  ? 0.588   -2.827  -2.294  1.00 32.02 ? 205 PHE   A CE1 1 
ATOM   561 C CE2 . PHE   A 1 95  ? -0.196  -2.812  -4.564  1.00 31.42 ? 205 PHE   A CE2 1 
ATOM   562 C CZ  . PHE   A 1 95  ? 0.460   -3.446  -3.524  1.00 32.27 ? 205 PHE   A CZ  1 
ATOM   563 N N   . LYS   A 1 96  ? 0.663   1.847   -4.932  1.00 27.29 ? 206 LYS   A N   1 
ATOM   564 C CA  . LYS   A 1 96  ? 1.652   1.890   -6.012  1.00 29.44 ? 206 LYS   A CA  1 
ATOM   565 C C   . LYS   A 1 96  ? 2.850   2.778   -5.656  1.00 30.44 ? 206 LYS   A C   1 
ATOM   566 O O   . LYS   A 1 96  ? 3.988   2.434   -5.981  1.00 31.60 ? 206 LYS   A O   1 
ATOM   567 C CB  . LYS   A 1 96  ? 0.996   2.365   -7.311  1.00 31.66 ? 206 LYS   A CB  1 
ATOM   568 C CG  . LYS   A 1 96  ? 1.938   2.444   -8.518  1.00 34.72 ? 206 LYS   A CG  1 
ATOM   569 C CD  . LYS   A 1 96  ? 1.151   2.644   -9.808  1.00 36.01 ? 206 LYS   A CD  1 
ATOM   570 C CE  . LYS   A 1 96  ? 1.907   3.494   -10.824 1.00 38.78 ? 206 LYS   A CE  1 
ATOM   571 N NZ  . LYS   A 1 96  ? 3.169   2.848   -11.267 1.00 36.92 ? 206 LYS   A NZ  1 
ATOM   572 N N   . LEU   A 1 97  ? 2.597   3.916   -4.998  1.00 28.77 ? 207 LEU   A N   1 
ATOM   573 C CA  . LEU   A 1 97  ? 3.679   4.808   -4.547  1.00 28.33 ? 207 LEU   A CA  1 
ATOM   574 C C   . LEU   A 1 97  ? 4.661   4.090   -3.628  1.00 26.60 ? 207 LEU   A C   1 
ATOM   575 O O   . LEU   A 1 97  ? 5.871   4.199   -3.788  1.00 25.10 ? 207 LEU   A O   1 
ATOM   576 C CB  . LEU   A 1 97  ? 3.120   6.012   -3.810  1.00 28.56 ? 207 LEU   A CB  1 
ATOM   577 C CG  . LEU   A 1 97  ? 4.067   7.070   -3.254  1.00 29.35 ? 207 LEU   A CG  1 
ATOM   578 C CD1 . LEU   A 1 97  ? 4.911   7.741   -4.347  1.00 30.01 ? 207 LEU   A CD1 1 
ATOM   579 C CD2 . LEU   A 1 97  ? 3.228   8.102   -2.499  1.00 30.22 ? 207 LEU   A CD2 1 
ATOM   580 N N   . MET   A 1 98  ? 4.110   3.377   -2.662  1.00 24.68 ? 208 MET   A N   1 
ATOM   581 C CA  . MET   A 1 98  ? 4.883   2.660   -1.686  1.00 25.83 ? 208 MET   A CA  1 
ATOM   582 C C   . MET   A 1 98  ? 5.797   1.669   -2.389  1.00 25.38 ? 208 MET   A C   1 
ATOM   583 O O   . MET   A 1 98  ? 6.983   1.591   -2.058  1.00 26.69 ? 208 MET   A O   1 
ATOM   584 C CB  . MET   A 1 98  ? 3.940   1.929   -0.721  1.00 26.27 ? 208 MET   A CB  1 
ATOM   585 C CG  . MET   A 1 98  ? 4.651   1.163   0.375   1.00 27.39 ? 208 MET   A CG  1 
ATOM   586 S SD  . MET   A 1 98  ? 3.511   0.151   1.336   1.00 31.34 ? 208 MET   A SD  1 
ATOM   587 C CE  . MET   A 1 98  ? 3.139   -1.117  0.140   1.00 31.67 ? 208 MET   A CE  1 
ATOM   588 N N   . CYS   A 1 99  ? 5.238   0.905   -3.328  1.00 26.24 ? 209 CYS   A N   1 
ATOM   589 C CA  . CYS   A 1 99  ? 6.016   -0.086  -4.090  1.00 26.92 ? 209 CYS   A CA  1 
ATOM   590 C C   . CYS   A 1 99  ? 7.045   0.577   -5.020  1.00 26.44 ? 209 CYS   A C   1 
ATOM   591 O O   . CYS   A 1 99  ? 8.181   0.115   -5.074  1.00 26.35 ? 209 CYS   A O   1 
ATOM   592 C CB  . CYS   A 1 99  ? 5.109   -1.005  -4.900  1.00 28.19 ? 209 CYS   A CB  1 
ATOM   593 S SG  . CYS   A 1 99  ? 3.973   -2.007  -3.901  1.00 30.86 ? 209 CYS   A SG  1 
ATOM   594 N N   . ASP   A 1 100 ? 6.654   1.638   -5.731  1.00 25.68 ? 210 ASP   A N   1 
ATOM   595 C CA  . ASP   A 1 100 ? 7.575   2.371   -6.625  1.00 27.23 ? 210 ASP   A CA  1 
ATOM   596 C C   . ASP   A 1 100 ? 8.734   2.993   -5.863  1.00 27.10 ? 210 ASP   A C   1 
ATOM   597 O O   . ASP   A 1 100 ? 9.876   2.946   -6.327  1.00 26.00 ? 210 ASP   A O   1 
ATOM   598 C CB  . ASP   A 1 100 ? 6.853   3.473   -7.424  1.00 31.38 ? 210 ASP   A CB  1 
ATOM   599 C CG  . ASP   A 1 100 ? 5.941   2.917   -8.523  1.00 35.72 ? 210 ASP   A CG  1 
ATOM   600 O OD1 . ASP   A 1 100 ? 6.053   1.712   -8.879  1.00 38.79 ? 210 ASP   A OD1 1 
ATOM   601 O OD2 . ASP   A 1 100 ? 5.095   3.689   -9.035  1.00 38.76 ? 210 ASP   A OD2 1 
ATOM   602 N N   . ASN   A 1 101 ? 8.450   3.568   -4.689  1.00 25.93 ? 211 ASN   A N   1 
ATOM   603 C CA  . ASN   A 1 101 ? 9.506   4.082   -3.825  1.00 24.57 ? 211 ASN   A CA  1 
ATOM   604 C C   . ASN   A 1 101 ? 10.500  2.982   -3.470  1.00 25.45 ? 211 ASN   A C   1 
ATOM   605 O O   . ASN   A 1 101 ? 11.694  3.204   -3.518  1.00 25.89 ? 211 ASN   A O   1 
ATOM   606 C CB  . ASN   A 1 101 ? 8.944   4.683   -2.527  1.00 24.78 ? 211 ASN   A CB  1 
ATOM   607 C CG  . ASN   A 1 101 ? 8.191   5.961   -2.759  1.00 24.51 ? 211 ASN   A CG  1 
ATOM   608 O OD1 . ASN   A 1 101 ? 8.226   6.509   -3.848  1.00 23.90 ? 211 ASN   A OD1 1 
ATOM   609 N ND2 . ASN   A 1 101 ? 7.469   6.425   -1.742  1.00 24.41 ? 211 ASN   A ND2 1 
ATOM   610 N N   . ALA   A 1 102 ? 10.004  1.810   -3.093  1.00 25.31 ? 212 ALA   A N   1 
ATOM   611 C CA  . ALA   A 1 102 ? 10.880  0.684   -2.737  1.00 26.63 ? 212 ALA   A CA  1 
ATOM   612 C C   . ALA   A 1 102 ? 11.730  0.194   -3.907  1.00 26.63 ? 212 ALA   A C   1 
ATOM   613 O O   . ALA   A 1 102 ? 12.894  -0.192  -3.719  1.00 27.31 ? 212 ALA   A O   1 
ATOM   614 C CB  . ALA   A 1 102 ? 10.063  -0.458  -2.177  1.00 26.24 ? 212 ALA   A CB  1 
ATOM   615 N N   . MET   A 1 103 ? 11.149  0.213   -5.100  1.00 27.92 ? 213 MET   A N   1 
ATOM   616 C CA  . MET   A 1 103 ? 11.845  -0.207  -6.307  1.00 29.98 ? 213 MET   A CA  1 
ATOM   617 C C   . MET   A 1 103 ? 12.789  0.874   -6.843  1.00 30.42 ? 213 MET   A C   1 
ATOM   618 O O   . MET   A 1 103 ? 13.744  0.550   -7.540  1.00 35.65 ? 213 MET   A O   1 
ATOM   619 C CB  . MET   A 1 103 ? 10.858  -0.716  -7.368  1.00 30.12 ? 213 MET   A CB  1 
ATOM   620 C CG  . MET   A 1 103 ? 10.156  -2.002  -6.929  1.00 32.29 ? 213 MET   A CG  1 
ATOM   621 S SD  . MET   A 1 103 ? 8.863   -2.586  -8.048  1.00 33.29 ? 213 MET   A SD  1 
ATOM   622 C CE  . MET   A 1 103 ? 9.835   -2.953  -9.504  1.00 35.40 ? 213 MET   A CE  1 
ATOM   623 N N   . THR   A 1 104 ? 12.561  2.137   -6.489  1.00 29.69 ? 214 THR   A N   1 
ATOM   624 C CA  . THR   A 1 104 ? 13.508  3.222   -6.793  1.00 27.03 ? 214 THR   A CA  1 
ATOM   625 C C   . THR   A 1 104 ? 14.694  3.245   -5.837  1.00 28.42 ? 214 THR   A C   1 
ATOM   626 O O   . THR   A 1 104 ? 15.858  3.140   -6.270  1.00 28.36 ? 214 THR   A O   1 
ATOM   627 C CB  . THR   A 1 104 ? 12.792  4.568   -6.775  1.00 28.89 ? 214 THR   A CB  1 
ATOM   628 O OG1 . THR   A 1 104 ? 11.707  4.500   -7.700  1.00 30.81 ? 214 THR   A OG1 1 
ATOM   629 C CG2 . THR   A 1 104 ? 13.711  5.709   -7.197  1.00 29.42 ? 214 THR   A CG2 1 
ATOM   630 N N   . TYR   A 1 105 ? 14.427  3.362   -4.536  1.00 26.93 ? 215 TYR   A N   1 
ATOM   631 C CA  . TYR   A 1 105 ? 15.516  3.444   -3.532  1.00 26.43 ? 215 TYR   A CA  1 
ATOM   632 C C   . TYR   A 1 105 ? 16.432  2.210   -3.540  1.00 25.77 ? 215 TYR   A C   1 
ATOM   633 O O   . TYR   A 1 105 ? 17.664  2.342   -3.602  1.00 24.91 ? 215 TYR   A O   1 
ATOM   634 C CB  . TYR   A 1 105 ? 14.983  3.694   -2.097  1.00 26.09 ? 215 TYR   A CB  1 
ATOM   635 C CG  . TYR   A 1 105 ? 16.112  3.748   -1.083  1.00 26.15 ? 215 TYR   A CG  1 
ATOM   636 C CD1 . TYR   A 1 105 ? 16.891  4.900   -0.947  1.00 26.55 ? 215 TYR   A CD1 1 
ATOM   637 C CD2 . TYR   A 1 105 ? 16.437  2.642   -0.323  1.00 25.78 ? 215 TYR   A CD2 1 
ATOM   638 C CE1 . TYR   A 1 105 ? 17.952  4.935   -0.074  1.00 27.52 ? 215 TYR   A CE1 1 
ATOM   639 C CE2 . TYR   A 1 105 ? 17.500  2.663   0.559   1.00 26.63 ? 215 TYR   A CE2 1 
ATOM   640 C CZ  . TYR   A 1 105 ? 18.240  3.814   0.681   1.00 26.58 ? 215 TYR   A CZ  1 
ATOM   641 O OH  . TYR   A 1 105 ? 19.281  3.857   1.539   1.00 29.33 ? 215 TYR   A OH  1 
ATOM   642 N N   . ASN   A 1 106 ? 15.827  1.026   -3.458  1.00 27.62 ? 216 ASN   A N   1 
ATOM   643 C CA  . ASN   A 1 106 ? 16.568  -0.209  -3.228  1.00 29.68 ? 216 ASN   A CA  1 
ATOM   644 C C   . ASN   A 1 106 ? 17.004  -0.805  -4.547  1.00 33.07 ? 216 ASN   A C   1 
ATOM   645 O O   . ASN   A 1 106 ? 16.255  -0.772  -5.511  1.00 30.23 ? 216 ASN   A O   1 
ATOM   646 C CB  . ASN   A 1 106 ? 15.727  -1.248  -2.496  1.00 29.35 ? 216 ASN   A CB  1 
ATOM   647 C CG  . ASN   A 1 106 ? 15.247  -0.769  -1.141  1.00 29.07 ? 216 ASN   A CG  1 
ATOM   648 O OD1 . ASN   A 1 106 ? 16.015  -0.736  -0.189  1.00 26.99 ? 216 ASN   A OD1 1 
ATOM   649 N ND2 . ASN   A 1 106 ? 13.962  -0.407  -1.048  1.00 28.60 ? 216 ASN   A ND2 1 
ATOM   650 N N   . ARG   A 1 107 ? 18.199  -1.392  -4.564  1.00 36.83 ? 217 ARG   A N   1 
ATOM   651 C CA  . ARG   A 1 107 ? 18.735  -2.007  -5.779  1.00 38.08 ? 217 ARG   A CA  1 
ATOM   652 C C   . ARG   A 1 107 ? 17.995  -3.312  -6.058  1.00 37.53 ? 217 ARG   A C   1 
ATOM   653 O O   . ARG   A 1 107 ? 17.529  -3.956  -5.114  1.00 34.69 ? 217 ARG   A O   1 
ATOM   654 C CB  . ARG   A 1 107 ? 20.236  -2.262  -5.629  1.00 41.71 ? 217 ARG   A CB  1 
ATOM   655 C CG  . ARG   A 1 107 ? 21.048  -0.971  -5.611  1.00 45.37 ? 217 ARG   A CG  1 
ATOM   656 C CD  . ARG   A 1 107 ? 22.536  -1.252  -5.479  1.00 49.06 ? 217 ARG   A CD  1 
ATOM   657 N NE  . ARG   A 1 107 ? 23.330  -0.059  -5.146  1.00 51.10 ? 217 ARG   A NE  1 
ATOM   658 C CZ  . ARG   A 1 107 ? 23.617  0.950   -5.977  1.00 52.52 ? 217 ARG   A CZ  1 
ATOM   659 N NH1 . ARG   A 1 107 ? 23.158  0.985   -7.234  1.00 52.67 ? 217 ARG   A NH1 1 
ATOM   660 N NH2 . ARG   A 1 107 ? 24.364  1.962   -5.536  1.00 53.28 ? 217 ARG   A NH2 1 
ATOM   661 N N   . PRO   A 1 108 ? 17.894  -3.717  -7.346  1.00 37.37 ? 218 PRO   A N   1 
ATOM   662 C CA  . PRO   A 1 108 ? 17.272  -4.980  -7.754  1.00 39.08 ? 218 PRO   A CA  1 
ATOM   663 C C   . PRO   A 1 108 ? 17.693  -6.201  -6.945  1.00 39.97 ? 218 PRO   A C   1 
ATOM   664 O O   . PRO   A 1 108 ? 16.908  -7.126  -6.785  1.00 43.86 ? 218 PRO   A O   1 
ATOM   665 C CB  . PRO   A 1 108 ? 17.736  -5.142  -9.199  1.00 40.99 ? 218 PRO   A CB  1 
ATOM   666 C CG  . PRO   A 1 108 ? 17.891  -3.748  -9.693  1.00 39.67 ? 218 PRO   A CG  1 
ATOM   667 C CD  . PRO   A 1 108 ? 18.391  -2.962  -8.513  1.00 40.03 ? 218 PRO   A CD  1 
ATOM   668 N N   . ASP   A 1 109 ? 18.912  -6.187  -6.424  1.00 42.29 ? 219 ASP   A N   1 
ATOM   669 C CA  . ASP   A 1 109 ? 19.456  -7.303  -5.661  1.00 48.29 ? 219 ASP   A CA  1 
ATOM   670 C C   . ASP   A 1 109 ? 18.869  -7.521  -4.249  1.00 45.61 ? 219 ASP   A C   1 
ATOM   671 O O   . ASP   A 1 109 ? 19.138  -8.546  -3.632  1.00 48.76 ? 219 ASP   A O   1 
ATOM   672 C CB  . ASP   A 1 109 ? 20.984  -7.116  -5.538  1.00 55.71 ? 219 ASP   A CB  1 
ATOM   673 C CG  . ASP   A 1 109 ? 21.739  -8.428  -5.411  1.00 62.47 ? 219 ASP   A CG  1 
ATOM   674 O OD1 . ASP   A 1 109 ? 21.143  -9.513  -5.610  1.00 68.88 ? 219 ASP   A OD1 1 
ATOM   675 O OD2 . ASP   A 1 109 ? 22.954  -8.374  -5.124  1.00 71.25 ? 219 ASP   A OD2 1 
ATOM   676 N N   . THR   A 1 110 ? 18.090  -6.580  -3.722  1.00 41.69 ? 220 THR   A N   1 
ATOM   677 C CA  . THR   A 1 110 ? 17.717  -6.610  -2.301  1.00 38.66 ? 220 THR   A CA  1 
ATOM   678 C C   . THR   A 1 110 ? 16.375  -7.307  -2.040  1.00 36.48 ? 220 THR   A C   1 
ATOM   679 O O   . THR   A 1 110 ? 15.542  -7.448  -2.936  1.00 35.86 ? 220 THR   A O   1 
ATOM   680 C CB  . THR   A 1 110 ? 17.678  -5.182  -1.724  1.00 40.04 ? 220 THR   A CB  1 
ATOM   681 O OG1 . THR   A 1 110 ? 16.663  -4.426  -2.386  1.00 37.33 ? 220 THR   A OG1 1 
ATOM   682 C CG2 . THR   A 1 110 ? 19.044  -4.468  -1.923  1.00 38.98 ? 220 THR   A CG2 1 
ATOM   683 N N   . VAL   A 1 111 ? 16.174  -7.717  -0.790  1.00 35.90 ? 221 VAL   A N   1 
ATOM   684 C CA  . VAL   A 1 111 ? 14.911  -8.280  -0.360  1.00 36.83 ? 221 VAL   A CA  1 
ATOM   685 C C   . VAL   A 1 111 ? 13.777  -7.264  -0.612  1.00 34.10 ? 221 VAL   A C   1 
ATOM   686 O O   . VAL   A 1 111 ? 12.724  -7.641  -1.083  1.00 34.64 ? 221 VAL   A O   1 
ATOM   687 C CB  . VAL   A 1 111 ? 14.944  -8.719  1.127   1.00 40.09 ? 221 VAL   A CB  1 
ATOM   688 C CG1 . VAL   A 1 111 ? 13.570  -9.197  1.596   1.00 42.15 ? 221 VAL   A CG1 1 
ATOM   689 C CG2 . VAL   A 1 111 ? 15.954  -9.843  1.343   1.00 41.45 ? 221 VAL   A CG2 1 
ATOM   690 N N   . TYR   A 1 112 ? 14.018  -5.981  -0.357  1.00 31.46 ? 222 TYR   A N   1 
ATOM   691 C CA  . TYR   A 1 112 ? 12.935  -4.981  -0.367  1.00 31.30 ? 222 TYR   A CA  1 
ATOM   692 C C   . TYR   A 1 112 ? 12.416  -4.727  -1.780  1.00 30.46 ? 222 TYR   A C   1 
ATOM   693 O O   . TYR   A 1 112 ? 11.207  -4.610  -1.988  1.00 32.39 ? 222 TYR   A O   1 
ATOM   694 C CB  . TYR   A 1 112 ? 13.390  -3.670  0.294   1.00 29.92 ? 222 TYR   A CB  1 
ATOM   695 C CG  . TYR   A 1 112 ? 14.112  -3.923  1.588   1.00 29.21 ? 222 TYR   A CG  1 
ATOM   696 C CD1 . TYR   A 1 112 ? 13.446  -4.510  2.643   1.00 29.31 ? 222 TYR   A CD1 1 
ATOM   697 C CD2 . TYR   A 1 112 ? 15.475  -3.630  1.744   1.00 29.56 ? 222 TYR   A CD2 1 
ATOM   698 C CE1 . TYR   A 1 112 ? 14.088  -4.777  3.835   1.00 28.77 ? 222 TYR   A CE1 1 
ATOM   699 C CE2 . TYR   A 1 112 ? 16.131  -3.908  2.940   1.00 30.05 ? 222 TYR   A CE2 1 
ATOM   700 C CZ  . TYR   A 1 112 ? 15.417  -4.492  3.971   1.00 28.72 ? 222 TYR   A CZ  1 
ATOM   701 O OH  . TYR   A 1 112 ? 15.985  -4.768  5.171   1.00 30.20 ? 222 TYR   A OH  1 
ATOM   702 N N   . TYR   A 1 113 ? 13.339  -4.660  -2.742  1.00 29.79 ? 223 TYR   A N   1 
ATOM   703 C CA  . TYR   A 1 113 ? 12.987  -4.512  -4.157  1.00 31.50 ? 223 TYR   A CA  1 
ATOM   704 C C   . TYR   A 1 113 ? 12.100  -5.663  -4.646  1.00 32.60 ? 223 TYR   A C   1 
ATOM   705 O O   . TYR   A 1 113 ? 11.085  -5.439  -5.308  1.00 30.99 ? 223 TYR   A O   1 
ATOM   706 C CB  . TYR   A 1 113 ? 14.251  -4.442  -5.001  1.00 30.30 ? 223 TYR   A CB  1 
ATOM   707 C CG  . TYR   A 1 113 ? 14.012  -4.260  -6.478  1.00 32.04 ? 223 TYR   A CG  1 
ATOM   708 C CD1 . TYR   A 1 113 ? 13.694  -5.349  -7.305  1.00 33.02 ? 223 TYR   A CD1 1 
ATOM   709 C CD2 . TYR   A 1 113 ? 14.166  -3.015  -7.065  1.00 32.34 ? 223 TYR   A CD2 1 
ATOM   710 C CE1 . TYR   A 1 113 ? 13.497  -5.173  -8.669  1.00 33.30 ? 223 TYR   A CE1 1 
ATOM   711 C CE2 . TYR   A 1 113 ? 13.992  -2.835  -8.418  1.00 33.72 ? 223 TYR   A CE2 1 
ATOM   712 C CZ  . TYR   A 1 113 ? 13.645  -3.916  -9.209  1.00 34.18 ? 223 TYR   A CZ  1 
ATOM   713 O OH  . TYR   A 1 113 ? 13.468  -3.714  -10.540 1.00 35.30 ? 223 TYR   A OH  1 
ATOM   714 N N   . LYS   A 1 114 ? 12.512  -6.881  -4.320  1.00 31.74 ? 224 LYS   A N   1 
ATOM   715 C CA  . LYS   A 1 114 ? 11.859  -8.088  -4.816  1.00 34.04 ? 224 LYS   A CA  1 
ATOM   716 C C   . LYS   A 1 114 ? 10.477  -8.263  -4.216  1.00 31.99 ? 224 LYS   A C   1 
ATOM   717 O O   . LYS   A 1 114 ? 9.525   -8.597  -4.917  1.00 29.14 ? 224 LYS   A O   1 
ATOM   718 C CB  . LYS   A 1 114 ? 12.718  -9.309  -4.499  1.00 37.27 ? 224 LYS   A CB  1 
ATOM   719 C CG  . LYS   A 1 114 ? 13.998  -9.326  -5.309  1.00 41.69 ? 224 LYS   A CG  1 
ATOM   720 C CD  . LYS   A 1 114 ? 14.948  -10.447 -4.899  1.00 47.24 ? 224 LYS   A CD  1 
ATOM   721 C CE  . LYS   A 1 114 ? 15.966  -10.699 -6.014  1.00 53.22 ? 224 LYS   A CE  1 
ATOM   722 N NZ  . LYS   A 1 114 ? 17.328  -10.964 -5.476  1.00 59.89 ? 224 LYS   A NZ  1 
ATOM   723 N N   . LEU   A 1 115 ? 10.374  -8.019  -2.916  1.00 31.23 ? 225 LEU   A N   1 
ATOM   724 C CA  . LEU   A 1 115 ? 9.088   -8.033  -2.258  1.00 30.58 ? 225 LEU   A CA  1 
ATOM   725 C C   . LEU   A 1 115 ? 8.173   -6.932  -2.790  1.00 29.01 ? 225 LEU   A C   1 
ATOM   726 O O   . LEU   A 1 115 ? 6.999   -7.190  -3.037  1.00 28.03 ? 225 LEU   A O   1 
ATOM   727 C CB  . LEU   A 1 115 ? 9.263   -7.886  -0.752  1.00 32.91 ? 225 LEU   A CB  1 
ATOM   728 C CG  . LEU   A 1 115 ? 8.003   -8.036  0.098   1.00 35.53 ? 225 LEU   A CG  1 
ATOM   729 C CD1 . LEU   A 1 115 ? 7.245   -9.307  -0.256  1.00 34.83 ? 225 LEU   A CD1 1 
ATOM   730 C CD2 . LEU   A 1 115 ? 8.369   -8.017  1.584   1.00 36.77 ? 225 LEU   A CD2 1 
ATOM   731 N N   . ALA   A 1 116 ? 8.700   -5.720  -2.993  1.00 28.36 ? 226 ALA   A N   1 
ATOM   732 C CA  . ALA   A 1 116 ? 7.880   -4.623  -3.555  1.00 28.78 ? 226 ALA   A CA  1 
ATOM   733 C C   . ALA   A 1 116 ? 7.255   -5.026  -4.884  1.00 30.10 ? 226 ALA   A C   1 
ATOM   734 O O   . ALA   A 1 116 ? 6.061   -4.781  -5.127  1.00 27.95 ? 226 ALA   A O   1 
ATOM   735 C CB  . ALA   A 1 116 ? 8.694   -3.351  -3.721  1.00 28.01 ? 226 ALA   A CB  1 
ATOM   736 N N   . LYS   A 1 117 ? 8.070   -5.659  -5.725  1.00 31.64 ? 227 LYS   A N   1 
ATOM   737 C CA  . LYS   A 1 117 ? 7.612   -6.204  -7.008  1.00 35.47 ? 227 LYS   A CA  1 
ATOM   738 C C   . LYS   A 1 117 ? 6.513   -7.286  -6.927  1.00 34.33 ? 227 LYS   A C   1 
ATOM   739 O O   . LYS   A 1 117 ? 5.542   -7.213  -7.673  1.00 31.56 ? 227 LYS   A O   1 
ATOM   740 C CB  . LYS   A 1 117 ? 8.787   -6.745  -7.816  1.00 39.05 ? 227 LYS   A CB  1 
ATOM   741 C CG  . LYS   A 1 117 ? 8.498   -6.657  -9.294  1.00 44.44 ? 227 LYS   A CG  1 
ATOM   742 C CD  . LYS   A 1 117 ? 9.567   -7.278  -10.170 1.00 49.07 ? 227 LYS   A CD  1 
ATOM   743 C CE  . LYS   A 1 117 ? 9.177   -7.069  -11.634 1.00 55.14 ? 227 LYS   A CE  1 
ATOM   744 N NZ  . LYS   A 1 117 ? 9.284   -8.310  -12.452 1.00 58.02 ? 227 LYS   A NZ  1 
ATOM   745 N N   . LYS   A 1 118 ? 6.660   -8.275  -6.047  1.00 35.61 ? 228 LYS   A N   1 
ATOM   746 C CA  . LYS   A 1 118 ? 5.588   -9.276  -5.835  1.00 37.70 ? 228 LYS   A CA  1 
ATOM   747 C C   . LYS   A 1 118 ? 4.337   -8.641  -5.271  1.00 34.93 ? 228 LYS   A C   1 
ATOM   748 O O   . LYS   A 1 118 ? 3.229   -8.937  -5.689  1.00 33.39 ? 228 LYS   A O   1 
ATOM   749 C CB  . LYS   A 1 118 ? 6.004   -10.370 -4.849  1.00 42.78 ? 228 LYS   A CB  1 
ATOM   750 C CG  . LYS   A 1 118 ? 7.116   -11.255 -5.347  1.00 48.96 ? 228 LYS   A CG  1 
ATOM   751 C CD  . LYS   A 1 118 ? 7.314   -12.454 -4.439  1.00 52.75 ? 228 LYS   A CD  1 
ATOM   752 C CE  . LYS   A 1 118 ? 8.687   -13.075 -4.661  1.00 58.80 ? 228 LYS   A CE  1 
ATOM   753 N NZ  . LYS   A 1 118 ? 9.769   -12.260 -4.023  1.00 62.34 ? 228 LYS   A NZ  1 
ATOM   754 N N   . ILE   A 1 119 ? 4.518   -7.787  -4.282  1.00 33.71 ? 229 ILE   A N   1 
ATOM   755 C CA  . ILE   A 1 119 ? 3.380   -7.173  -3.624  1.00 33.71 ? 229 ILE   A CA  1 
ATOM   756 C C   . ILE   A 1 119 ? 2.632   -6.297  -4.620  1.00 31.05 ? 229 ILE   A C   1 
ATOM   757 O O   . ILE   A 1 119 ? 1.412   -6.334  -4.659  1.00 27.82 ? 229 ILE   A O   1 
ATOM   758 C CB  . ILE   A 1 119 ? 3.811   -6.424  -2.346  1.00 35.64 ? 229 ILE   A CB  1 
ATOM   759 C CG1 . ILE   A 1 119 ? 4.003   -7.445  -1.236  1.00 39.19 ? 229 ILE   A CG1 1 
ATOM   760 C CG2 . ILE   A 1 119 ? 2.769   -5.415  -1.893  1.00 39.29 ? 229 ILE   A CG2 1 
ATOM   761 C CD1 . ILE   A 1 119 ? 4.653   -6.888  0.013   1.00 41.60 ? 229 ILE   A CD1 1 
ATOM   762 N N   . LEU   A 1 120 ? 3.363   -5.526  -5.421  1.00 30.71 ? 230 LEU   A N   1 
ATOM   763 C CA  . LEU   A 1 120 ? 2.735   -4.657  -6.434  1.00 33.76 ? 230 LEU   A CA  1 
ATOM   764 C C   . LEU   A 1 120 ? 1.842   -5.458  -7.386  1.00 35.68 ? 230 LEU   A C   1 
ATOM   765 O O   . LEU   A 1 120 ? 0.679   -5.114  -7.620  1.00 35.21 ? 230 LEU   A O   1 
ATOM   766 C CB  . LEU   A 1 120 ? 3.816   -3.907  -7.239  1.00 35.02 ? 230 LEU   A CB  1 
ATOM   767 C CG  . LEU   A 1 120 ? 3.371   -3.044  -8.428  1.00 37.52 ? 230 LEU   A CG  1 
ATOM   768 C CD1 . LEU   A 1 120 ? 2.285   -2.063  -8.025  1.00 39.21 ? 230 LEU   A CD1 1 
ATOM   769 C CD2 . LEU   A 1 120 ? 4.549   -2.293  -9.026  1.00 38.47 ? 230 LEU   A CD2 1 
ATOM   770 N N   . HIS   A 1 121 ? 2.408   -6.527  -7.933  1.00 37.64 ? 231 HIS   A N   1 
ATOM   771 C CA  . HIS   A 1 121 ? 1.688   -7.393  -8.861  1.00 38.44 ? 231 HIS   A CA  1 
ATOM   772 C C   . HIS   A 1 121 ? 0.501   -8.020  -8.136  1.00 33.24 ? 231 HIS   A C   1 
ATOM   773 O O   . HIS   A 1 121 ? -0.632  -7.952  -8.622  1.00 30.74 ? 231 HIS   A O   1 
ATOM   774 C CB  . HIS   A 1 121 ? 2.638   -8.444  -9.457  1.00 42.92 ? 231 HIS   A CB  1 
ATOM   775 C CG  . HIS   A 1 121 ? 1.944   -9.532  -10.219 1.00 52.40 ? 231 HIS   A CG  1 
ATOM   776 N ND1 . HIS   A 1 121 ? 1.403   -9.340  -11.475 1.00 56.82 ? 231 HIS   A ND1 1 
ATOM   777 C CD2 . HIS   A 1 121 ? 1.719   -10.834 -9.909  1.00 55.35 ? 231 HIS   A CD2 1 
ATOM   778 C CE1 . HIS   A 1 121 ? 0.871   -10.473 -11.901 1.00 57.51 ? 231 HIS   A CE1 1 
ATOM   779 N NE2 . HIS   A 1 121 ? 1.053   -11.395 -10.971 1.00 56.79 ? 231 HIS   A NE2 1 
ATOM   780 N N   . ALA   A 1 122 ? 0.730   -8.565  -6.945  1.00 30.17 ? 232 ALA   A N   1 
ATOM   781 C CA  . ALA   A 1 122 ? -0.368  -9.172  -6.187  1.00 30.81 ? 232 ALA   A CA  1 
ATOM   782 C C   . ALA   A 1 122 ? -1.519  -8.185  -5.921  1.00 30.59 ? 232 ALA   A C   1 
ATOM   783 O O   . ALA   A 1 122 ? -2.668  -8.529  -6.121  1.00 28.88 ? 232 ALA   A O   1 
ATOM   784 C CB  . ALA   A 1 122 ? 0.132   -9.776  -4.885  1.00 31.91 ? 232 ALA   A CB  1 
ATOM   785 N N   . GLY   A 1 123 ? -1.196  -6.961  -5.511  1.00 31.43 ? 233 GLY   A N   1 
ATOM   786 C CA  . GLY   A 1 123 ? -2.203  -5.974  -5.103  1.00 31.64 ? 233 GLY   A CA  1 
ATOM   787 C C   . GLY   A 1 123 ? -3.089  -5.467  -6.222  1.00 30.41 ? 233 GLY   A C   1 
ATOM   788 O O   . GLY   A 1 123 ? -4.319  -5.292  -6.039  1.00 30.50 ? 233 GLY   A O   1 
ATOM   789 N N   . PHE   A 1 124 ? -2.486  -5.241  -7.383  1.00 30.54 ? 234 PHE   A N   1 
ATOM   790 C CA  . PHE   A 1 124 ? -3.270  -4.890  -8.566  1.00 33.84 ? 234 PHE   A CA  1 
ATOM   791 C C   . PHE   A 1 124 ? -4.191  -6.034  -9.042  1.00 35.21 ? 234 PHE   A C   1 
ATOM   792 O O   . PHE   A 1 124 ? -5.282  -5.783  -9.530  1.00 34.56 ? 234 PHE   A O   1 
ATOM   793 C CB  . PHE   A 1 124 ? -2.378  -4.307  -9.665  1.00 36.22 ? 234 PHE   A CB  1 
ATOM   794 C CG  . PHE   A 1 124 ? -2.168  -2.825  -9.502  1.00 39.15 ? 234 PHE   A CG  1 
ATOM   795 C CD1 . PHE   A 1 124 ? -1.458  -2.330  -8.409  1.00 40.96 ? 234 PHE   A CD1 1 
ATOM   796 C CD2 . PHE   A 1 124 ? -2.758  -1.915  -10.375 1.00 42.31 ? 234 PHE   A CD2 1 
ATOM   797 C CE1 . PHE   A 1 124 ? -1.300  -0.959  -8.215  1.00 42.81 ? 234 PHE   A CE1 1 
ATOM   798 C CE2 . PHE   A 1 124 ? -2.594  -0.539  -10.200 1.00 43.75 ? 234 PHE   A CE2 1 
ATOM   799 C CZ  . PHE   A 1 124 ? -1.862  -0.061  -9.119  1.00 43.72 ? 234 PHE   A CZ  1 
ATOM   800 N N   . LYS   A 1 125 ? -3.803  -7.284  -8.826  1.00 36.30 ? 235 LYS   A N   1 
ATOM   801 C CA  . LYS   A 1 125 ? -4.733  -8.392  -9.074  1.00 39.30 ? 235 LYS   A CA  1 
ATOM   802 C C   . LYS   A 1 125 ? -5.863  -8.435  -8.042  1.00 36.34 ? 235 LYS   A C   1 
ATOM   803 O O   . LYS   A 1 125 ? -7.021  -8.512  -8.427  1.00 38.20 ? 235 LYS   A O   1 
ATOM   804 C CB  . LYS   A 1 125 ? -4.001  -9.737  -9.183  1.00 43.21 ? 235 LYS   A CB  1 
ATOM   805 C CG  . LYS   A 1 125 ? -3.208  -9.859  -10.484 1.00 48.79 ? 235 LYS   A CG  1 
ATOM   806 C CD  . LYS   A 1 125 ? -2.948  -11.300 -10.909 1.00 53.39 ? 235 LYS   A CD  1 
ATOM   807 C CE  . LYS   A 1 125 ? -2.269  -12.114 -9.806  1.00 56.45 ? 235 LYS   A CE  1 
ATOM   808 N NZ  . LYS   A 1 125 ? -1.680  -13.375 -10.337 1.00 58.56 ? 235 LYS   A NZ  1 
ATOM   809 N N   . MET   A 1 126 ? -5.532  -8.320  -6.758  1.00 32.92 ? 236 MET   A N   1 
ATOM   810 C CA  . MET   A 1 126 ? -6.539  -8.305  -5.679  1.00 34.36 ? 236 MET   A CA  1 
ATOM   811 C C   . MET   A 1 126 ? -7.545  -7.171  -5.833  1.00 32.24 ? 236 MET   A C   1 
ATOM   812 O O   . MET   A 1 126 ? -8.715  -7.304  -5.430  1.00 28.11 ? 236 MET   A O   1 
ATOM   813 C CB  . MET   A 1 126 ? -5.887  -8.112  -4.307  1.00 36.42 ? 236 MET   A CB  1 
ATOM   814 C CG  . MET   A 1 126 ? -4.999  -9.237  -3.805  1.00 41.29 ? 236 MET   A CG  1 
ATOM   815 S SD  . MET   A 1 126 ? -3.850  -8.803  -2.451  1.00 46.82 ? 236 MET   A SD  1 
ATOM   816 C CE  . MET   A 1 126 ? -4.785  -7.540  -1.624  1.00 43.97 ? 236 MET   A CE  1 
ATOM   817 N N   . MET   A 1 127 ? -7.071  -6.044  -6.363  1.00 31.97 ? 237 MET   A N   1 
ATOM   818 C CA  . MET   A 1 127 ? -7.893  -4.832  -6.487  1.00 33.94 ? 237 MET   A CA  1 
ATOM   819 C C   . MET   A 1 127 ? -8.270  -4.524  -7.943  1.00 33.52 ? 237 MET   A C   1 
ATOM   820 O O   . MET   A 1 127 ? -8.382  -3.371  -8.309  1.00 32.25 ? 237 MET   A O   1 
ATOM   821 C CB  . MET   A 1 127 ? -7.157  -3.633  -5.873  1.00 32.51 ? 237 MET   A CB  1 
ATOM   822 C CG  . MET   A 1 127 ? -6.819  -3.799  -4.396  1.00 33.06 ? 237 MET   A CG  1 
ATOM   823 S SD  . MET   A 1 127 ? -6.021  -2.340  -3.682  1.00 35.15 ? 237 MET   A SD  1 
ATOM   824 C CE  . MET   A 1 127 ? -4.362  -2.443  -4.351  1.00 33.33 ? 237 MET   A CE  1 
ATOM   825 N N   . SER   A 1 128 ? -8.486  -5.551  -8.764  1.00 33.97 ? 238 SER   A N   1 
ATOM   826 C CA  . SER   A 1 128 ? -8.889  -5.356  -10.171 1.00 34.05 ? 238 SER   A CA  1 
ATOM   827 C C   . SER   A 1 128 ? -10.312 -4.827  -10.215 1.00 35.80 ? 238 SER   A C   1 
ATOM   828 O O   . SER   A 1 128 ? -11.076 -4.992  -9.246  1.00 33.49 ? 238 SER   A O   1 
ATOM   829 C CB  . SER   A 1 128 ? -8.812  -6.669  -10.947 1.00 34.13 ? 238 SER   A CB  1 
ATOM   830 O OG  . SER   A 1 128 ? -9.781  -7.590  -10.463 1.00 34.07 ? 238 SER   A OG  1 
ATOM   831 N N   . LYS   A 1 129 ? -10.671 -4.207  -11.335 1.00 37.10 ? 239 LYS   A N   1 
ATOM   832 C CA  . LYS   A 1 129 ? -11.995 -3.594  -11.505 1.00 40.38 ? 239 LYS   A CA  1 
ATOM   833 C C   . LYS   A 1 129 ? -13.133 -4.576  -11.299 1.00 38.58 ? 239 LYS   A C   1 
ATOM   834 O O   . LYS   A 1 129 ? -14.111 -4.260  -10.643 1.00 36.11 ? 239 LYS   A O   1 
ATOM   835 C CB  . LYS   A 1 129 ? -12.125 -2.970  -12.898 1.00 47.28 ? 239 LYS   A CB  1 
ATOM   836 C CG  . LYS   A 1 129 ? -11.236 -1.751  -13.086 1.00 53.98 ? 239 LYS   A CG  1 
ATOM   837 C CD  . LYS   A 1 129 ? -10.690 -1.643  -14.502 1.00 60.10 ? 239 LYS   A CD  1 
ATOM   838 C CE  . LYS   A 1 129 ? -9.666  -0.525  -14.626 1.00 63.01 ? 239 LYS   A CE  1 
ATOM   839 N NZ  . LYS   A 1 129 ? -8.917  -0.687  -15.905 1.00 65.58 ? 239 LYS   A NZ  1 
ATOM   840 N N   . GLU   A 1 130 ? -12.982 -5.763  -11.870 1.00 38.02 ? 240 GLU   A N   1 
ATOM   841 C CA  . GLU   A 1 130 ? -13.966 -6.826  -11.743 1.00 38.52 ? 240 GLU   A CA  1 
ATOM   842 C C   . GLU   A 1 130 ? -14.151 -7.315  -10.285 1.00 35.98 ? 240 GLU   A C   1 
ATOM   843 O O   . GLU   A 1 130 ? -15.276 -7.503  -9.814  1.00 33.76 ? 240 GLU   A O   1 
ATOM   844 C CB  . GLU   A 1 130 ? -13.621 -7.987  -12.697 1.00 43.68 ? 240 GLU   A CB  1 
ATOM   845 C CG  . GLU   A 1 130 ? -12.192 -8.563  -12.608 1.00 50.33 ? 240 GLU   A CG  1 
ATOM   846 C CD  . GLU   A 1 130 ? -11.183 -8.022  -13.658 1.00 54.95 ? 240 GLU   A CD  1 
ATOM   847 O OE1 . GLU   A 1 130 ? -10.498 -8.864  -14.298 1.00 59.43 ? 240 GLU   A OE1 1 
ATOM   848 O OE2 . GLU   A 1 130 ? -11.046 -6.774  -13.844 1.00 49.57 ? 240 GLU   A OE2 1 
ATOM   849 N N   . ARG   A 1 131 ? -13.055 -7.482  -9.555  1.00 31.79 ? 241 ARG   A N   1 
ATOM   850 C CA  . ARG   A 1 131 ? -13.139 -7.938  -8.159  1.00 31.71 ? 241 ARG   A CA  1 
ATOM   851 C C   . ARG   A 1 131 ? -13.785 -6.861  -7.299  1.00 32.17 ? 241 ARG   A C   1 
ATOM   852 O O   . ARG   A 1 131 ? -14.628 -7.147  -6.451  1.00 30.93 ? 241 ARG   A O   1 
ATOM   853 C CB  . ARG   A 1 131 ? -11.762 -8.329  -7.634  1.00 30.57 ? 241 ARG   A CB  1 
ATOM   854 C CG  . ARG   A 1 131 ? -11.241 -9.593  -8.294  1.00 28.91 ? 241 ARG   A CG  1 
ATOM   855 C CD  . ARG   A 1 131 ? -9.864  -9.968  -7.787  1.00 28.94 ? 241 ARG   A CD  1 
ATOM   856 N NE  . ARG   A 1 131 ? -9.892  -10.072 -6.337  1.00 28.47 ? 241 ARG   A NE  1 
ATOM   857 C CZ  . ARG   A 1 131 ? -10.275 -11.142 -5.634  1.00 28.59 ? 241 ARG   A CZ  1 
ATOM   858 N NH1 . ARG   A 1 131 ? -10.639 -12.283 -6.228  1.00 27.06 ? 241 ARG   A NH1 1 
ATOM   859 N NH2 . ARG   A 1 131 ? -10.282 -11.069 -4.304  1.00 28.01 ? 241 ARG   A NH2 1 
ATOM   860 N N   . LEU   A 1 132 ? -13.428 -5.615  -7.582  1.00 35.23 ? 242 LEU   A N   1 
ATOM   861 C CA  . LEU   A 1 132 ? -14.001 -4.459  -6.920  1.00 38.28 ? 242 LEU   A CA  1 
ATOM   862 C C   . LEU   A 1 132 ? -15.499 -4.381  -7.246  1.00 40.32 ? 242 LEU   A C   1 
ATOM   863 O O   . LEU   A 1 132 ? -16.323 -4.164  -6.341  1.00 37.56 ? 242 LEU   A O   1 
ATOM   864 C CB  . LEU   A 1 132 ? -13.289 -3.169  -7.384  1.00 42.17 ? 242 LEU   A CB  1 
ATOM   865 C CG  . LEU   A 1 132 ? -13.088 -1.962  -6.458  1.00 44.47 ? 242 LEU   A CG  1 
ATOM   866 C CD1 . LEU   A 1 132 ? -13.343 -0.650  -7.197  1.00 46.03 ? 242 LEU   A CD1 1 
ATOM   867 C CD2 . LEU   A 1 132 ? -13.920 -2.005  -5.189  1.00 45.97 ? 242 LEU   A CD2 1 
ATOM   868 N N   . LEU   A 1 133 ? -15.856 -4.599  -8.514  1.00 38.87 ? 243 LEU   A N   1 
ATOM   869 C CA  . LEU   A 1 133 ? -17.274 -4.592  -8.905  1.00 42.62 ? 243 LEU   A CA  1 
ATOM   870 C C   . LEU   A 1 133 ? -18.069 -5.688  -8.188  1.00 42.59 ? 243 LEU   A C   1 
ATOM   871 O O   . LEU   A 1 133 ? -19.133 -5.418  -7.620  1.00 39.60 ? 243 LEU   A O   1 
ATOM   872 C CB  . LEU   A 1 133 ? -17.461 -4.665  -10.428 1.00 44.36 ? 243 LEU   A CB  1 
ATOM   873 C CG  . LEU   A 1 133 ? -17.721 -3.297  -11.099 1.00 52.15 ? 243 LEU   A CG  1 
ATOM   874 C CD1 . LEU   A 1 133 ? -16.632 -2.249  -10.832 1.00 53.97 ? 243 LEU   A CD1 1 
ATOM   875 C CD2 . LEU   A 1 133 ? -17.914 -3.455  -12.599 1.00 52.23 ? 243 LEU   A CD2 1 
ATOM   876 N N   . ALA   A 1 134 ? -17.541 -6.914  -8.180  1.00 40.30 ? 244 ALA   A N   1 
ATOM   877 C CA  . ALA   A 1 134 ? -18.225 -8.016  -7.492  1.00 38.43 ? 244 ALA   A CA  1 
ATOM   878 C C   . ALA   A 1 134 ? -18.461 -7.669  -6.029  1.00 37.83 ? 244 ALA   A C   1 
ATOM   879 O O   . ALA   A 1 134 ? -19.528 -7.944  -5.482  1.00 39.91 ? 244 ALA   A O   1 
ATOM   880 C CB  . ALA   A 1 134 ? -17.440 -9.304  -7.616  1.00 38.04 ? 244 ALA   A CB  1 
ATOM   881 N N   . LEU   A 1 135 ? -17.474 -7.031  -5.417  1.00 37.98 ? 245 LEU   A N   1 
ATOM   882 C CA  . LEU   A 1 135 ? -17.514 -6.723  -3.996  1.00 41.88 ? 245 LEU   A CA  1 
ATOM   883 C C   . LEU   A 1 135 ? -18.493 -5.580  -3.676  1.00 48.43 ? 245 LEU   A C   1 
ATOM   884 O O   . LEU   A 1 135 ? -19.257 -5.655  -2.699  1.00 45.41 ? 245 LEU   A O   1 
ATOM   885 C CB  . LEU   A 1 135 ? -16.105 -6.368  -3.522  1.00 43.28 ? 245 LEU   A CB  1 
ATOM   886 C CG  . LEU   A 1 135 ? -15.824 -6.436  -2.034  1.00 45.95 ? 245 LEU   A CG  1 
ATOM   887 C CD1 . LEU   A 1 135 ? -16.055 -7.843  -1.489  1.00 45.36 ? 245 LEU   A CD1 1 
ATOM   888 C CD2 . LEU   A 1 135 ? -14.393 -5.975  -1.784  1.00 47.15 ? 245 LEU   A CD2 1 
ATOM   889 N N   . LYS   A 1 136 ? -18.478 -4.525  -4.490  1.00 49.68 ? 246 LYS   A N   1 
ATOM   890 C CA  . LYS   A 1 136 ? -19.405 -3.411  -4.279  1.00 55.91 ? 246 LYS   A CA  1 
ATOM   891 C C   . LYS   A 1 136 ? -20.882 -3.820  -4.443  1.00 58.30 ? 246 LYS   A C   1 
ATOM   892 O O   . LYS   A 1 136 ? -21.721 -3.372  -3.656  1.00 62.20 ? 246 LYS   A O   1 
ATOM   893 C CB  . LYS   A 1 136 ? -19.043 -2.204  -5.150  1.00 58.40 ? 246 LYS   A CB  1 
ATOM   894 C CG  . LYS   A 1 136 ? -17.919 -1.363  -4.554  1.00 61.10 ? 246 LYS   A CG  1 
ATOM   895 C CD  . LYS   A 1 136 ? -17.130 -0.587  -5.605  1.00 65.56 ? 246 LYS   A CD  1 
ATOM   896 C CE  . LYS   A 1 136 ? -17.980 0.379   -6.422  1.00 68.53 ? 246 LYS   A CE  1 
ATOM   897 N NZ  . LYS   A 1 136 ? -18.774 1.310   -5.569  1.00 67.89 ? 246 LYS   A NZ  1 
ATOM   898 N N   . ARG   A 1 137 ? -21.185 -4.687  -5.414  1.00 56.64 ? 247 ARG   A N   1 
ATOM   899 C CA  . ARG   A 1 137 ? -22.534 -5.272  -5.555  1.00 57.06 ? 247 ARG   A CA  1 
ATOM   900 C C   . ARG   A 1 137 ? -23.051 -5.981  -4.288  1.00 57.82 ? 247 ARG   A C   1 
ATOM   901 O O   . ARG   A 1 137 ? -24.185 -5.760  -3.861  1.00 55.68 ? 247 ARG   A O   1 
ATOM   902 C CB  . ARG   A 1 137 ? -22.577 -6.266  -6.718  1.00 59.50 ? 247 ARG   A CB  1 
ATOM   903 C CG  . ARG   A 1 137 ? -22.543 -5.613  -8.087  1.00 63.52 ? 247 ARG   A CG  1 
ATOM   904 C CD  . ARG   A 1 137 ? -22.209 -6.624  -9.176  1.00 66.86 ? 247 ARG   A CD  1 
ATOM   905 N NE  . ARG   A 1 137 ? -22.705 -6.178  -10.477 1.00 70.88 ? 247 ARG   A NE  1 
ATOM   906 C CZ  . ARG   A 1 137 ? -22.150 -5.231  -11.237 1.00 69.12 ? 247 ARG   A CZ  1 
ATOM   907 N NH1 . ARG   A 1 137 ? -21.034 -4.601  -10.862 1.00 68.67 ? 247 ARG   A NH1 1 
ATOM   908 N NH2 . ARG   A 1 137 ? -22.718 -4.915  -12.401 1.00 67.24 ? 247 ARG   A NH2 1 
ATOM   909 N N   . SER   A 1 138 ? -22.218 -6.832  -3.698  1.00 58.24 ? 248 SER   A N   1 
ATOM   910 C CA  . SER   A 1 138 ? -22.599 -7.589  -2.500  1.00 57.53 ? 248 SER   A CA  1 
ATOM   911 C C   . SER   A 1 138 ? -22.733 -6.739  -1.225  1.00 60.15 ? 248 SER   A C   1 
ATOM   912 O O   . SER   A 1 138 ? -23.461 -7.129  -0.318  1.00 57.02 ? 248 SER   A O   1 
ATOM   913 C CB  . SER   A 1 138 ? -21.581 -8.704  -2.249  1.00 56.91 ? 248 SER   A CB  1 
ATOM   914 O OG  . SER   A 1 138 ? -20.283 -8.160  -2.055  1.00 54.35 ? 248 SER   A OG  1 
ATOM   915 N N   . MET   A 1 139 ? -22.027 -5.606  -1.150  1.00 65.73 ? 249 MET   A N   1 
ATOM   916 C CA  . MET   A 1 139 ? -22.034 -4.756  0.060   1.00 74.03 ? 249 MET   A CA  1 
ATOM   917 C C   . MET   A 1 139 ? -23.422 -4.182  0.329   1.00 73.30 ? 249 MET   A C   1 
ATOM   918 O O   . MET   A 1 139 ? -24.085 -4.614  1.270   1.00 78.32 ? 249 MET   A O   1 
ATOM   919 C CB  . MET   A 1 139 ? -20.996 -3.610  -0.008  1.00 79.27 ? 249 MET   A CB  1 
ATOM   920 C CG  . MET   A 1 139 ? -19.634 -3.889  0.631   1.00 83.56 ? 249 MET   A CG  1 
ATOM   921 S SD  . MET   A 1 139 ? -18.765 -2.366  1.126   1.00 91.56 ? 249 MET   A SD  1 
ATOM   922 C CE  . MET   A 1 139 ? -19.011 -1.335  -0.324  1.00 85.67 ? 249 MET   A CE  1 
ATOM   923 N N   . SER   A 1 140 ? -23.851 -3.216  -0.482  1.00 77.78 ? 250 SER   A N   1 
ATOM   924 C CA  . SER   A 1 140 ? -25.182 -2.618  -0.343  1.00 79.92 ? 250 SER   A CA  1 
ATOM   925 C C   . SER   A 1 140 ? -26.108 -3.266  -1.367  1.00 79.00 ? 250 SER   A C   1 
ATOM   926 O O   . SER   A 1 140 ? -27.324 -3.174  -1.255  1.00 82.70 ? 250 SER   A O   1 
ATOM   927 C CB  . SER   A 1 140 ? -25.136 -1.091  -0.527  1.00 79.55 ? 250 SER   A CB  1 
ATOM   928 O OG  . SER   A 1 140 ? -25.389 -0.711  -1.875  1.00 79.82 ? 250 SER   A OG  1 
HETATM 929 C CAL . A1EHA B 2 .   ? 10.697  -0.928  2.255   1.00 27.50 ? 301 A1EHA A CAL 1 
HETATM 930 C CAJ . A1EHA B 2 .   ? 12.176  -0.527  2.481   1.00 28.25 ? 301 A1EHA A CAJ 1 
HETATM 931 O OAK . A1EHA B 2 .   ? 12.683  0.227   1.642   1.00 29.70 ? 301 A1EHA A OAK 1 
HETATM 932 C CAG . A1EHA B 2 .   ? 12.794  -0.911  3.638   1.00 25.92 ? 301 A1EHA A CAG 1 
HETATM 933 C CAH . A1EHA B 2 .   ? 12.201  -1.457  4.713   1.00 26.22 ? 301 A1EHA A CAH 1 
HETATM 934 N NAE . A1EHA B 2 .   ? 14.109  -0.809  3.934   1.00 27.78 ? 301 A1EHA A NAE 1 
HETATM 935 C CAD . A1EHA B 2 .   ? 15.183  -0.290  3.137   1.00 25.68 ? 301 A1EHA A CAD 1 
HETATM 936 C CAC . A1EHA B 2 .   ? 16.466  -0.280  3.684   1.00 25.85 ? 301 A1EHA A CAC 1 
HETATM 937 C CAB . A1EHA B 2 .   ? 16.628  -0.792  4.979   1.00 26.17 ? 301 A1EHA A CAB 1 
HETATM 938 C CAA . A1EHA B 2 .   ? 15.548  -1.280  5.717   1.00 25.56 ? 301 A1EHA A CAA 1 
HETATM 939 C CAF . A1EHA B 2 .   ? 14.301  -1.294  5.194   1.00 25.51 ? 301 A1EHA A CAF 1 
HETATM 940 C CAI . A1EHA B 2 .   ? 13.105  -1.680  5.680   1.00 25.73 ? 301 A1EHA A CAI 1 
HETATM 941 C CAM . A1EHA B 2 .   ? 12.825  -2.256  6.909   1.00 25.70 ? 301 A1EHA A CAM 1 
HETATM 942 C CAR . A1EHA B 2 .   ? 13.632  -3.308  7.376   1.00 24.16 ? 301 A1EHA A CAR 1 
HETATM 943 C CAQ . A1EHA B 2 .   ? 13.388  -3.967  8.606   1.00 25.96 ? 301 A1EHA A CAQ 1 
HETATM 944 O OAV . A1EHA B 2 .   ? 14.176  -4.994  9.086   1.00 29.05 ? 301 A1EHA A OAV 1 
HETATM 945 C CAW . A1EHA B 2 .   ? 15.170  -5.588  8.236   1.00 29.62 ? 301 A1EHA A CAW 1 
HETATM 946 C CAP . A1EHA B 2 .   ? 12.321  -3.610  9.444   1.00 24.61 ? 301 A1EHA A CAP 1 
HETATM 947 C CAS . A1EHA B 2 .   ? 12.070  -4.287  10.698  1.00 25.76 ? 301 A1EHA A CAS 1 
HETATM 948 C CAT . A1EHA B 2 .   ? 11.024  -5.401  10.535  1.00 25.30 ? 301 A1EHA A CAT 1 
HETATM 949 O OAU . A1EHA B 2 .   ? 11.583  -3.414  11.731  1.00 28.44 ? 301 A1EHA A OAU 1 
HETATM 950 C CAO . A1EHA B 2 .   ? 11.501  -2.578  8.994   1.00 24.41 ? 301 A1EHA A CAO 1 
HETATM 951 C CAN . A1EHA B 2 .   ? 11.744  -1.921  7.775   1.00 24.99 ? 301 A1EHA A CAN 1 
HETATM 952 O OAX . A1EHA B 2 .   ? 10.890  -0.930  7.440   1.00 24.57 ? 301 A1EHA A OAX 1 
HETATM 953 C CAY . A1EHA B 2 .   ? 11.406  0.364   7.809   1.00 25.64 ? 301 A1EHA A CAY 1 
HETATM 954 O O   . HOH   C 3 .   ? 6.175   6.568   4.851   1.00 28.80 ? 401 HOH   A O   1 
HETATM 955 O O   . HOH   C 3 .   ? 8.226   -1.521  8.391   1.00 18.55 ? 402 HOH   A O   1 
HETATM 956 O O   . HOH   C 3 .   ? 7.259   1.715   2.670   1.00 24.92 ? 403 HOH   A O   1 
HETATM 957 O O   . HOH   C 3 .   ? 1.381   6.141   -7.264  1.00 33.99 ? 404 HOH   A O   1 
HETATM 958 O O   . HOH   C 3 .   ? 19.946  1.681   -2.546  1.00 32.56 ? 405 HOH   A O   1 
HETATM 959 O O   . HOH   C 3 .   ? -9.361  -8.426  -3.134  1.00 27.91 ? 406 HOH   A O   1 
HETATM 960 O O   . HOH   C 3 .   ? 3.071   4.719   9.688   1.00 36.70 ? 407 HOH   A O   1 
HETATM 961 O O   . HOH   C 3 .   ? 7.512   -9.687  4.853   1.00 40.86 ? 408 HOH   A O   1 
HETATM 962 O O   . HOH   C 3 .   ? 11.014  2.227   0.180   1.00 26.74 ? 409 HOH   A O   1 
HETATM 963 O O   . HOH   C 3 .   ? 4.250   5.974   -7.896  1.00 37.90 ? 410 HOH   A O   1 
HETATM 964 O O   . HOH   C 3 .   ? 8.102   4.967   0.862   1.00 29.11 ? 411 HOH   A O   1 
HETATM 965 O O   . HOH   C 3 .   ? 8.343   0.600   4.913   1.00 23.37 ? 412 HOH   A O   1 
HETATM 966 O O   . HOH   C 3 .   ? -12.509 11.619  2.621   1.00 28.54 ? 413 HOH   A O   1 
HETATM 967 O O   . HOH   C 3 .   ? -7.509  -9.942  -10.696 1.00 40.91 ? 414 HOH   A O   1 
HETATM 968 O O   . HOH   C 3 .   ? -12.032 7.649   3.545   1.00 39.72 ? 415 HOH   A O   1 
HETATM 969 O O   . HOH   C 3 .   ? 8.230   2.061   0.337   1.00 22.68 ? 416 HOH   A O   1 
HETATM 970 O O   . HOH   C 3 .   ? 11.435  -0.594  11.669  1.00 33.02 ? 417 HOH   A O   1 
HETATM 971 O O   . HOH   C 3 .   ? 19.597  -1.002  -2.137  1.00 32.75 ? 418 HOH   A O   1 
HETATM 972 O O   . HOH   C 3 .   ? -13.872 4.720   -5.185  1.00 38.33 ? 419 HOH   A O   1 
HETATM 973 O O   . HOH   C 3 .   ? 8.392   5.005   3.994   1.00 29.61 ? 420 HOH   A O   1 
HETATM 974 O O   . HOH   C 3 .   ? -12.172 4.857   -7.262  1.00 36.08 ? 421 HOH   A O   1 
# 
